data_5XH6
#
_entry.id   5XH6
#
_cell.length_a   81.162
_cell.length_b   133.676
_cell.length_c   199.633
_cell.angle_alpha   90.00
_cell.angle_beta   90.00
_cell.angle_gamma   90.00
#
_symmetry.space_group_name_H-M   'P 21 21 21'
#
loop_
_entity.id
_entity.type
_entity.pdbx_description
1 polymer 'CRISPR-associated endonuclease Cpf1'
2 polymer crRNA
3 polymer 'Target DNA strand'
4 polymer 'Non-target DNA strand'
5 non-polymer 'SODIUM ION'
6 non-polymer 'CHLORIDE ION'
7 non-polymer 1,2-ETHANEDIOL
8 water water
#
loop_
_entity_poly.entity_id
_entity_poly.type
_entity_poly.pdbx_seq_one_letter_code
_entity_poly.pdbx_strand_id
1 'polypeptide(L)'
;GSHMTQFEGFTNLYQVSKTLRFELIPQGKTLKHIQEQGFIEEDKARNDHYKELKPIIDRIYKTYADQCLQLVQLDWENLS
AAIDSYRKEKTEETRNALIEEQATYRNAIHDYFIGRTDNLTDAINKRHAEIYKGLFKAELFNGKVLKQLGTVTTTEHENA
LLRSFDKFTTYFSGFYENRKNVFSAEDISTAIPHRIVQDNFPKFKENCHIFTRLITAVPSLREHFENVKKAIGIFVSTSI
EEVFSFPFYNQLLTQTQIDLYNQLLGGISREAGTEKIKGLNEVLNLAIQKNDETAHIIASLPHRFIPLFKQILSDRNTLS
FILEEFKSDEEVIQSFCKYKTLLRNENVLETAEALFNELNSIDLTHIFISHKKLETISSALCDHWDTLRNALYERRISEL
TGKITKSAKEKVQRSLKHEDINLQEIISAAGKELSEAFKQKTSEILSHAHAALDQPLPTTLKKQEEKEILKSQLDSLLGL
YHLLDWFAVDESNEVDPEFSARLTGIKLEMEPSLSFYNKARNYATKKPYSVEKFKLNFQMPTLARGWDVNVEKNRGAILF
VKNGLYYLGIMPKQKGRYKALSFEPTEKTSEGFDKMYYDYFPDAAKMIPKCSTQLKAVTAHFQTHTTPILLSNNFIEPLE
ITKEIYDLNNPEKEPKKFQTAYAKKTGDQKGYREALCKWIDFTRDFLSKYTKTTSIDLSSLRPSSQYKDLGEYYAELNPL
LYHISFQRIAEKEIMDAVETGKLYLFQIYNKDFAKGHHGKPNLHTLYWTGLFSPENLAKTSIKLNGQAELFYRPKSRMKR
MAHRLGEKMLNKKLKDQKTPIPDTLYQELYDYVNHRLSHDLSDEARALLPNVITKEVSHEIIKDRRFTSDKFFFHVPITL
NYQAANSPSKFNQRVNAYLKEHPETPIIGIDRGERNLIYITVIDSTGKILEQRSLNTIQQFDYQKKLDNREKERVAARQA
WSVVGTIKDLKQGYLSQVIHEIVDLMIHYQAVVVLENLNFGFKSKRTGIAEKAVYQQFEKMLIDKLNCLVLKDYPAEKVG
GVLNPYQLTDQFTSFAKMGTQSGFLFYVPAPYTSKIDPLTGFVDPFVWKTIKNHESRKHFLEGFDFLHYDVKTGDFILHF
KMNRNLSFQRGLPGFMPAWDIVFEKNETQFDAKGTPFIAGKRIVPVIENHRFTGRYRDLYPANELIALLEEKGIVFRDGS
NILPKLLENDDSHAIDTMVALIRSVLQMRNSNAATGEDYINSPVRDLNGVCFDSRFQNPEWPMDADANGAYHIALKGQLL
LNHLKESKDLKLQNGISNQDWLAYIQELRN
;
A
2 'polyribonucleotide' AAUUUCUACUCUUGUAGAUGGAAAUUAGGUGCGCUUGGCAACC B
3 'polydeoxyribonucleotide'
;(DG)(DG)(DT)(DT)(DG)(DC)(DC)(DA)(DA)(DG)(DC)(DG)(DC)(DA)(DC)(DC)(DT)(DA)(DA)(DT)
(DT)(DT)(DC)(DC)(DT)(DA)(DT)(DA)(DG)(DG)(DA)(DC)(DT)(DG)
;
C
4 'polydeoxyribonucleotide' (DC)(DA)(DG)(DT)(DC)(DC)(DT)(DA)(DT)(DA) D
#
# COMPACT_ATOMS: atom_id res chain seq x y z
N MET A 4 14.42 -31.11 23.63
CA MET A 4 13.16 -30.59 23.10
C MET A 4 13.31 -29.13 22.68
N THR A 5 12.24 -28.56 22.10
CA THR A 5 12.33 -27.22 21.51
C THR A 5 12.64 -26.15 22.56
N GLN A 6 13.24 -25.06 22.09
CA GLN A 6 13.57 -23.89 22.91
C GLN A 6 13.31 -22.63 22.11
N PHE A 7 12.91 -21.56 22.80
CA PHE A 7 12.72 -20.29 22.12
C PHE A 7 13.99 -19.84 21.43
N GLU A 8 15.14 -20.04 22.08
CA GLU A 8 16.41 -19.67 21.49
C GLU A 8 16.79 -20.54 20.29
N GLY A 9 16.03 -21.60 20.00
CA GLY A 9 16.30 -22.38 18.82
C GLY A 9 15.88 -21.73 17.51
N PHE A 10 15.12 -20.64 17.56
CA PHE A 10 14.68 -19.96 16.33
C PHE A 10 15.75 -18.97 15.88
N THR A 11 16.81 -19.57 15.31
CA THR A 11 17.98 -18.86 14.83
C THR A 11 18.61 -19.71 13.74
N ASN A 12 19.31 -19.06 12.81
CA ASN A 12 20.05 -19.77 11.76
C ASN A 12 19.12 -20.69 10.97
N LEU A 13 17.98 -20.13 10.55
CA LEU A 13 16.99 -20.92 9.82
C LEU A 13 16.91 -20.58 8.35
N TYR A 14 17.24 -19.35 7.94
CA TYR A 14 17.36 -19.03 6.52
C TYR A 14 18.12 -17.72 6.34
N GLN A 15 18.84 -17.62 5.22
CA GLN A 15 19.64 -16.44 4.92
C GLN A 15 18.75 -15.23 4.67
N VAL A 16 19.23 -14.06 5.11
CA VAL A 16 18.50 -12.80 4.94
C VAL A 16 19.47 -11.76 4.38
N SER A 17 19.07 -11.12 3.28
CA SER A 17 19.89 -10.09 2.65
C SER A 17 19.41 -8.70 3.06
N LYS A 18 20.38 -7.81 3.33
CA LYS A 18 20.08 -6.40 3.63
C LYS A 18 21.13 -5.54 2.94
N THR A 19 20.76 -4.28 2.68
CA THR A 19 21.70 -3.29 2.18
C THR A 19 22.04 -2.31 3.29
N LEU A 20 23.33 -1.99 3.43
CA LEU A 20 23.80 -0.95 4.34
C LEU A 20 24.21 0.24 3.48
N ARG A 21 23.98 1.44 4.00
CA ARG A 21 24.30 2.67 3.29
C ARG A 21 25.24 3.49 4.15
N PHE A 22 26.27 4.06 3.51
CA PHE A 22 27.25 4.87 4.22
C PHE A 22 27.62 6.09 3.38
N GLU A 23 28.04 7.16 4.05
CA GLU A 23 28.72 8.22 3.32
C GLU A 23 30.17 7.80 3.05
N LEU A 24 30.71 8.31 1.94
CA LEU A 24 32.12 8.09 1.58
C LEU A 24 32.83 9.43 1.67
N ILE A 25 33.84 9.49 2.55
CA ILE A 25 34.59 10.73 2.77
C ILE A 25 35.93 10.60 2.04
N PRO A 26 36.14 11.35 0.94
CA PRO A 26 37.39 11.23 0.19
C PRO A 26 38.58 11.65 1.04
N GLN A 27 39.70 10.94 0.87
CA GLN A 27 40.89 11.12 1.68
C GLN A 27 42.03 11.72 0.86
N GLY A 28 42.71 12.71 1.43
CA GLY A 28 43.94 13.19 0.81
C GLY A 28 43.63 13.81 -0.54
N LYS A 29 44.43 13.47 -1.55
CA LYS A 29 44.26 14.05 -2.87
C LYS A 29 43.18 13.36 -3.70
N THR A 30 42.42 12.41 -3.11
CA THR A 30 41.41 11.67 -3.85
C THR A 30 40.42 12.59 -4.56
N LEU A 31 39.86 13.56 -3.85
CA LEU A 31 38.80 14.38 -4.47
C LEU A 31 39.37 15.26 -5.58
N LYS A 32 40.56 15.81 -5.37
CA LYS A 32 41.20 16.63 -6.41
C LYS A 32 41.38 15.82 -7.68
N HIS A 33 41.87 14.59 -7.55
CA HIS A 33 42.09 13.74 -8.72
C HIS A 33 40.78 13.40 -9.41
N ILE A 34 39.74 13.07 -8.64
CA ILE A 34 38.43 12.80 -9.23
C ILE A 34 37.93 14.01 -10.01
N GLN A 35 38.05 15.20 -9.42
CA GLN A 35 37.62 16.41 -10.11
C GLN A 35 38.44 16.65 -11.37
N GLU A 36 39.76 16.49 -11.29
CA GLU A 36 40.63 16.69 -12.44
C GLU A 36 40.28 15.73 -13.58
N GLN A 37 39.91 14.50 -13.26
CA GLN A 37 39.63 13.53 -14.31
C GLN A 37 38.22 13.68 -14.90
N GLY A 38 37.33 14.43 -14.26
CA GLY A 38 36.01 14.62 -14.82
C GLY A 38 35.07 13.44 -14.68
N PHE A 39 35.35 12.49 -13.79
CA PHE A 39 34.52 11.28 -13.69
C PHE A 39 33.09 11.60 -13.30
N ILE A 40 32.89 12.56 -12.40
CA ILE A 40 31.54 12.83 -11.91
C ILE A 40 30.66 13.37 -13.04
N GLU A 41 31.19 14.30 -13.83
CA GLU A 41 30.41 14.85 -14.94
C GLU A 41 30.11 13.79 -15.99
N GLU A 42 31.06 12.89 -16.27
CA GLU A 42 30.75 11.90 -17.29
C GLU A 42 29.80 10.81 -16.78
N ASP A 43 29.82 10.49 -15.49
CA ASP A 43 28.79 9.60 -14.95
C ASP A 43 27.41 10.26 -14.93
N LYS A 44 27.35 11.57 -14.66
CA LYS A 44 26.06 12.24 -14.78
C LYS A 44 25.56 12.18 -16.21
N ALA A 45 26.45 12.41 -17.18
CA ALA A 45 26.08 12.32 -18.58
C ALA A 45 25.63 10.90 -18.95
N ARG A 46 26.34 9.88 -18.46
CA ARG A 46 25.94 8.51 -18.80
CA ARG A 46 25.96 8.50 -18.77
C ARG A 46 24.56 8.18 -18.22
N ASN A 47 24.27 8.63 -16.99
CA ASN A 47 22.93 8.49 -16.43
C ASN A 47 21.90 9.23 -17.28
N ASP A 48 22.22 10.44 -17.72
CA ASP A 48 21.29 11.15 -18.58
C ASP A 48 21.07 10.42 -19.89
N HIS A 49 22.14 9.86 -20.46
CA HIS A 49 21.99 9.13 -21.71
C HIS A 49 21.13 7.88 -21.53
N TYR A 50 21.34 7.15 -20.43
CA TYR A 50 20.48 6.01 -20.11
C TYR A 50 19.01 6.43 -20.08
N LYS A 51 18.71 7.54 -19.38
CA LYS A 51 17.31 7.96 -19.23
C LYS A 51 16.70 8.30 -20.58
N GLU A 52 17.48 8.86 -21.49
CA GLU A 52 17.00 9.15 -22.84
C GLU A 52 16.85 7.89 -23.67
N LEU A 53 17.76 6.93 -23.49
CA LEU A 53 17.81 5.77 -24.37
C LEU A 53 16.79 4.71 -23.98
N LYS A 54 16.47 4.60 -22.68
CA LYS A 54 15.53 3.57 -22.23
C LYS A 54 14.18 3.63 -22.96
N PRO A 55 13.51 4.78 -23.10
CA PRO A 55 12.23 4.78 -23.85
C PRO A 55 12.38 4.42 -25.32
N ILE A 56 13.51 4.73 -25.94
CA ILE A 56 13.73 4.34 -27.33
C ILE A 56 13.83 2.81 -27.43
N ILE A 57 14.59 2.20 -26.53
CA ILE A 57 14.73 0.75 -26.53
C ILE A 57 13.41 0.07 -26.20
N ASP A 58 12.59 0.69 -25.35
CA ASP A 58 11.32 0.08 -24.97
C ASP A 58 10.36 -0.03 -26.16
N ARG A 59 10.55 0.77 -27.22
CA ARG A 59 9.76 0.61 -28.43
CA ARG A 59 9.73 0.60 -28.40
C ARG A 59 9.86 -0.80 -28.98
N ILE A 60 11.02 -1.42 -28.83
CA ILE A 60 11.22 -2.78 -29.34
C ILE A 60 10.37 -3.76 -28.56
N TYR A 61 10.46 -3.72 -27.23
CA TYR A 61 9.69 -4.63 -26.40
C TYR A 61 8.19 -4.43 -26.61
N LYS A 62 7.75 -3.18 -26.64
CA LYS A 62 6.31 -2.90 -26.74
C LYS A 62 5.78 -3.35 -28.09
N THR A 63 6.51 -3.08 -29.17
CA THR A 63 6.08 -3.52 -30.49
C THR A 63 6.03 -5.03 -30.57
N TYR A 64 7.07 -5.70 -30.09
CA TYR A 64 7.11 -7.16 -30.19
C TYR A 64 6.00 -7.80 -29.36
N ALA A 65 5.84 -7.38 -28.10
CA ALA A 65 4.78 -7.94 -27.27
C ALA A 65 3.42 -7.71 -27.90
N ASP A 66 3.20 -6.51 -28.45
CA ASP A 66 1.90 -6.20 -29.03
C ASP A 66 1.66 -7.01 -30.28
N GLN A 67 2.69 -7.24 -31.10
CA GLN A 67 2.52 -8.06 -32.29
C GLN A 67 2.19 -9.50 -31.91
N CYS A 68 2.87 -10.05 -30.90
CA CYS A 68 2.57 -11.41 -30.45
C CYS A 68 1.18 -11.51 -29.83
N LEU A 69 0.78 -10.54 -29.00
CA LEU A 69 -0.53 -10.62 -28.37
C LEU A 69 -1.66 -10.62 -29.39
N GLN A 70 -1.48 -9.90 -30.52
CA GLN A 70 -2.53 -9.85 -31.52
C GLN A 70 -2.82 -11.20 -32.13
N LEU A 71 -1.87 -12.14 -32.06
CA LEU A 71 -2.05 -13.48 -32.63
C LEU A 71 -2.69 -14.47 -31.65
N VAL A 72 -2.79 -14.13 -30.37
CA VAL A 72 -3.23 -15.09 -29.36
C VAL A 72 -4.70 -15.45 -29.58
N GLN A 73 -5.01 -16.73 -29.46
CA GLN A 73 -6.39 -17.22 -29.49
C GLN A 73 -6.43 -18.47 -28.63
N LEU A 74 -7.00 -18.35 -27.42
CA LEU A 74 -7.09 -19.47 -26.49
C LEU A 74 -8.55 -19.78 -26.19
N ASP A 75 -8.79 -21.01 -25.74
CA ASP A 75 -10.09 -21.38 -25.18
C ASP A 75 -10.02 -21.19 -23.66
N TRP A 76 -10.87 -20.31 -23.13
CA TRP A 76 -10.79 -19.91 -21.73
C TRP A 76 -11.69 -20.72 -20.81
N GLU A 77 -12.47 -21.66 -21.35
CA GLU A 77 -13.42 -22.41 -20.53
C GLU A 77 -12.74 -23.16 -19.38
N ASN A 78 -11.58 -23.79 -19.64
CA ASN A 78 -10.96 -24.59 -18.60
C ASN A 78 -10.51 -23.72 -17.42
N LEU A 79 -9.97 -22.53 -17.71
CA LEU A 79 -9.58 -21.63 -16.62
C LEU A 79 -10.79 -21.14 -15.85
N SER A 80 -11.86 -20.79 -16.56
CA SER A 80 -13.09 -20.37 -15.89
C SER A 80 -13.63 -21.47 -14.98
N ALA A 81 -13.62 -22.71 -15.46
CA ALA A 81 -14.09 -23.82 -14.63
C ALA A 81 -13.20 -24.02 -13.40
N ALA A 82 -11.88 -23.89 -13.55
CA ALA A 82 -11.00 -24.02 -12.39
C ALA A 82 -11.21 -22.90 -11.38
N ILE A 83 -11.51 -21.69 -11.86
CA ILE A 83 -11.87 -20.60 -10.96
C ILE A 83 -13.16 -20.94 -10.22
N ASP A 84 -14.20 -21.34 -10.97
CA ASP A 84 -15.49 -21.70 -10.36
C ASP A 84 -15.33 -22.80 -9.32
N SER A 85 -14.55 -23.84 -9.62
CA SER A 85 -14.44 -24.96 -8.70
C SER A 85 -13.75 -24.53 -7.41
N TYR A 86 -12.73 -23.68 -7.53
CA TYR A 86 -12.07 -23.19 -6.32
C TYR A 86 -13.02 -22.32 -5.50
N ARG A 87 -13.76 -21.43 -6.17
CA ARG A 87 -14.73 -20.60 -5.46
C ARG A 87 -15.81 -21.43 -4.76
N LYS A 88 -16.21 -22.55 -5.36
CA LYS A 88 -17.24 -23.38 -4.74
C LYS A 88 -16.68 -24.19 -3.57
N GLU A 89 -15.56 -24.90 -3.79
CA GLU A 89 -15.05 -25.83 -2.79
C GLU A 89 -14.14 -25.18 -1.75
N LYS A 90 -13.32 -24.22 -2.15
CA LYS A 90 -12.44 -23.49 -1.22
C LYS A 90 -11.52 -24.45 -0.45
N THR A 91 -10.97 -25.41 -1.16
CA THR A 91 -10.13 -26.45 -0.60
C THR A 91 -8.72 -26.32 -1.14
N GLU A 92 -7.78 -26.97 -0.45
CA GLU A 92 -6.41 -27.00 -0.94
C GLU A 92 -6.32 -27.66 -2.31
N GLU A 93 -7.08 -28.73 -2.52
CA GLU A 93 -7.05 -29.44 -3.79
C GLU A 93 -7.51 -28.55 -4.95
N THR A 94 -8.62 -27.82 -4.77
CA THR A 94 -9.09 -26.98 -5.88
C THR A 94 -8.24 -25.73 -6.03
N ARG A 95 -7.65 -25.24 -4.93
CA ARG A 95 -6.69 -24.15 -5.03
C ARG A 95 -5.47 -24.58 -5.84
N ASN A 96 -4.92 -25.77 -5.55
CA ASN A 96 -3.77 -26.26 -6.28
C ASN A 96 -4.11 -26.50 -7.76
N ALA A 97 -5.33 -26.97 -8.03
CA ALA A 97 -5.74 -27.18 -9.41
C ALA A 97 -5.80 -25.86 -10.19
N LEU A 98 -6.39 -24.83 -9.57
CA LEU A 98 -6.41 -23.51 -10.22
C LEU A 98 -5.00 -22.99 -10.44
N ILE A 99 -4.14 -23.11 -9.43
CA ILE A 99 -2.75 -22.67 -9.57
C ILE A 99 -2.09 -23.36 -10.76
N GLU A 100 -2.30 -24.68 -10.88
CA GLU A 100 -1.74 -25.40 -12.02
C GLU A 100 -2.35 -24.94 -13.34
N GLU A 101 -3.65 -24.68 -13.34
CA GLU A 101 -4.30 -24.21 -14.57
C GLU A 101 -3.79 -22.83 -14.96
N GLN A 102 -3.60 -21.94 -13.99
CA GLN A 102 -3.03 -20.64 -14.29
C GLN A 102 -1.64 -20.78 -14.92
N ALA A 103 -0.80 -21.67 -14.38
CA ALA A 103 0.51 -21.90 -14.99
C ALA A 103 0.37 -22.37 -16.44
N THR A 104 -0.57 -23.26 -16.72
CA THR A 104 -0.75 -23.72 -18.08
C THR A 104 -1.16 -22.58 -19.00
N TYR A 105 -2.05 -21.71 -18.53
CA TYR A 105 -2.49 -20.59 -19.37
C TYR A 105 -1.37 -19.56 -19.55
N ARG A 106 -0.61 -19.27 -18.48
CA ARG A 106 0.52 -18.37 -18.62
C ARG A 106 1.53 -18.92 -19.63
N ASN A 107 1.80 -20.23 -19.57
CA ASN A 107 2.74 -20.85 -20.51
C ASN A 107 2.22 -20.75 -21.94
N ALA A 108 0.91 -20.91 -22.13
CA ALA A 108 0.34 -20.85 -23.48
C ALA A 108 0.51 -19.45 -24.07
N ILE A 109 0.33 -18.41 -23.26
CA ILE A 109 0.66 -17.05 -23.72
C ILE A 109 2.14 -16.95 -24.05
N HIS A 110 2.99 -17.42 -23.11
CA HIS A 110 4.44 -17.34 -23.26
C HIS A 110 4.92 -18.00 -24.56
N ASP A 111 4.28 -19.09 -24.98
CA ASP A 111 4.69 -19.80 -26.20
C ASP A 111 4.59 -18.92 -27.44
N TYR A 112 3.76 -17.86 -27.41
CA TYR A 112 3.72 -16.93 -28.53
C TYR A 112 4.97 -16.06 -28.56
N PHE A 113 5.48 -15.68 -27.38
CA PHE A 113 6.70 -14.88 -27.31
C PHE A 113 7.92 -15.66 -27.81
N ILE A 114 8.03 -16.93 -27.42
CA ILE A 114 9.23 -17.70 -27.69
C ILE A 114 9.07 -18.61 -28.90
N GLY A 115 7.88 -18.64 -29.51
CA GLY A 115 7.73 -19.39 -30.74
C GLY A 115 7.65 -20.89 -30.54
N ARG A 116 6.83 -21.33 -29.59
CA ARG A 116 6.60 -22.75 -29.34
C ARG A 116 5.12 -23.04 -29.19
N THR A 117 4.28 -22.36 -29.95
CA THR A 117 2.83 -22.54 -29.89
C THR A 117 2.35 -23.28 -31.13
N ASP A 118 1.52 -24.31 -30.92
CA ASP A 118 0.93 -25.03 -32.04
C ASP A 118 0.02 -24.14 -32.88
N ASN A 119 -0.47 -23.04 -32.31
CA ASN A 119 -1.44 -22.18 -32.99
C ASN A 119 -0.82 -21.31 -34.09
N LEU A 120 0.51 -21.37 -34.27
CA LEU A 120 1.18 -20.65 -35.34
C LEU A 120 1.95 -21.63 -36.21
N THR A 121 2.33 -21.16 -37.40
CA THR A 121 3.09 -21.98 -38.32
C THR A 121 4.56 -22.12 -37.86
N ASP A 122 5.28 -23.01 -38.53
CA ASP A 122 6.69 -23.20 -38.18
C ASP A 122 7.52 -21.97 -38.53
N ALA A 123 7.22 -21.34 -39.68
CA ALA A 123 7.98 -20.16 -40.09
C ALA A 123 7.83 -19.03 -39.08
N ILE A 124 6.61 -18.78 -38.59
CA ILE A 124 6.39 -17.71 -37.64
C ILE A 124 7.03 -18.02 -36.30
N ASN A 125 6.84 -19.25 -35.82
CA ASN A 125 7.48 -19.67 -34.56
C ASN A 125 8.98 -19.48 -34.62
N LYS A 126 9.62 -19.84 -35.74
CA LYS A 126 11.06 -19.71 -35.83
C LYS A 126 11.50 -18.26 -35.79
N ARG A 127 10.73 -17.36 -36.43
CA ARG A 127 11.08 -15.95 -36.38
C ARG A 127 10.95 -15.40 -34.97
N HIS A 128 9.93 -15.83 -34.23
CA HIS A 128 9.76 -15.38 -32.86
C HIS A 128 10.89 -15.89 -31.96
N ALA A 129 11.34 -17.13 -32.19
CA ALA A 129 12.46 -17.67 -31.39
C ALA A 129 13.74 -16.87 -31.64
N GLU A 130 14.01 -16.54 -32.91
CA GLU A 130 15.20 -15.76 -33.23
C GLU A 130 15.13 -14.37 -32.60
N ILE A 131 13.94 -13.78 -32.55
CA ILE A 131 13.80 -12.46 -31.94
C ILE A 131 13.99 -12.55 -30.43
N TYR A 132 13.29 -13.48 -29.78
CA TYR A 132 13.33 -13.60 -28.33
C TYR A 132 14.73 -13.91 -27.82
N LYS A 133 15.50 -14.71 -28.57
CA LYS A 133 16.84 -15.08 -28.15
C LYS A 133 17.74 -13.87 -27.93
N GLY A 134 17.43 -12.73 -28.54
CA GLY A 134 18.28 -11.56 -28.45
C GLY A 134 17.64 -10.35 -27.80
N LEU A 135 16.52 -10.54 -27.11
CA LEU A 135 15.78 -9.42 -26.53
C LEU A 135 16.36 -8.92 -25.22
N PHE A 136 17.11 -9.76 -24.51
CA PHE A 136 17.54 -9.49 -23.15
C PHE A 136 19.05 -9.47 -23.03
N LYS A 137 19.72 -9.00 -24.08
CA LYS A 137 21.17 -8.83 -24.08
C LYS A 137 21.51 -7.73 -25.08
N ALA A 138 22.81 -7.52 -25.30
CA ALA A 138 23.26 -6.39 -26.10
C ALA A 138 22.82 -6.46 -27.57
N GLU A 139 22.38 -7.63 -28.06
CA GLU A 139 21.78 -7.71 -29.40
C GLU A 139 20.60 -6.76 -29.57
N LEU A 140 19.98 -6.33 -28.46
CA LEU A 140 18.96 -5.30 -28.52
C LEU A 140 19.41 -4.07 -29.30
N PHE A 141 20.70 -3.72 -29.20
CA PHE A 141 21.22 -2.47 -29.72
C PHE A 141 21.77 -2.56 -31.14
N ASN A 142 21.86 -3.75 -31.72
CA ASN A 142 22.43 -3.83 -33.07
C ASN A 142 21.48 -3.32 -34.13
N GLY A 143 20.20 -3.23 -33.83
CA GLY A 143 19.21 -2.82 -34.81
C GLY A 143 18.74 -3.93 -35.73
N LYS A 144 19.30 -5.14 -35.62
CA LYS A 144 18.80 -6.25 -36.40
C LYS A 144 17.34 -6.54 -36.08
N VAL A 145 17.02 -6.55 -34.78
CA VAL A 145 15.64 -6.73 -34.33
C VAL A 145 14.71 -5.65 -34.90
N LEU A 146 15.25 -4.49 -35.29
CA LEU A 146 14.43 -3.45 -35.89
C LEU A 146 13.90 -3.87 -37.26
N LYS A 147 14.62 -4.77 -37.95
CA LYS A 147 14.22 -5.14 -39.30
C LYS A 147 12.95 -6.01 -39.30
N GLN A 148 12.72 -6.80 -38.26
CA GLN A 148 11.58 -7.70 -38.21
C GLN A 148 10.35 -7.09 -37.53
N LEU A 149 10.48 -5.94 -36.88
CA LEU A 149 9.32 -5.32 -36.25
C LEU A 149 8.58 -4.37 -37.18
N GLY A 150 9.28 -3.76 -38.12
CA GLY A 150 8.66 -2.87 -39.07
C GLY A 150 9.71 -2.17 -39.90
N THR A 151 9.28 -1.12 -40.59
CA THR A 151 10.16 -0.32 -41.42
C THR A 151 10.92 0.75 -40.62
N VAL A 152 10.95 0.62 -39.29
CA VAL A 152 11.55 1.64 -38.45
C VAL A 152 13.06 1.55 -38.51
N THR A 153 13.70 2.68 -38.80
CA THR A 153 15.14 2.87 -38.64
C THR A 153 15.39 3.88 -37.53
N THR A 154 16.66 4.00 -37.13
CA THR A 154 17.05 4.89 -36.06
C THR A 154 17.53 6.22 -36.63
N THR A 155 17.17 7.31 -35.95
CA THR A 155 17.61 8.64 -36.35
C THR A 155 19.06 8.85 -35.97
N GLU A 156 19.63 9.97 -36.43
CA GLU A 156 21.03 10.26 -36.13
C GLU A 156 21.24 10.46 -34.64
N HIS A 157 20.30 11.13 -33.97
CA HIS A 157 20.43 11.35 -32.54
C HIS A 157 20.35 10.03 -31.77
N GLU A 158 19.46 9.13 -32.19
CA GLU A 158 19.39 7.81 -31.57
C GLU A 158 20.71 7.05 -31.71
N ASN A 159 21.33 7.14 -32.89
CA ASN A 159 22.62 6.48 -33.09
C ASN A 159 23.70 7.05 -32.18
N ALA A 160 23.63 8.33 -31.86
CA ALA A 160 24.62 8.92 -30.96
C ALA A 160 24.44 8.42 -29.53
N LEU A 161 23.19 8.28 -29.09
CA LEU A 161 22.92 7.72 -27.77
C LEU A 161 23.41 6.28 -27.67
N LEU A 162 23.09 5.46 -28.69
CA LEU A 162 23.56 4.09 -28.72
C LEU A 162 25.08 4.01 -28.67
N ARG A 163 25.76 4.83 -29.47
CA ARG A 163 27.21 4.80 -29.48
C ARG A 163 27.80 5.27 -28.15
N SER A 164 27.05 6.05 -27.36
CA SER A 164 27.54 6.49 -26.07
C SER A 164 27.62 5.34 -25.05
N PHE A 165 27.15 4.14 -25.42
CA PHE A 165 27.30 2.96 -24.57
C PHE A 165 28.18 1.89 -25.21
N ASP A 166 29.01 2.25 -26.19
CA ASP A 166 29.98 1.30 -26.73
C ASP A 166 30.90 0.81 -25.61
N LYS A 167 31.13 -0.50 -25.55
CA LYS A 167 31.92 -1.13 -24.51
C LYS A 167 31.35 -0.87 -23.12
N PHE A 168 30.06 -0.54 -23.05
CA PHE A 168 29.40 -0.19 -21.81
C PHE A 168 27.95 -0.66 -21.76
N THR A 169 27.56 -1.64 -22.58
CA THR A 169 26.16 -2.04 -22.60
C THR A 169 25.74 -2.76 -21.33
N THR A 170 26.69 -3.27 -20.54
CA THR A 170 26.32 -3.89 -19.28
C THR A 170 25.81 -2.89 -18.24
N TYR A 171 25.86 -1.59 -18.52
CA TYR A 171 25.08 -0.63 -17.74
C TYR A 171 23.60 -0.98 -17.75
N PHE A 172 23.15 -1.72 -18.76
CA PHE A 172 21.78 -2.21 -18.88
C PHE A 172 21.58 -3.61 -18.29
N SER A 173 22.58 -4.15 -17.57
CA SER A 173 22.46 -5.49 -16.98
C SER A 173 21.17 -5.64 -16.18
N GLY A 174 20.91 -4.71 -15.27
CA GLY A 174 19.68 -4.81 -14.48
C GLY A 174 18.44 -4.63 -15.33
N PHE A 175 18.49 -3.69 -16.28
CA PHE A 175 17.37 -3.47 -17.19
C PHE A 175 16.96 -4.75 -17.93
N TYR A 176 17.94 -5.57 -18.35
CA TYR A 176 17.59 -6.83 -18.99
C TYR A 176 16.72 -7.69 -18.08
N GLU A 177 17.06 -7.74 -16.78
CA GLU A 177 16.27 -8.50 -15.82
C GLU A 177 14.86 -7.91 -15.67
N ASN A 178 14.76 -6.58 -15.64
CA ASN A 178 13.44 -5.96 -15.53
C ASN A 178 12.56 -6.32 -16.70
N ARG A 179 13.16 -6.52 -17.88
CA ARG A 179 12.37 -6.85 -19.08
C ARG A 179 12.07 -8.34 -19.17
N LYS A 180 13.00 -9.20 -18.72
CA LYS A 180 12.65 -10.61 -18.53
C LYS A 180 11.44 -10.74 -17.61
N ASN A 181 11.35 -9.89 -16.58
CA ASN A 181 10.20 -9.90 -15.67
C ASN A 181 8.90 -9.52 -16.36
N VAL A 182 8.97 -8.90 -17.53
CA VAL A 182 7.76 -8.54 -18.28
C VAL A 182 7.27 -9.70 -19.12
N PHE A 183 8.18 -10.48 -19.70
CA PHE A 183 7.79 -11.54 -20.62
C PHE A 183 7.67 -12.91 -19.96
N SER A 184 8.17 -13.03 -18.73
CA SER A 184 8.26 -14.31 -18.04
C SER A 184 6.90 -15.01 -17.97
N ALA A 185 6.94 -16.33 -18.01
CA ALA A 185 5.74 -17.14 -17.80
C ALA A 185 5.48 -17.41 -16.34
N GLU A 186 6.36 -16.96 -15.44
CA GLU A 186 6.22 -17.26 -14.03
C GLU A 186 5.03 -16.51 -13.42
N ASP A 187 4.65 -16.94 -12.22
CA ASP A 187 3.53 -16.36 -11.48
C ASP A 187 4.00 -15.09 -10.77
N ILE A 188 4.27 -14.05 -11.56
CA ILE A 188 4.79 -12.79 -11.04
C ILE A 188 4.01 -11.61 -11.61
N SER A 189 3.76 -10.61 -10.77
CA SER A 189 2.90 -9.48 -11.13
C SER A 189 3.51 -8.56 -12.17
N THR A 190 4.82 -8.65 -12.40
CA THR A 190 5.44 -7.81 -13.42
C THR A 190 5.15 -8.28 -14.85
N ALA A 191 4.59 -9.47 -15.03
CA ALA A 191 4.62 -10.15 -16.32
C ALA A 191 3.28 -10.08 -17.06
N ILE A 192 3.39 -10.07 -18.38
CA ILE A 192 2.24 -10.00 -19.30
C ILE A 192 1.37 -11.26 -19.19
N PRO A 193 1.93 -12.48 -19.19
CA PRO A 193 1.04 -13.65 -19.02
C PRO A 193 0.24 -13.61 -17.72
N HIS A 194 0.89 -13.29 -16.60
CA HIS A 194 0.16 -13.12 -15.34
C HIS A 194 -0.92 -12.05 -15.46
N ARG A 195 -0.59 -10.92 -16.08
CA ARG A 195 -1.56 -9.84 -16.21
C ARG A 195 -2.80 -10.31 -16.97
N ILE A 196 -2.60 -11.11 -18.01
CA ILE A 196 -3.72 -11.59 -18.82
C ILE A 196 -4.53 -12.65 -18.07
N VAL A 197 -3.84 -13.55 -17.38
CA VAL A 197 -4.46 -14.78 -16.90
C VAL A 197 -5.08 -14.58 -15.53
N GLN A 198 -4.40 -13.83 -14.65
CA GLN A 198 -4.79 -13.77 -13.26
C GLN A 198 -5.36 -12.42 -12.84
N ASP A 199 -5.09 -11.35 -13.58
CA ASP A 199 -5.70 -10.06 -13.31
C ASP A 199 -6.93 -9.84 -14.19
N ASN A 200 -6.73 -9.80 -15.51
CA ASN A 200 -7.78 -9.31 -16.39
C ASN A 200 -8.83 -10.38 -16.71
N PHE A 201 -8.45 -11.64 -16.91
CA PHE A 201 -9.49 -12.62 -17.23
C PHE A 201 -10.51 -12.80 -16.11
N PRO A 202 -10.14 -12.88 -14.82
CA PRO A 202 -11.19 -12.92 -13.79
C PRO A 202 -12.11 -11.71 -13.82
N LYS A 203 -11.56 -10.52 -14.08
CA LYS A 203 -12.39 -9.33 -14.20
C LYS A 203 -13.33 -9.46 -15.39
N PHE A 204 -12.80 -9.86 -16.55
CA PHE A 204 -13.65 -10.01 -17.73
C PHE A 204 -14.71 -11.10 -17.51
N LYS A 205 -14.32 -12.21 -16.90
CA LYS A 205 -15.26 -13.29 -16.63
C LYS A 205 -16.39 -12.83 -15.70
N GLU A 206 -16.06 -12.04 -14.68
CA GLU A 206 -17.09 -11.52 -13.80
C GLU A 206 -18.02 -10.54 -14.53
N ASN A 207 -17.47 -9.70 -15.40
CA ASN A 207 -18.31 -8.80 -16.20
C ASN A 207 -19.30 -9.58 -17.06
N CYS A 208 -18.88 -10.72 -17.61
CA CYS A 208 -19.82 -11.55 -18.37
C CYS A 208 -20.97 -12.02 -17.50
N HIS A 209 -20.65 -12.47 -16.28
CA HIS A 209 -21.68 -12.90 -15.35
C HIS A 209 -22.57 -11.75 -14.94
N ILE A 210 -21.99 -10.57 -14.66
CA ILE A 210 -22.78 -9.39 -14.31
C ILE A 210 -23.75 -9.08 -15.43
N PHE A 211 -23.26 -9.07 -16.68
CA PHE A 211 -24.09 -8.76 -17.83
C PHE A 211 -25.24 -9.74 -17.97
N THR A 212 -24.96 -11.04 -17.82
CA THR A 212 -25.99 -12.05 -18.05
C THR A 212 -27.12 -11.93 -17.02
N ARG A 213 -26.76 -11.77 -15.74
CA ARG A 213 -27.79 -11.62 -14.72
C ARG A 213 -28.62 -10.37 -14.94
N LEU A 214 -27.98 -9.25 -15.33
CA LEU A 214 -28.72 -8.00 -15.50
C LEU A 214 -29.73 -8.10 -16.64
N ILE A 215 -29.31 -8.59 -17.80
CA ILE A 215 -30.24 -8.56 -18.94
C ILE A 215 -31.25 -9.69 -18.88
N THR A 216 -31.02 -10.73 -18.05
CA THR A 216 -32.06 -11.72 -17.81
C THR A 216 -33.18 -11.13 -16.96
N ALA A 217 -32.80 -10.42 -15.89
CA ALA A 217 -33.80 -9.82 -15.00
C ALA A 217 -34.49 -8.62 -15.64
N VAL A 218 -33.72 -7.77 -16.34
CA VAL A 218 -34.26 -6.57 -16.98
C VAL A 218 -33.86 -6.56 -18.45
N PRO A 219 -34.61 -7.20 -19.34
CA PRO A 219 -34.12 -7.37 -20.73
C PRO A 219 -33.94 -6.08 -21.49
N SER A 220 -34.66 -5.01 -21.12
CA SER A 220 -34.51 -3.74 -21.81
C SER A 220 -33.09 -3.19 -21.70
N LEU A 221 -32.35 -3.54 -20.64
CA LEU A 221 -30.96 -3.10 -20.52
C LEU A 221 -30.11 -3.55 -21.69
N ARG A 222 -30.47 -4.67 -22.34
CA ARG A 222 -29.72 -5.13 -23.50
C ARG A 222 -29.67 -4.04 -24.58
N GLU A 223 -30.83 -3.48 -24.91
CA GLU A 223 -30.88 -2.45 -25.94
C GLU A 223 -30.16 -1.19 -25.50
N HIS A 224 -30.34 -0.76 -24.25
CA HIS A 224 -29.61 0.38 -23.73
CA HIS A 224 -29.62 0.39 -23.77
C HIS A 224 -28.11 0.17 -23.88
N PHE A 225 -27.63 -1.02 -23.49
CA PHE A 225 -26.19 -1.30 -23.56
C PHE A 225 -25.69 -1.30 -25.00
N GLU A 226 -26.41 -1.98 -25.90
CA GLU A 226 -26.03 -1.98 -27.32
C GLU A 226 -25.98 -0.56 -27.86
N ASN A 227 -26.93 0.29 -27.44
CA ASN A 227 -26.95 1.67 -27.95
C ASN A 227 -25.80 2.50 -27.38
N VAL A 228 -25.35 2.22 -26.15
CA VAL A 228 -24.16 2.88 -25.64
C VAL A 228 -22.95 2.52 -26.51
N LYS A 229 -22.83 1.24 -26.87
CA LYS A 229 -21.72 0.80 -27.71
C LYS A 229 -21.78 1.48 -29.08
N LYS A 230 -22.97 1.55 -29.67
CA LYS A 230 -23.11 2.15 -30.99
C LYS A 230 -22.88 3.66 -30.94
N ALA A 231 -23.33 4.33 -29.88
CA ALA A 231 -23.13 5.77 -29.76
C ALA A 231 -21.65 6.12 -29.61
N ILE A 232 -20.92 5.34 -28.80
CA ILE A 232 -19.49 5.53 -28.66
C ILE A 232 -18.75 5.14 -29.94
N GLY A 233 -19.35 4.29 -30.77
CA GLY A 233 -18.73 3.90 -32.03
C GLY A 233 -17.54 2.97 -31.90
N ILE A 234 -17.59 2.01 -30.98
CA ILE A 234 -16.49 1.08 -30.81
C ILE A 234 -17.02 -0.34 -30.99
N PHE A 235 -16.10 -1.27 -31.24
CA PHE A 235 -16.43 -2.69 -31.42
C PHE A 235 -17.58 -2.87 -32.40
N VAL A 236 -17.48 -2.21 -33.56
CA VAL A 236 -18.65 -2.00 -34.39
C VAL A 236 -19.20 -3.31 -34.96
N SER A 237 -18.34 -4.28 -35.23
CA SER A 237 -18.80 -5.55 -35.80
C SER A 237 -18.88 -6.65 -34.74
N THR A 238 -19.06 -6.29 -33.47
CA THR A 238 -19.25 -7.22 -32.38
C THR A 238 -20.48 -6.78 -31.60
N SER A 239 -21.47 -7.67 -31.48
CA SER A 239 -22.66 -7.35 -30.70
C SER A 239 -22.32 -7.25 -29.21
N ILE A 240 -23.23 -6.63 -28.46
CA ILE A 240 -23.01 -6.47 -27.02
C ILE A 240 -22.90 -7.84 -26.35
N GLU A 241 -23.69 -8.82 -26.81
CA GLU A 241 -23.59 -10.16 -26.25
C GLU A 241 -22.21 -10.76 -26.47
N GLU A 242 -21.64 -10.56 -27.66
CA GLU A 242 -20.33 -11.12 -27.94
C GLU A 242 -19.23 -10.42 -27.13
N VAL A 243 -19.41 -9.13 -26.84
CA VAL A 243 -18.46 -8.41 -26.00
C VAL A 243 -18.42 -9.02 -24.61
N PHE A 244 -19.54 -9.59 -24.17
CA PHE A 244 -19.57 -10.24 -22.86
C PHE A 244 -19.60 -11.76 -23.02
N SER A 245 -18.75 -12.29 -23.91
CA SER A 245 -18.57 -13.72 -24.10
CA SER A 245 -18.57 -13.72 -24.07
C SER A 245 -17.09 -14.03 -24.14
N PHE A 246 -16.72 -15.21 -23.61
CA PHE A 246 -15.33 -15.60 -23.47
C PHE A 246 -14.49 -15.43 -24.73
N PRO A 247 -14.94 -15.79 -25.94
CA PRO A 247 -14.03 -15.68 -27.09
C PRO A 247 -13.57 -14.25 -27.37
N PHE A 248 -14.37 -13.24 -27.02
CA PHE A 248 -13.93 -11.86 -27.21
C PHE A 248 -12.72 -11.52 -26.34
N TYR A 249 -12.55 -12.19 -25.21
CA TYR A 249 -11.39 -11.87 -24.38
C TYR A 249 -10.08 -12.04 -25.15
N ASN A 250 -10.05 -12.90 -26.16
CA ASN A 250 -8.84 -12.99 -26.99
C ASN A 250 -8.56 -11.70 -27.74
N GLN A 251 -9.54 -10.80 -27.82
CA GLN A 251 -9.38 -9.49 -28.45
C GLN A 251 -9.18 -8.39 -27.42
N LEU A 252 -8.94 -8.73 -26.16
CA LEU A 252 -8.77 -7.74 -25.10
C LEU A 252 -7.40 -7.87 -24.43
N LEU A 253 -6.39 -8.25 -25.21
CA LEU A 253 -5.05 -8.48 -24.67
C LEU A 253 -4.08 -7.34 -24.94
N THR A 254 -4.35 -6.52 -25.96
CA THR A 254 -3.52 -5.37 -26.27
C THR A 254 -4.12 -4.12 -25.64
N GLN A 255 -3.25 -3.14 -25.37
CA GLN A 255 -3.67 -1.94 -24.66
C GLN A 255 -4.75 -1.18 -25.41
N THR A 256 -4.62 -1.05 -26.74
CA THR A 256 -5.61 -0.26 -27.46
C THR A 256 -7.00 -0.88 -27.32
N GLN A 257 -7.06 -2.22 -27.35
CA GLN A 257 -8.33 -2.91 -27.11
C GLN A 257 -8.78 -2.75 -25.67
N ILE A 258 -7.86 -2.83 -24.71
CA ILE A 258 -8.21 -2.62 -23.31
C ILE A 258 -8.76 -1.22 -23.10
N ASP A 259 -8.11 -0.21 -23.71
CA ASP A 259 -8.61 1.15 -23.59
C ASP A 259 -10.03 1.27 -24.14
N LEU A 260 -10.31 0.65 -25.27
CA LEU A 260 -11.66 0.77 -25.84
C LEU A 260 -12.70 0.10 -24.93
N TYR A 261 -12.38 -1.08 -24.42
CA TYR A 261 -13.29 -1.78 -23.53
C TYR A 261 -13.59 -0.95 -22.29
N ASN A 262 -12.54 -0.38 -21.67
CA ASN A 262 -12.74 0.44 -20.47
C ASN A 262 -13.55 1.70 -20.78
N GLN A 263 -13.48 2.22 -22.00
CA GLN A 263 -14.32 3.37 -22.32
C GLN A 263 -15.73 2.97 -22.70
N LEU A 264 -15.96 1.72 -23.12
CA LEU A 264 -17.33 1.21 -23.16
C LEU A 264 -17.95 1.27 -21.77
N LEU A 265 -17.18 0.89 -20.77
CA LEU A 265 -17.62 0.91 -19.37
C LEU A 265 -17.72 2.33 -18.83
N GLY A 266 -16.74 3.18 -19.15
CA GLY A 266 -16.59 4.45 -18.46
C GLY A 266 -17.03 5.70 -19.21
N GLY A 267 -17.20 5.59 -20.54
CA GLY A 267 -17.62 6.74 -21.32
C GLY A 267 -16.45 7.63 -21.70
N ILE A 268 -16.81 8.76 -22.33
CA ILE A 268 -15.86 9.68 -22.97
C ILE A 268 -16.28 11.12 -22.67
N SER A 269 -15.32 11.94 -22.24
CA SER A 269 -15.56 13.35 -21.95
C SER A 269 -15.02 14.19 -23.09
N ARG A 270 -15.70 15.30 -23.35
CA ARG A 270 -15.08 16.31 -24.20
C ARG A 270 -14.55 17.44 -23.33
N GLU A 271 -14.56 18.67 -23.87
CA GLU A 271 -14.07 19.82 -23.12
C GLU A 271 -14.89 20.01 -21.85
N ALA A 272 -14.23 20.58 -20.84
CA ALA A 272 -14.91 20.90 -19.59
C ALA A 272 -16.10 21.84 -19.85
N GLY A 273 -17.24 21.53 -19.25
CA GLY A 273 -18.44 22.32 -19.39
C GLY A 273 -19.40 21.86 -20.47
N THR A 274 -19.08 20.75 -21.16
CA THR A 274 -19.94 20.16 -22.17
C THR A 274 -20.31 18.75 -21.74
N GLU A 275 -21.39 18.23 -22.32
CA GLU A 275 -21.96 16.98 -21.83
C GLU A 275 -21.03 15.80 -22.10
N LYS A 276 -20.83 14.97 -21.08
CA LYS A 276 -20.02 13.77 -21.22
C LYS A 276 -20.83 12.64 -21.85
N ILE A 277 -20.19 11.86 -22.71
CA ILE A 277 -20.76 10.64 -23.27
C ILE A 277 -20.74 9.54 -22.22
N LYS A 278 -21.90 8.96 -21.94
CA LYS A 278 -22.04 7.99 -20.86
C LYS A 278 -21.57 6.59 -21.28
N GLY A 279 -20.98 5.86 -20.33
CA GLY A 279 -20.68 4.46 -20.50
C GLY A 279 -21.67 3.57 -19.76
N LEU A 280 -21.40 2.26 -19.80
CA LEU A 280 -22.35 1.30 -19.23
C LEU A 280 -22.58 1.55 -17.76
N ASN A 281 -21.52 1.86 -17.00
CA ASN A 281 -21.67 2.01 -15.57
C ASN A 281 -22.50 3.23 -15.20
N GLU A 282 -22.34 4.33 -15.96
CA GLU A 282 -23.19 5.51 -15.73
C GLU A 282 -24.65 5.22 -16.05
N VAL A 283 -24.90 4.50 -17.15
CA VAL A 283 -26.28 4.13 -17.46
C VAL A 283 -26.90 3.32 -16.32
N LEU A 284 -26.17 2.33 -15.81
CA LEU A 284 -26.69 1.57 -14.68
C LEU A 284 -26.91 2.47 -13.47
N ASN A 285 -25.96 3.37 -13.17
CA ASN A 285 -26.12 4.27 -12.03
C ASN A 285 -27.36 5.14 -12.18
N LEU A 286 -27.53 5.78 -13.35
CA LEU A 286 -28.71 6.62 -13.57
C LEU A 286 -29.99 5.81 -13.42
N ALA A 287 -30.01 4.58 -13.95
CA ALA A 287 -31.20 3.74 -13.82
C ALA A 287 -31.54 3.47 -12.35
N ILE A 288 -30.51 3.26 -11.52
CA ILE A 288 -30.74 3.01 -10.10
C ILE A 288 -31.26 4.28 -9.42
N GLN A 289 -30.77 5.43 -9.85
CA GLN A 289 -31.17 6.67 -9.19
C GLN A 289 -32.58 7.13 -9.56
N LYS A 290 -33.26 6.45 -10.49
CA LYS A 290 -34.67 6.77 -10.73
C LYS A 290 -35.57 6.35 -9.57
N ASN A 291 -35.12 5.40 -8.75
CA ASN A 291 -35.85 5.01 -7.53
C ASN A 291 -37.24 4.47 -7.83
N ASP A 292 -37.45 3.90 -9.01
CA ASP A 292 -38.71 3.23 -9.34
C ASP A 292 -38.56 1.73 -9.09
N GLU A 293 -39.53 0.96 -9.56
CA GLU A 293 -39.51 -0.48 -9.28
C GLU A 293 -38.35 -1.16 -9.98
N THR A 294 -38.08 -0.79 -11.24
CA THR A 294 -36.93 -1.33 -11.95
C THR A 294 -35.63 -1.00 -11.24
N ALA A 295 -35.50 0.24 -10.75
CA ALA A 295 -34.30 0.66 -10.03
C ALA A 295 -33.99 -0.28 -8.87
N HIS A 296 -35.01 -0.66 -8.10
CA HIS A 296 -34.75 -1.54 -6.95
C HIS A 296 -34.29 -2.91 -7.43
N ILE A 297 -34.81 -3.38 -8.57
CA ILE A 297 -34.39 -4.68 -9.10
C ILE A 297 -32.94 -4.62 -9.56
N ILE A 298 -32.60 -3.61 -10.36
CA ILE A 298 -31.22 -3.42 -10.80
C ILE A 298 -30.28 -3.30 -9.60
N ALA A 299 -30.67 -2.51 -8.59
CA ALA A 299 -29.79 -2.29 -7.44
C ALA A 299 -29.59 -3.57 -6.63
N SER A 300 -30.53 -4.51 -6.69
CA SER A 300 -30.36 -5.77 -5.98
C SER A 300 -29.39 -6.72 -6.67
N LEU A 301 -29.00 -6.44 -7.90
CA LEU A 301 -28.03 -7.26 -8.61
C LEU A 301 -26.69 -6.57 -8.68
N PRO A 302 -25.59 -7.31 -8.88
CA PRO A 302 -24.32 -6.64 -9.20
C PRO A 302 -24.54 -5.73 -10.39
N HIS A 303 -24.18 -4.45 -10.23
CA HIS A 303 -24.61 -3.47 -11.22
C HIS A 303 -23.49 -2.51 -11.57
N ARG A 304 -22.25 -2.98 -11.57
CA ARG A 304 -21.12 -2.13 -11.94
C ARG A 304 -20.07 -3.02 -12.58
N PHE A 305 -19.71 -2.73 -13.82
CA PHE A 305 -18.73 -3.53 -14.53
C PHE A 305 -17.32 -3.13 -14.10
N ILE A 306 -16.39 -4.08 -14.20
CA ILE A 306 -15.04 -3.91 -13.67
C ILE A 306 -14.10 -3.60 -14.82
N PRO A 307 -13.39 -2.47 -14.79
CA PRO A 307 -12.42 -2.18 -15.86
C PRO A 307 -11.19 -3.06 -15.76
N LEU A 308 -10.61 -3.36 -16.92
CA LEU A 308 -9.41 -4.18 -17.00
C LEU A 308 -8.18 -3.35 -16.64
N PHE A 309 -7.18 -4.00 -16.05
CA PHE A 309 -5.90 -3.36 -15.80
C PHE A 309 -5.17 -3.14 -17.13
N LYS A 310 -4.17 -2.24 -17.13
CA LYS A 310 -3.41 -2.01 -18.35
C LYS A 310 -2.52 -3.20 -18.68
N GLN A 311 -2.13 -3.30 -19.95
CA GLN A 311 -1.12 -4.27 -20.34
C GLN A 311 0.25 -3.74 -19.95
N ILE A 312 1.14 -4.64 -19.51
CA ILE A 312 2.45 -4.23 -19.01
C ILE A 312 3.21 -3.48 -20.10
N LEU A 313 3.79 -2.33 -19.74
CA LEU A 313 4.69 -1.53 -20.57
C LEU A 313 3.96 -0.64 -21.56
N SER A 314 2.69 -0.92 -21.81
CA SER A 314 2.02 -0.23 -22.90
CA SER A 314 1.95 -0.25 -22.87
C SER A 314 1.71 1.22 -22.52
N ASP A 315 1.57 2.04 -23.56
CA ASP A 315 1.17 3.42 -23.41
C ASP A 315 -0.35 3.49 -23.41
N ARG A 316 -0.90 4.22 -22.46
CA ARG A 316 -2.35 4.42 -22.41
C ARG A 316 -2.76 5.48 -23.42
N ASN A 317 -3.93 5.26 -24.04
CA ASN A 317 -4.53 6.25 -24.90
C ASN A 317 -5.99 6.41 -24.51
N THR A 318 -6.55 7.58 -24.79
CA THR A 318 -7.92 7.89 -24.43
C THR A 318 -8.62 8.58 -25.60
N LEU A 319 -9.93 8.38 -25.70
CA LEU A 319 -10.75 9.12 -26.64
C LEU A 319 -11.26 10.44 -26.06
N SER A 320 -11.05 10.67 -24.77
CA SER A 320 -11.51 11.89 -24.11
C SER A 320 -10.63 13.08 -24.48
N PHE A 321 -11.20 14.28 -24.33
CA PHE A 321 -10.52 15.52 -24.67
C PHE A 321 -9.38 15.79 -23.69
N ILE A 322 -8.21 16.16 -24.23
CA ILE A 322 -7.02 16.48 -23.44
C ILE A 322 -6.65 17.93 -23.70
N LEU A 323 -6.60 18.73 -22.63
CA LEU A 323 -6.20 20.12 -22.73
C LEU A 323 -4.76 20.24 -23.20
N GLU A 324 -4.49 21.28 -23.96
CA GLU A 324 -3.11 21.72 -24.18
C GLU A 324 -2.52 22.20 -22.86
N GLU A 325 -1.20 22.18 -22.78
CA GLU A 325 -0.52 22.52 -21.53
C GLU A 325 0.35 23.75 -21.71
N PHE A 326 0.32 24.62 -20.70
CA PHE A 326 1.30 25.68 -20.63
C PHE A 326 2.69 25.09 -20.39
N LYS A 327 3.71 25.78 -20.90
CA LYS A 327 5.07 25.27 -20.80
C LYS A 327 6.00 26.12 -19.95
N SER A 328 5.60 27.32 -19.54
CA SER A 328 6.52 28.17 -18.79
C SER A 328 5.73 29.21 -17.99
N ASP A 329 6.42 29.81 -17.01
CA ASP A 329 5.85 30.91 -16.25
C ASP A 329 5.36 32.02 -17.16
N GLU A 330 6.16 32.36 -18.17
CA GLU A 330 5.83 33.51 -19.01
C GLU A 330 4.66 33.19 -19.93
N GLU A 331 4.53 31.95 -20.37
CA GLU A 331 3.36 31.56 -21.16
C GLU A 331 2.07 31.77 -20.34
N VAL A 332 2.05 31.30 -19.09
CA VAL A 332 0.86 31.44 -18.26
C VAL A 332 0.55 32.91 -18.01
N ILE A 333 1.54 33.65 -17.52
CA ILE A 333 1.30 35.03 -17.09
C ILE A 333 0.90 35.89 -18.27
N GLN A 334 1.64 35.82 -19.38
CA GLN A 334 1.34 36.69 -20.52
C GLN A 334 0.03 36.32 -21.18
N SER A 335 -0.25 35.02 -21.33
CA SER A 335 -1.52 34.58 -21.88
C SER A 335 -2.68 35.06 -21.02
N PHE A 336 -2.58 34.86 -19.71
CA PHE A 336 -3.64 35.33 -18.81
C PHE A 336 -3.76 36.84 -18.84
N CYS A 337 -2.61 37.55 -18.90
CA CYS A 337 -2.65 38.99 -18.90
C CYS A 337 -3.32 39.52 -20.16
N LYS A 338 -3.08 38.88 -21.30
CA LYS A 338 -3.80 39.25 -22.52
C LYS A 338 -5.30 39.00 -22.35
N TYR A 339 -5.66 37.91 -21.69
CA TYR A 339 -7.09 37.64 -21.47
C TYR A 339 -7.73 38.68 -20.57
N LYS A 340 -7.05 39.03 -19.47
CA LYS A 340 -7.58 40.05 -18.56
C LYS A 340 -7.83 41.37 -19.28
N THR A 341 -6.92 41.75 -20.19
CA THR A 341 -7.09 43.00 -20.91
C THR A 341 -8.29 42.95 -21.85
N LEU A 342 -8.45 41.83 -22.55
CA LEU A 342 -9.64 41.63 -23.37
C LEU A 342 -10.93 41.83 -22.57
N LEU A 343 -11.00 41.22 -21.38
CA LEU A 343 -12.18 41.37 -20.54
C LEU A 343 -12.42 42.83 -20.17
N ARG A 344 -11.35 43.56 -19.87
CA ARG A 344 -11.50 44.99 -19.60
C ARG A 344 -11.98 45.74 -20.84
N ASN A 345 -11.35 45.45 -21.99
CA ASN A 345 -11.72 46.13 -23.23
C ASN A 345 -13.16 45.79 -23.63
N GLU A 346 -13.56 44.53 -23.46
CA GLU A 346 -14.90 44.10 -23.82
C GLU A 346 -15.97 44.61 -22.88
N ASN A 347 -15.60 45.32 -21.81
CA ASN A 347 -16.54 45.82 -20.81
C ASN A 347 -17.42 44.71 -20.26
N VAL A 348 -16.83 43.55 -19.99
CA VAL A 348 -17.63 42.43 -19.47
C VAL A 348 -18.11 42.73 -18.06
N LEU A 349 -17.23 43.28 -17.23
CA LEU A 349 -17.58 43.59 -15.85
C LEU A 349 -18.69 44.64 -15.78
N GLU A 350 -18.55 45.71 -16.57
CA GLU A 350 -19.57 46.75 -16.58
C GLU A 350 -20.91 46.21 -17.02
N THR A 351 -20.93 45.36 -18.05
CA THR A 351 -22.18 44.77 -18.52
C THR A 351 -22.79 43.86 -17.46
N ALA A 352 -21.98 43.02 -16.82
CA ALA A 352 -22.51 42.15 -15.77
C ALA A 352 -23.18 42.97 -14.67
N GLU A 353 -22.51 44.02 -14.19
CA GLU A 353 -23.09 44.85 -13.15
C GLU A 353 -24.40 45.49 -13.63
N ALA A 354 -24.43 45.96 -14.88
CA ALA A 354 -25.65 46.54 -15.42
C ALA A 354 -26.78 45.51 -15.48
N LEU A 355 -26.47 44.29 -15.92
CA LEU A 355 -27.48 43.23 -15.96
C LEU A 355 -28.04 42.95 -14.57
N PHE A 356 -27.16 42.71 -13.59
CA PHE A 356 -27.66 42.38 -12.27
C PHE A 356 -28.38 43.56 -11.64
N ASN A 357 -27.98 44.79 -11.96
CA ASN A 357 -28.71 45.93 -11.46
C ASN A 357 -30.10 46.02 -12.08
N GLU A 358 -30.27 45.55 -13.32
CA GLU A 358 -31.59 45.53 -13.95
C GLU A 358 -32.58 44.70 -13.17
N LEU A 359 -32.10 43.68 -12.46
CA LEU A 359 -33.00 42.79 -11.75
C LEU A 359 -33.77 43.48 -10.63
N ASN A 360 -33.42 44.72 -10.28
CA ASN A 360 -34.17 45.43 -9.26
C ASN A 360 -35.46 46.03 -9.78
N SER A 361 -35.65 46.11 -11.10
CA SER A 361 -36.78 46.82 -11.65
C SER A 361 -37.40 46.20 -12.91
N ILE A 362 -36.95 45.06 -13.39
CA ILE A 362 -37.55 44.43 -14.56
C ILE A 362 -38.44 43.28 -14.12
N ASP A 363 -39.22 42.75 -15.08
CA ASP A 363 -40.18 41.68 -14.80
C ASP A 363 -39.42 40.38 -14.56
N LEU A 364 -39.38 39.94 -13.29
CA LEU A 364 -38.62 38.75 -12.95
C LEU A 364 -39.33 37.45 -13.29
N THR A 365 -40.60 37.49 -13.75
CA THR A 365 -41.21 36.25 -14.22
C THR A 365 -40.61 35.75 -15.53
N HIS A 366 -39.85 36.60 -16.24
CA HIS A 366 -39.16 36.17 -17.46
C HIS A 366 -37.64 36.06 -17.27
N ILE A 367 -37.19 35.93 -16.03
CA ILE A 367 -35.79 35.64 -15.72
C ILE A 367 -35.76 34.25 -15.11
N PHE A 368 -35.02 33.33 -15.71
CA PHE A 368 -35.09 31.93 -15.32
C PHE A 368 -33.79 31.42 -14.74
N ILE A 369 -33.92 30.64 -13.67
CA ILE A 369 -32.81 29.96 -13.01
C ILE A 369 -32.80 28.50 -13.47
N SER A 370 -31.63 27.98 -13.80
CA SER A 370 -31.52 26.60 -14.26
C SER A 370 -31.91 25.64 -13.14
N HIS A 371 -32.78 24.69 -13.45
CA HIS A 371 -33.19 23.75 -12.41
C HIS A 371 -32.02 22.87 -11.98
N LYS A 372 -31.04 22.67 -12.85
CA LYS A 372 -29.80 21.99 -12.49
C LYS A 372 -28.99 22.76 -11.46
N LYS A 373 -29.20 24.06 -11.32
CA LYS A 373 -28.40 24.88 -10.42
C LYS A 373 -29.10 25.22 -9.10
N LEU A 374 -30.37 24.85 -8.95
CA LEU A 374 -31.17 25.37 -7.84
C LEU A 374 -30.58 25.01 -6.48
N GLU A 375 -30.09 23.77 -6.32
CA GLU A 375 -29.54 23.36 -5.02
C GLU A 375 -28.21 24.04 -4.76
N THR A 376 -27.41 24.25 -5.80
CA THR A 376 -26.17 25.02 -5.67
C THR A 376 -26.47 26.43 -5.18
N ILE A 377 -27.50 27.05 -5.77
CA ILE A 377 -27.86 28.40 -5.39
C ILE A 377 -28.42 28.45 -3.98
N SER A 378 -29.26 27.47 -3.63
CA SER A 378 -29.77 27.39 -2.27
C SER A 378 -28.63 27.29 -1.26
N SER A 379 -27.61 26.48 -1.56
CA SER A 379 -26.46 26.37 -0.65
C SER A 379 -25.71 27.69 -0.56
N ALA A 380 -25.54 28.39 -1.67
CA ALA A 380 -24.76 29.62 -1.65
C ALA A 380 -25.52 30.78 -1.03
N LEU A 381 -26.86 30.71 -0.95
CA LEU A 381 -27.69 31.83 -0.51
C LEU A 381 -28.52 31.55 0.74
N CYS A 382 -28.75 30.30 1.10
CA CYS A 382 -29.71 29.97 2.14
C CYS A 382 -29.05 29.12 3.22
N ASP A 383 -29.87 28.69 4.18
CA ASP A 383 -29.36 27.85 5.26
C ASP A 383 -28.98 26.46 4.76
N HIS A 384 -29.76 25.90 3.83
CA HIS A 384 -29.58 24.52 3.43
C HIS A 384 -29.68 24.38 1.91
N TRP A 385 -29.08 23.29 1.40
CA TRP A 385 -29.16 22.99 -0.03
C TRP A 385 -30.60 22.83 -0.52
N ASP A 386 -31.52 22.49 0.37
CA ASP A 386 -32.90 22.19 0.00
C ASP A 386 -33.86 23.31 0.40
N THR A 387 -33.36 24.43 0.93
CA THR A 387 -34.24 25.52 1.33
C THR A 387 -35.10 25.99 0.17
N LEU A 388 -34.48 26.30 -0.97
CA LEU A 388 -35.25 26.82 -2.10
C LEU A 388 -36.18 25.75 -2.64
N ARG A 389 -35.72 24.50 -2.72
CA ARG A 389 -36.58 23.44 -3.22
C ARG A 389 -37.80 23.27 -2.32
N ASN A 390 -37.57 23.21 -1.01
CA ASN A 390 -38.69 23.06 -0.08
C ASN A 390 -39.64 24.25 -0.16
N ALA A 391 -39.10 25.46 -0.30
CA ALA A 391 -39.97 26.64 -0.35
C ALA A 391 -40.83 26.65 -1.61
N LEU A 392 -40.25 26.28 -2.75
CA LEU A 392 -41.03 26.20 -3.97
C LEU A 392 -42.09 25.11 -3.87
N TYR A 393 -41.72 23.96 -3.29
CA TYR A 393 -42.69 22.89 -3.10
C TYR A 393 -43.88 23.38 -2.28
N GLU A 394 -43.61 24.03 -1.14
CA GLU A 394 -44.68 24.50 -0.28
C GLU A 394 -45.56 25.53 -0.98
N ARG A 395 -44.96 26.45 -1.73
CA ARG A 395 -45.78 27.45 -2.42
CA ARG A 395 -45.77 27.45 -2.43
C ARG A 395 -46.66 26.82 -3.49
N ARG A 396 -46.12 25.87 -4.25
CA ARG A 396 -46.93 25.26 -5.30
C ARG A 396 -48.04 24.41 -4.71
N ILE A 397 -47.77 23.70 -3.61
CA ILE A 397 -48.81 22.92 -2.94
C ILE A 397 -49.97 23.81 -2.55
N SER A 398 -49.66 25.00 -2.03
CA SER A 398 -50.69 25.95 -1.61
C SER A 398 -51.46 26.52 -2.79
N GLU A 399 -51.03 26.28 -4.03
CA GLU A 399 -51.76 26.77 -5.20
C GLU A 399 -52.56 25.68 -5.89
N LEU A 400 -52.49 24.44 -5.42
CA LEU A 400 -53.25 23.35 -6.01
C LEU A 400 -54.73 23.51 -5.71
N THR A 401 -55.56 23.19 -6.71
CA THR A 401 -57.00 23.27 -6.56
C THR A 401 -57.57 21.89 -6.21
N GLY A 402 -58.53 21.88 -5.31
CA GLY A 402 -59.16 20.62 -4.93
C GLY A 402 -58.39 19.88 -3.85
N LYS A 403 -58.73 18.60 -3.69
CA LYS A 403 -58.12 17.78 -2.66
C LYS A 403 -56.64 17.58 -2.94
N ILE A 404 -55.82 17.72 -1.90
CA ILE A 404 -54.36 17.62 -2.04
C ILE A 404 -54.00 16.16 -1.82
N THR A 405 -54.00 15.38 -2.89
CA THR A 405 -53.74 13.95 -2.78
C THR A 405 -52.24 13.68 -2.78
N LYS A 406 -51.89 12.42 -2.46
CA LYS A 406 -50.49 12.02 -2.50
C LYS A 406 -49.93 12.12 -3.92
N SER A 407 -50.70 11.70 -4.92
CA SER A 407 -50.22 11.83 -6.30
C SER A 407 -50.06 13.30 -6.67
N ALA A 408 -50.98 14.16 -6.24
CA ALA A 408 -50.86 15.58 -6.53
C ALA A 408 -49.57 16.16 -5.93
N LYS A 409 -49.22 15.72 -4.71
CA LYS A 409 -47.96 16.15 -4.11
C LYS A 409 -46.77 15.65 -4.90
N GLU A 410 -46.79 14.37 -5.29
CA GLU A 410 -45.67 13.82 -6.07
C GLU A 410 -45.50 14.54 -7.40
N LYS A 411 -46.61 14.90 -8.04
CA LYS A 411 -46.54 15.65 -9.30
C LYS A 411 -45.79 16.96 -9.12
N VAL A 412 -46.12 17.71 -8.06
CA VAL A 412 -45.38 18.94 -7.77
C VAL A 412 -43.90 18.65 -7.57
N GLN A 413 -43.59 17.57 -6.84
CA GLN A 413 -42.19 17.21 -6.62
C GLN A 413 -41.46 16.97 -7.94
N ARG A 414 -42.07 16.16 -8.82
CA ARG A 414 -41.41 15.84 -10.08
C ARG A 414 -41.27 17.08 -10.95
N SER A 415 -42.18 18.04 -10.83
CA SER A 415 -42.09 19.23 -11.67
C SER A 415 -40.88 20.08 -11.30
N LEU A 416 -40.44 20.02 -10.05
CA LEU A 416 -39.28 20.80 -9.64
C LEU A 416 -37.97 20.26 -10.21
N LYS A 417 -37.95 19.01 -10.65
CA LYS A 417 -36.78 18.44 -11.30
C LYS A 417 -36.74 18.70 -12.81
N HIS A 418 -37.85 19.11 -13.43
CA HIS A 418 -37.98 19.09 -14.87
C HIS A 418 -38.06 20.46 -15.53
N GLU A 419 -38.27 21.54 -14.76
CA GLU A 419 -38.54 22.84 -15.35
C GLU A 419 -37.65 23.90 -14.73
N ASP A 420 -37.17 24.83 -15.55
CA ASP A 420 -36.45 25.98 -15.04
C ASP A 420 -37.41 26.91 -14.32
N ILE A 421 -36.91 27.62 -13.31
CA ILE A 421 -37.73 28.35 -12.36
C ILE A 421 -37.51 29.84 -12.55
N ASN A 422 -38.60 30.60 -12.74
CA ASN A 422 -38.39 32.03 -12.87
C ASN A 422 -38.04 32.65 -11.52
N LEU A 423 -37.25 33.72 -11.58
CA LEU A 423 -36.71 34.32 -10.36
C LEU A 423 -37.82 34.88 -9.45
N GLN A 424 -38.93 35.36 -10.03
CA GLN A 424 -39.99 35.91 -9.19
C GLN A 424 -40.60 34.84 -8.29
N GLU A 425 -40.85 33.65 -8.84
CA GLU A 425 -41.44 32.58 -8.03
C GLU A 425 -40.51 32.22 -6.87
N ILE A 426 -39.20 32.18 -7.12
CA ILE A 426 -38.24 31.89 -6.07
C ILE A 426 -38.32 32.96 -4.99
N ILE A 427 -38.34 34.23 -5.39
CA ILE A 427 -38.39 35.31 -4.41
C ILE A 427 -39.69 35.24 -3.62
N SER A 428 -40.82 34.99 -4.31
CA SER A 428 -42.10 34.88 -3.63
C SER A 428 -42.15 33.67 -2.71
N ALA A 429 -41.49 32.58 -3.08
CA ALA A 429 -41.52 31.38 -2.26
C ALA A 429 -40.59 31.50 -1.05
N ALA A 430 -39.41 32.11 -1.22
CA ALA A 430 -38.41 32.15 -0.18
C ALA A 430 -38.42 33.44 0.64
N GLY A 431 -38.98 34.52 0.11
CA GLY A 431 -39.13 35.75 0.86
C GLY A 431 -38.02 36.75 0.59
N LYS A 432 -38.14 37.91 1.24
CA LYS A 432 -37.28 39.04 0.92
C LYS A 432 -35.83 38.80 1.31
N GLU A 433 -35.56 37.92 2.28
CA GLU A 433 -34.17 37.68 2.64
C GLU A 433 -33.43 36.89 1.56
N LEU A 434 -34.15 36.16 0.70
CA LEU A 434 -33.49 35.58 -0.46
C LEU A 434 -33.00 36.68 -1.40
N SER A 435 -33.83 37.68 -1.64
CA SER A 435 -33.43 38.80 -2.48
C SER A 435 -32.17 39.47 -1.94
N GLU A 436 -32.17 39.76 -0.63
CA GLU A 436 -31.03 40.41 0.00
C GLU A 436 -29.77 39.56 -0.12
N ALA A 437 -29.89 38.25 0.14
CA ALA A 437 -28.74 37.37 -0.03
C ALA A 437 -28.28 37.36 -1.48
N PHE A 438 -29.24 37.37 -2.41
CA PHE A 438 -28.90 37.43 -3.83
C PHE A 438 -28.06 38.66 -4.13
N LYS A 439 -28.51 39.83 -3.67
CA LYS A 439 -27.77 41.07 -3.90
C LYS A 439 -26.37 41.01 -3.29
N GLN A 440 -26.26 40.49 -2.07
CA GLN A 440 -24.97 40.43 -1.40
C GLN A 440 -24.00 39.52 -2.15
N LYS A 441 -24.46 38.34 -2.56
CA LYS A 441 -23.58 37.41 -3.24
C LYS A 441 -23.11 37.97 -4.58
N THR A 442 -24.01 38.64 -5.30
CA THR A 442 -23.68 39.26 -6.58
C THR A 442 -22.59 40.32 -6.42
N SER A 443 -22.77 41.22 -5.45
CA SER A 443 -21.79 42.27 -5.22
C SER A 443 -20.43 41.68 -4.88
N GLU A 444 -20.39 40.68 -3.99
CA GLU A 444 -19.12 40.04 -3.64
C GLU A 444 -18.45 39.46 -4.87
N ILE A 445 -19.19 38.67 -5.65
CA ILE A 445 -18.62 38.05 -6.84
C ILE A 445 -18.10 39.11 -7.80
N LEU A 446 -18.95 40.07 -8.16
CA LEU A 446 -18.52 41.14 -9.05
C LEU A 446 -17.34 41.91 -8.48
N SER A 447 -17.36 42.20 -7.18
CA SER A 447 -16.31 43.01 -6.59
C SER A 447 -14.96 42.28 -6.61
N HIS A 448 -14.99 40.95 -6.43
CA HIS A 448 -13.76 40.18 -6.51
C HIS A 448 -13.22 40.16 -7.94
N ALA A 449 -14.11 39.92 -8.92
CA ALA A 449 -13.69 39.91 -10.31
C ALA A 449 -13.13 41.27 -10.73
N HIS A 450 -13.72 42.35 -10.23
CA HIS A 450 -13.19 43.69 -10.48
C HIS A 450 -11.79 43.84 -9.91
N ALA A 451 -11.64 43.55 -8.61
CA ALA A 451 -10.33 43.63 -7.98
C ALA A 451 -9.30 42.78 -8.71
N ALA A 452 -9.74 41.69 -9.34
CA ALA A 452 -8.82 40.83 -10.06
C ALA A 452 -8.34 41.49 -11.35
N LEU A 453 -9.27 42.04 -12.14
CA LEU A 453 -8.88 42.67 -13.40
C LEU A 453 -7.97 43.87 -13.15
N ASP A 454 -8.12 44.54 -12.01
CA ASP A 454 -7.31 45.74 -11.75
C ASP A 454 -5.94 45.38 -11.16
N GLN A 455 -5.83 44.23 -10.50
CA GLN A 455 -4.57 43.86 -9.87
C GLN A 455 -3.59 43.33 -10.92
N PRO A 456 -2.33 43.74 -10.86
CA PRO A 456 -1.34 43.20 -11.79
C PRO A 456 -0.86 41.82 -11.40
N LEU A 457 -0.43 41.07 -12.41
CA LEU A 457 0.09 39.73 -12.23
C LEU A 457 1.56 39.79 -11.80
N PRO A 458 2.04 38.78 -11.08
CA PRO A 458 3.46 38.78 -10.69
C PRO A 458 4.35 38.56 -11.90
N THR A 459 5.64 38.84 -11.69
CA THR A 459 6.59 38.76 -12.80
C THR A 459 6.90 37.31 -13.16
N THR A 460 7.04 36.44 -12.16
CA THR A 460 7.24 35.01 -12.37
C THR A 460 6.28 34.23 -11.47
N LEU A 461 6.40 32.91 -11.45
CA LEU A 461 5.67 32.09 -10.49
C LEU A 461 6.63 31.38 -9.55
N LYS A 462 7.84 31.92 -9.37
CA LYS A 462 8.86 31.25 -8.58
C LYS A 462 8.48 31.19 -7.10
N LYS A 463 7.92 32.25 -6.55
CA LYS A 463 7.52 32.26 -5.16
C LYS A 463 6.07 31.81 -5.01
N GLN A 464 5.78 31.14 -3.89
CA GLN A 464 4.42 30.69 -3.64
C GLN A 464 3.44 31.86 -3.56
N GLU A 465 3.88 33.00 -3.03
CA GLU A 465 3.01 34.19 -2.98
C GLU A 465 2.62 34.66 -4.37
N GLU A 466 3.53 34.51 -5.34
CA GLU A 466 3.21 34.84 -6.73
C GLU A 466 2.19 33.86 -7.29
N LYS A 467 2.34 32.56 -6.99
CA LYS A 467 1.32 31.60 -7.39
C LYS A 467 -0.02 31.90 -6.76
N GLU A 468 -0.03 32.41 -5.52
CA GLU A 468 -1.30 32.72 -4.85
C GLU A 468 -2.01 33.89 -5.50
N ILE A 469 -1.25 34.88 -5.98
CA ILE A 469 -1.86 35.98 -6.73
C ILE A 469 -2.58 35.44 -7.96
N LEU A 470 -1.87 34.63 -8.75
CA LEU A 470 -2.47 34.01 -9.93
C LEU A 470 -3.73 33.22 -9.57
N LYS A 471 -3.61 32.29 -8.61
CA LYS A 471 -4.76 31.49 -8.24
C LYS A 471 -5.92 32.35 -7.79
N SER A 472 -5.65 33.38 -6.98
CA SER A 472 -6.71 34.25 -6.47
C SER A 472 -7.48 34.91 -7.60
N GLN A 473 -6.77 35.40 -8.62
CA GLN A 473 -7.44 36.07 -9.72
C GLN A 473 -8.21 35.08 -10.59
N LEU A 474 -7.72 33.85 -10.71
CA LEU A 474 -8.46 32.82 -11.42
C LEU A 474 -9.70 32.40 -10.65
N ASP A 475 -9.62 32.31 -9.32
CA ASP A 475 -10.79 32.00 -8.51
C ASP A 475 -11.85 33.08 -8.68
N SER A 476 -11.42 34.34 -8.79
CA SER A 476 -12.38 35.42 -8.88
C SER A 476 -13.12 35.40 -10.22
N LEU A 477 -12.41 35.12 -11.31
CA LEU A 477 -13.07 35.08 -12.62
C LEU A 477 -13.93 33.84 -12.75
N LEU A 478 -13.47 32.71 -12.20
CA LEU A 478 -14.28 31.49 -12.23
C LEU A 478 -15.55 31.66 -11.41
N GLY A 479 -15.47 32.41 -10.31
CA GLY A 479 -16.67 32.72 -9.55
C GLY A 479 -17.72 33.44 -10.38
N LEU A 480 -17.29 34.44 -11.16
CA LEU A 480 -18.22 35.13 -12.05
C LEU A 480 -18.73 34.19 -13.14
N TYR A 481 -17.85 33.35 -13.71
CA TYR A 481 -18.28 32.36 -14.67
C TYR A 481 -19.39 31.47 -14.09
N HIS A 482 -19.19 31.00 -12.85
CA HIS A 482 -20.20 30.19 -12.18
C HIS A 482 -21.50 30.97 -12.00
N LEU A 483 -21.39 32.23 -11.59
CA LEU A 483 -22.56 33.04 -11.34
C LEU A 483 -23.40 33.23 -12.60
N LEU A 484 -22.75 33.53 -13.73
CA LEU A 484 -23.50 33.68 -14.98
C LEU A 484 -24.20 32.39 -15.38
N ASP A 485 -23.65 31.25 -14.98
CA ASP A 485 -24.22 29.95 -15.28
C ASP A 485 -25.39 29.58 -14.36
N TRP A 486 -25.77 30.46 -13.43
CA TRP A 486 -27.00 30.25 -12.68
C TRP A 486 -28.24 30.34 -13.55
N PHE A 487 -28.19 31.13 -14.61
CA PHE A 487 -29.38 31.43 -15.39
C PHE A 487 -29.68 30.34 -16.40
N ALA A 488 -30.96 30.05 -16.59
CA ALA A 488 -31.38 29.04 -17.55
C ALA A 488 -31.12 29.49 -18.97
N VAL A 489 -30.88 28.50 -19.84
CA VAL A 489 -30.54 28.77 -21.23
C VAL A 489 -31.56 28.21 -22.22
N ASP A 490 -32.44 27.28 -21.79
CA ASP A 490 -33.28 26.54 -22.73
C ASP A 490 -34.25 27.46 -23.47
N GLU A 491 -34.39 27.20 -24.78
CA GLU A 491 -35.27 28.02 -25.62
C GLU A 491 -36.75 27.85 -25.30
N SER A 492 -37.10 26.89 -24.44
CA SER A 492 -38.49 26.71 -24.06
C SER A 492 -38.98 27.83 -23.15
N ASN A 493 -38.10 28.37 -22.31
CA ASN A 493 -38.48 29.41 -21.37
C ASN A 493 -38.73 30.72 -22.10
N GLU A 494 -39.78 31.44 -21.69
CA GLU A 494 -40.10 32.76 -22.24
C GLU A 494 -39.09 33.77 -21.71
N VAL A 495 -37.88 33.73 -22.27
CA VAL A 495 -36.77 34.53 -21.75
C VAL A 495 -36.93 35.98 -22.19
N ASP A 496 -36.55 36.89 -21.29
CA ASP A 496 -36.43 38.32 -21.57
C ASP A 496 -35.46 38.54 -22.72
N PRO A 497 -35.90 39.07 -23.87
CA PRO A 497 -35.04 39.01 -25.08
C PRO A 497 -33.73 39.78 -24.96
N GLU A 498 -33.78 41.06 -24.56
CA GLU A 498 -32.56 41.85 -24.48
C GLU A 498 -31.68 41.39 -23.33
N PHE A 499 -32.28 41.09 -22.18
CA PHE A 499 -31.51 40.55 -21.07
C PHE A 499 -30.83 39.24 -21.46
N SER A 500 -31.52 38.38 -22.20
CA SER A 500 -30.92 37.12 -22.63
C SER A 500 -29.76 37.36 -23.58
N ALA A 501 -29.94 38.26 -24.56
CA ALA A 501 -28.87 38.53 -25.52
C ALA A 501 -27.63 39.09 -24.84
N ARG A 502 -27.81 39.97 -23.85
CA ARG A 502 -26.66 40.57 -23.16
C ARG A 502 -25.98 39.54 -22.28
N LEU A 503 -26.76 38.67 -21.64
CA LEU A 503 -26.21 37.63 -20.79
C LEU A 503 -25.41 36.62 -21.61
N THR A 504 -25.96 36.18 -22.75
CA THR A 504 -25.22 35.30 -23.63
C THR A 504 -23.90 35.94 -24.08
N GLY A 505 -23.93 37.24 -24.38
CA GLY A 505 -22.71 37.93 -24.77
C GLY A 505 -21.59 37.80 -23.76
N ILE A 506 -21.87 38.13 -22.50
CA ILE A 506 -20.80 38.12 -21.51
C ILE A 506 -20.44 36.70 -21.10
N LYS A 507 -21.41 35.78 -21.10
CA LYS A 507 -21.09 34.37 -20.89
C LYS A 507 -20.08 33.88 -21.93
N LEU A 508 -20.35 34.15 -23.20
CA LEU A 508 -19.42 33.76 -24.26
C LEU A 508 -18.02 34.32 -23.99
N GLU A 509 -17.94 35.57 -23.53
CA GLU A 509 -16.66 36.19 -23.23
C GLU A 509 -16.02 35.61 -21.98
N MET A 510 -16.81 35.00 -21.11
CA MET A 510 -16.32 34.36 -19.89
C MET A 510 -15.95 32.90 -20.09
N GLU A 511 -16.33 32.31 -21.23
CA GLU A 511 -16.02 30.92 -21.51
C GLU A 511 -14.54 30.55 -21.33
N PRO A 512 -13.57 31.34 -21.79
CA PRO A 512 -12.15 30.95 -21.62
C PRO A 512 -11.69 30.84 -20.17
N SER A 513 -12.39 31.47 -19.22
CA SER A 513 -11.97 31.43 -17.81
C SER A 513 -11.81 30.00 -17.31
N LEU A 514 -12.69 29.10 -17.75
CA LEU A 514 -12.61 27.71 -17.29
C LEU A 514 -11.32 27.06 -17.78
N SER A 515 -10.99 27.23 -19.05
CA SER A 515 -9.79 26.63 -19.61
C SER A 515 -8.54 27.23 -18.98
N PHE A 516 -8.50 28.56 -18.82
CA PHE A 516 -7.38 29.18 -18.13
C PHE A 516 -7.21 28.60 -16.73
N TYR A 517 -8.31 28.39 -16.02
CA TYR A 517 -8.22 27.86 -14.67
C TYR A 517 -7.56 26.49 -14.67
N ASN A 518 -8.03 25.59 -15.52
CA ASN A 518 -7.50 24.23 -15.51
C ASN A 518 -6.08 24.19 -16.06
N LYS A 519 -5.80 24.93 -17.14
CA LYS A 519 -4.45 24.96 -17.68
C LYS A 519 -3.46 25.53 -16.69
N ALA A 520 -3.86 26.56 -15.95
CA ALA A 520 -2.96 27.17 -14.97
C ALA A 520 -2.67 26.22 -13.82
N ARG A 521 -3.73 25.60 -13.28
CA ARG A 521 -3.52 24.63 -12.20
C ARG A 521 -2.61 23.50 -12.64
N ASN A 522 -2.82 22.98 -13.86
CA ASN A 522 -2.01 21.86 -14.33
C ASN A 522 -0.54 22.24 -14.42
N TYR A 523 -0.25 23.52 -14.68
CA TYR A 523 1.13 23.98 -14.72
C TYR A 523 1.65 24.33 -13.33
N ALA A 524 0.93 25.17 -12.59
CA ALA A 524 1.44 25.73 -11.34
C ALA A 524 1.67 24.67 -10.27
N THR A 525 0.95 23.55 -10.33
CA THR A 525 1.11 22.52 -9.32
C THR A 525 2.16 21.47 -9.70
N LYS A 526 2.91 21.67 -10.78
CA LYS A 526 3.95 20.73 -11.16
C LYS A 526 5.11 20.77 -10.17
N LYS A 527 5.70 19.61 -9.92
CA LYS A 527 6.83 19.54 -9.01
C LYS A 527 8.06 20.15 -9.68
N PRO A 528 8.74 21.09 -9.01
CA PRO A 528 9.91 21.73 -9.64
C PRO A 528 11.08 20.77 -9.80
N TYR A 529 12.08 21.24 -10.55
CA TYR A 529 13.28 20.44 -10.79
C TYR A 529 13.97 20.11 -9.49
N SER A 530 14.30 18.83 -9.30
CA SER A 530 14.82 18.35 -8.03
C SER A 530 16.18 17.69 -8.23
N VAL A 531 17.07 17.89 -7.26
CA VAL A 531 18.40 17.30 -7.31
C VAL A 531 18.31 15.86 -6.83
N GLU A 532 18.83 14.93 -7.64
CA GLU A 532 18.87 13.52 -7.25
C GLU A 532 20.28 12.96 -7.35
N LYS A 533 20.58 11.94 -6.53
CA LYS A 533 21.87 11.28 -6.65
C LYS A 533 21.93 10.46 -7.93
N PHE A 534 23.15 10.16 -8.37
CA PHE A 534 23.33 9.32 -9.54
C PHE A 534 24.52 8.38 -9.37
N LYS A 535 24.45 7.27 -10.08
CA LYS A 535 25.41 6.19 -9.92
C LYS A 535 26.77 6.58 -10.47
N LEU A 536 27.83 6.21 -9.76
CA LEU A 536 29.18 6.48 -10.21
C LEU A 536 29.80 5.22 -10.80
N ASN A 537 30.50 5.37 -11.93
CA ASN A 537 31.15 4.26 -12.61
C ASN A 537 32.65 4.45 -12.77
N PHE A 538 33.15 5.68 -12.74
CA PHE A 538 34.56 5.95 -13.01
C PHE A 538 35.00 5.29 -14.30
N GLN A 539 34.12 5.32 -15.31
CA GLN A 539 34.40 4.77 -16.64
C GLN A 539 34.70 3.27 -16.62
N MET A 540 34.23 2.55 -15.60
CA MET A 540 34.47 1.12 -15.49
C MET A 540 33.13 0.41 -15.53
N PRO A 541 32.82 -0.34 -16.59
CA PRO A 541 31.47 -0.91 -16.72
C PRO A 541 31.15 -1.92 -15.64
N THR A 542 32.15 -2.53 -15.01
CA THR A 542 31.90 -3.60 -14.06
C THR A 542 32.29 -3.17 -12.64
N LEU A 543 32.38 -1.86 -12.41
CA LEU A 543 32.82 -1.32 -11.11
C LEU A 543 32.05 -1.92 -9.94
N ALA A 544 32.79 -2.45 -8.96
CA ALA A 544 32.29 -2.88 -7.66
C ALA A 544 31.22 -3.99 -7.75
N ARG A 545 31.17 -4.76 -8.84
CA ARG A 545 30.20 -5.84 -8.90
C ARG A 545 30.63 -7.09 -8.14
N GLY A 546 31.86 -7.15 -7.68
CA GLY A 546 32.34 -8.27 -6.91
C GLY A 546 33.62 -7.87 -6.21
N TRP A 547 33.92 -8.59 -5.12
CA TRP A 547 35.05 -8.26 -4.26
C TRP A 547 36.22 -9.23 -4.39
N ASP A 548 36.04 -10.34 -5.11
CA ASP A 548 37.02 -11.43 -5.12
C ASP A 548 38.41 -10.96 -5.53
N VAL A 549 39.43 -11.58 -4.92
CA VAL A 549 40.82 -11.27 -5.27
CA VAL A 549 40.81 -11.26 -5.27
C VAL A 549 41.01 -11.32 -6.78
N ASN A 550 40.36 -12.27 -7.46
CA ASN A 550 40.59 -12.43 -8.90
C ASN A 550 39.96 -11.34 -9.75
N VAL A 551 39.05 -10.53 -9.19
CA VAL A 551 38.34 -9.52 -9.98
C VAL A 551 38.67 -8.10 -9.55
N GLU A 552 39.55 -7.93 -8.56
CA GLU A 552 39.85 -6.62 -7.99
C GLU A 552 40.30 -5.64 -9.06
N LYS A 553 41.10 -6.11 -10.02
CA LYS A 553 41.64 -5.19 -11.01
C LYS A 553 40.52 -4.63 -11.88
N ASN A 554 39.59 -5.49 -12.29
CA ASN A 554 38.56 -5.09 -13.22
C ASN A 554 37.36 -4.45 -12.52
N ARG A 555 37.04 -4.92 -11.30
CA ARG A 555 35.94 -4.34 -10.52
C ARG A 555 36.39 -3.10 -9.76
N GLY A 556 37.68 -2.98 -9.50
CA GLY A 556 38.28 -1.77 -8.96
C GLY A 556 38.03 -1.47 -7.51
N ALA A 557 37.44 -2.38 -6.73
CA ALA A 557 36.97 -2.05 -5.38
C ALA A 557 37.61 -2.92 -4.32
N ILE A 558 38.18 -2.29 -3.28
CA ILE A 558 38.82 -3.00 -2.18
C ILE A 558 38.44 -2.32 -0.87
N LEU A 559 38.60 -3.06 0.24
CA LEU A 559 38.26 -2.58 1.58
C LEU A 559 39.49 -2.59 2.49
N PHE A 560 39.62 -1.56 3.32
CA PHE A 560 40.67 -1.50 4.34
C PHE A 560 40.06 -1.22 5.69
N VAL A 561 40.76 -1.66 6.75
CA VAL A 561 40.46 -1.31 8.13
C VAL A 561 41.72 -0.75 8.76
N LYS A 562 41.60 0.37 9.48
CA LYS A 562 42.75 0.96 10.17
C LYS A 562 42.27 1.65 11.44
N ASN A 563 42.77 1.20 12.60
CA ASN A 563 42.40 1.80 13.88
C ASN A 563 40.88 1.85 14.07
N GLY A 564 40.20 0.80 13.65
CA GLY A 564 38.76 0.74 13.87
C GLY A 564 37.94 1.55 12.88
N LEU A 565 38.57 2.25 11.94
CA LEU A 565 37.91 2.97 10.87
C LEU A 565 38.00 2.18 9.58
N TYR A 566 36.97 2.29 8.74
CA TYR A 566 36.85 1.50 7.51
C TYR A 566 37.00 2.39 6.29
N TYR A 567 37.63 1.84 5.24
CA TYR A 567 37.91 2.60 4.03
C TYR A 567 37.55 1.79 2.80
N LEU A 568 37.03 2.49 1.80
CA LEU A 568 36.76 1.92 0.49
C LEU A 568 37.82 2.43 -0.46
N GLY A 569 38.49 1.51 -1.15
CA GLY A 569 39.43 1.87 -2.18
C GLY A 569 38.85 1.63 -3.55
N ILE A 570 38.96 2.64 -4.41
CA ILE A 570 38.57 2.54 -5.82
C ILE A 570 39.80 2.77 -6.66
N MET A 571 40.05 1.83 -7.58
CA MET A 571 41.25 1.90 -8.42
C MET A 571 40.83 2.12 -9.86
N PRO A 572 40.96 3.34 -10.38
CA PRO A 572 40.53 3.61 -11.75
C PRO A 572 41.52 3.07 -12.76
N LYS A 573 41.10 3.05 -14.02
CA LYS A 573 42.02 2.83 -15.12
C LYS A 573 43.10 3.91 -15.13
N GLN A 574 44.24 3.57 -15.73
CA GLN A 574 45.35 4.50 -15.89
C GLN A 574 45.57 4.71 -17.37
N LYS A 575 45.29 5.91 -17.85
CA LYS A 575 45.43 6.25 -19.27
C LYS A 575 44.66 5.24 -20.12
N GLY A 576 43.46 4.88 -19.66
CA GLY A 576 42.59 3.98 -20.39
C GLY A 576 42.87 2.51 -20.23
N ARG A 577 43.81 2.13 -19.36
CA ARG A 577 44.19 0.72 -19.20
C ARG A 577 44.05 0.30 -17.75
N TYR A 578 43.66 -0.97 -17.55
CA TYR A 578 43.60 -1.54 -16.23
C TYR A 578 45.01 -1.98 -15.81
N LYS A 579 45.38 -1.67 -14.57
CA LYS A 579 46.71 -1.97 -14.05
C LYS A 579 46.61 -2.37 -12.60
N ALA A 580 46.96 -3.62 -12.28
CA ALA A 580 46.93 -4.09 -10.90
C ALA A 580 47.80 -3.21 -10.01
N LEU A 581 47.31 -2.94 -8.80
CA LEU A 581 48.12 -2.15 -7.86
C LEU A 581 49.13 -3.01 -7.13
N SER A 582 48.83 -4.31 -6.99
CA SER A 582 49.70 -5.31 -6.35
C SER A 582 50.27 -4.80 -5.04
N PHE A 583 49.37 -4.53 -4.09
CA PHE A 583 49.79 -4.18 -2.74
C PHE A 583 50.53 -5.35 -2.11
N GLU A 584 51.53 -5.03 -1.29
CA GLU A 584 52.43 -6.05 -0.76
C GLU A 584 52.17 -6.29 0.71
N PRO A 585 51.73 -7.50 1.10
CA PRO A 585 51.55 -7.80 2.53
C PRO A 585 52.85 -7.60 3.29
N THR A 586 52.73 -7.06 4.50
CA THR A 586 53.87 -6.86 5.37
C THR A 586 53.52 -7.35 6.77
N GLU A 587 54.51 -7.32 7.65
CA GLU A 587 54.32 -7.79 9.03
C GLU A 587 53.32 -6.90 9.76
N LYS A 588 52.61 -7.50 10.73
CA LYS A 588 51.66 -6.73 11.51
C LYS A 588 52.33 -5.74 12.46
N THR A 589 53.65 -5.81 12.59
CA THR A 589 54.41 -4.79 13.31
C THR A 589 54.49 -3.48 12.53
N SER A 590 54.15 -3.50 11.23
CA SER A 590 54.36 -2.35 10.36
C SER A 590 53.15 -1.44 10.42
N GLU A 591 53.40 -0.13 10.46
CA GLU A 591 52.29 0.83 10.35
C GLU A 591 51.62 0.72 8.99
N GLY A 592 50.29 0.81 8.97
CA GLY A 592 49.60 0.73 7.70
C GLY A 592 48.13 0.39 7.90
N PHE A 593 47.55 -0.20 6.84
CA PHE A 593 46.14 -0.50 6.72
C PHE A 593 45.97 -2.01 6.58
N ASP A 594 44.91 -2.57 7.18
CA ASP A 594 44.55 -3.98 6.95
C ASP A 594 43.69 -4.03 5.69
N LYS A 595 44.18 -4.71 4.65
CA LYS A 595 43.43 -4.86 3.41
C LYS A 595 42.66 -6.19 3.40
N MET A 596 41.41 -6.14 2.98
CA MET A 596 40.61 -7.34 2.84
C MET A 596 41.05 -8.19 1.65
N TYR A 597 41.10 -9.50 1.87
CA TYR A 597 41.32 -10.50 0.81
C TYR A 597 40.08 -11.39 0.82
N TYR A 598 39.31 -11.33 -0.27
CA TYR A 598 37.97 -11.92 -0.39
C TYR A 598 38.05 -13.08 -1.37
N ASP A 599 37.63 -14.27 -0.92
CA ASP A 599 37.69 -15.49 -1.71
C ASP A 599 36.31 -16.12 -1.77
N TYR A 600 35.73 -16.18 -2.97
CA TYR A 600 34.34 -16.59 -3.14
C TYR A 600 34.17 -17.40 -4.41
N PHE A 601 33.55 -18.56 -4.29
CA PHE A 601 33.11 -19.33 -5.45
C PHE A 601 31.59 -19.34 -5.41
N PRO A 602 30.92 -18.55 -6.24
CA PRO A 602 29.47 -18.33 -6.05
C PRO A 602 28.68 -19.62 -6.27
N ASP A 603 27.44 -19.59 -5.76
CA ASP A 603 26.41 -20.61 -5.89
C ASP A 603 26.84 -21.83 -6.70
N ALA A 604 27.27 -22.89 -6.01
CA ALA A 604 27.88 -24.02 -6.68
C ALA A 604 26.92 -24.70 -7.65
N ALA A 605 25.60 -24.56 -7.42
CA ALA A 605 24.62 -25.18 -8.29
C ALA A 605 24.71 -24.67 -9.71
N LYS A 606 25.15 -23.43 -9.91
CA LYS A 606 25.34 -22.91 -11.25
C LYS A 606 26.81 -22.87 -11.67
N MET A 607 27.72 -22.58 -10.74
CA MET A 607 29.12 -22.39 -11.11
C MET A 607 29.82 -23.70 -11.46
N ILE A 608 29.47 -24.80 -10.81
CA ILE A 608 30.13 -26.06 -11.14
C ILE A 608 29.73 -26.49 -12.55
N PRO A 609 28.45 -26.52 -12.91
CA PRO A 609 28.13 -26.84 -14.32
C PRO A 609 28.72 -25.85 -15.30
N LYS A 610 28.72 -24.56 -14.97
CA LYS A 610 29.30 -23.56 -15.85
C LYS A 610 30.76 -23.89 -16.18
N CYS A 611 31.51 -24.38 -15.20
CA CYS A 611 32.94 -24.61 -15.31
C CYS A 611 33.30 -26.06 -15.66
N SER A 612 32.32 -26.91 -15.98
CA SER A 612 32.63 -28.29 -16.33
C SER A 612 31.65 -28.87 -17.33
N THR A 613 30.50 -29.39 -16.87
CA THR A 613 29.62 -30.14 -17.76
C THR A 613 29.05 -29.30 -18.90
N GLN A 614 28.94 -27.98 -18.72
CA GLN A 614 28.31 -27.12 -19.72
C GLN A 614 29.30 -26.39 -20.60
N LEU A 615 30.60 -26.68 -20.48
CA LEU A 615 31.59 -26.11 -21.38
C LEU A 615 31.22 -26.44 -22.82
N LYS A 616 31.43 -25.48 -23.73
CA LYS A 616 31.09 -25.72 -25.13
C LYS A 616 31.82 -26.94 -25.68
N ALA A 617 33.09 -27.11 -25.28
CA ALA A 617 33.85 -28.26 -25.75
C ALA A 617 33.28 -29.57 -25.21
N VAL A 618 32.73 -29.54 -23.99
CA VAL A 618 32.07 -30.73 -23.46
C VAL A 618 30.77 -31.00 -24.22
N THR A 619 29.93 -29.97 -24.35
CA THR A 619 28.68 -30.14 -25.10
C THR A 619 28.94 -30.59 -26.54
N ALA A 620 29.91 -29.96 -27.19
CA ALA A 620 30.23 -30.36 -28.56
C ALA A 620 30.72 -31.80 -28.61
N HIS A 621 31.52 -32.21 -27.62
CA HIS A 621 32.10 -33.55 -27.64
C HIS A 621 31.04 -34.63 -27.52
N PHE A 622 30.03 -34.40 -26.69
CA PHE A 622 29.04 -35.43 -26.41
C PHE A 622 27.92 -35.49 -27.43
N GLN A 623 27.91 -34.59 -28.43
CA GLN A 623 26.98 -34.78 -29.53
C GLN A 623 27.42 -35.93 -30.43
N THR A 624 28.74 -36.08 -30.64
CA THR A 624 29.26 -37.10 -31.53
C THR A 624 29.93 -38.27 -30.81
N HIS A 625 30.12 -38.20 -29.50
CA HIS A 625 30.88 -39.21 -28.78
C HIS A 625 30.13 -39.69 -27.55
N THR A 626 30.58 -40.83 -27.03
CA THR A 626 30.12 -41.38 -25.77
C THR A 626 31.25 -41.62 -24.79
N THR A 627 32.50 -41.56 -25.25
CA THR A 627 33.68 -41.74 -24.42
C THR A 627 33.90 -40.54 -23.51
N PRO A 628 34.63 -40.71 -22.40
CA PRO A 628 34.81 -39.61 -21.46
C PRO A 628 35.70 -38.50 -22.01
N ILE A 629 35.49 -37.29 -21.54
CA ILE A 629 36.32 -36.15 -21.88
C ILE A 629 37.01 -35.68 -20.62
N LEU A 630 38.29 -35.33 -20.72
CA LEU A 630 39.10 -34.91 -19.58
C LEU A 630 39.41 -33.41 -19.69
N LEU A 631 39.17 -32.69 -18.60
CA LEU A 631 39.39 -31.26 -18.51
C LEU A 631 40.67 -31.00 -17.71
N SER A 632 41.54 -30.13 -18.24
CA SER A 632 42.79 -29.79 -17.60
C SER A 632 42.94 -28.30 -17.30
N ASN A 633 42.33 -27.43 -18.08
CA ASN A 633 42.40 -25.98 -17.87
C ASN A 633 41.72 -25.63 -16.56
N ASN A 634 42.46 -25.01 -15.65
CA ASN A 634 41.96 -24.57 -14.36
C ASN A 634 41.72 -25.73 -13.39
N PHE A 635 42.32 -26.90 -13.65
CA PHE A 635 42.24 -28.05 -12.75
C PHE A 635 43.65 -28.52 -12.41
N ILE A 636 43.90 -28.81 -11.14
CA ILE A 636 45.25 -29.22 -10.75
C ILE A 636 45.53 -30.65 -11.19
N GLU A 637 44.51 -31.49 -11.23
CA GLU A 637 44.56 -32.79 -11.88
C GLU A 637 43.31 -32.92 -12.73
N PRO A 638 43.35 -33.71 -13.80
CA PRO A 638 42.27 -33.69 -14.80
C PRO A 638 40.94 -34.09 -14.19
N LEU A 639 39.90 -33.36 -14.58
CA LEU A 639 38.53 -33.67 -14.19
C LEU A 639 37.87 -34.45 -15.33
N GLU A 640 37.37 -35.64 -15.01
CA GLU A 640 36.69 -36.49 -15.98
C GLU A 640 35.20 -36.16 -16.03
N ILE A 641 34.68 -35.96 -17.24
CA ILE A 641 33.25 -35.86 -17.50
C ILE A 641 32.83 -37.09 -18.30
N THR A 642 31.99 -37.94 -17.72
CA THR A 642 31.44 -39.09 -18.42
C THR A 642 30.14 -38.72 -19.10
N LYS A 643 29.70 -39.58 -20.02
CA LYS A 643 28.38 -39.40 -20.62
C LYS A 643 27.28 -39.48 -19.57
N GLU A 644 27.46 -40.33 -18.55
CA GLU A 644 26.47 -40.44 -17.48
C GLU A 644 26.34 -39.13 -16.70
N ILE A 645 27.48 -38.51 -16.35
CA ILE A 645 27.43 -37.25 -15.62
C ILE A 645 26.85 -36.14 -16.49
N TYR A 646 27.26 -36.08 -17.76
CA TYR A 646 26.71 -35.08 -18.67
C TYR A 646 25.21 -35.26 -18.83
N ASP A 647 24.76 -36.50 -19.06
CA ASP A 647 23.35 -36.76 -19.25
C ASP A 647 22.53 -36.41 -18.02
N LEU A 648 23.11 -36.62 -16.82
CA LEU A 648 22.41 -36.30 -15.58
C LEU A 648 22.05 -34.82 -15.51
N ASN A 649 22.99 -33.95 -15.87
CA ASN A 649 22.69 -32.53 -15.82
C ASN A 649 22.06 -32.00 -17.10
N ASN A 650 21.98 -32.82 -18.14
CA ASN A 650 21.39 -32.44 -19.42
C ASN A 650 20.38 -33.49 -19.84
N PRO A 651 19.29 -33.64 -19.09
CA PRO A 651 18.28 -34.64 -19.45
C PRO A 651 17.50 -34.21 -20.67
N GLU A 652 16.97 -35.20 -21.40
CA GLU A 652 16.11 -34.91 -22.53
C GLU A 652 14.86 -34.14 -22.09
N LYS A 653 14.33 -34.46 -20.92
CA LYS A 653 13.19 -33.75 -20.36
C LYS A 653 13.37 -33.59 -18.86
N GLU A 654 13.09 -32.38 -18.36
CA GLU A 654 13.08 -32.12 -16.93
C GLU A 654 12.04 -33.01 -16.26
N PRO A 655 12.19 -33.27 -14.94
CA PRO A 655 13.25 -32.80 -14.04
C PRO A 655 14.51 -33.66 -14.10
N LYS A 656 15.62 -33.11 -13.63
CA LYS A 656 16.86 -33.87 -13.59
C LYS A 656 16.75 -34.99 -12.55
N LYS A 657 17.35 -36.13 -12.85
CA LYS A 657 17.15 -37.33 -12.04
C LYS A 657 17.55 -37.13 -10.58
N PHE A 658 18.50 -36.23 -10.29
CA PHE A 658 18.94 -36.01 -8.91
C PHE A 658 18.13 -34.95 -8.18
N GLN A 659 17.11 -34.37 -8.81
CA GLN A 659 16.22 -33.44 -8.14
C GLN A 659 15.04 -34.20 -7.53
N THR A 660 14.50 -33.64 -6.45
CA THR A 660 13.40 -34.30 -5.75
C THR A 660 12.21 -34.54 -6.66
N ALA A 661 12.00 -33.68 -7.66
CA ALA A 661 10.85 -33.83 -8.54
C ALA A 661 10.86 -35.17 -9.28
N TYR A 662 12.05 -35.66 -9.62
CA TYR A 662 12.13 -36.96 -10.25
C TYR A 662 11.66 -38.06 -9.32
N ALA A 663 11.91 -37.91 -8.02
CA ALA A 663 11.44 -38.91 -7.06
C ALA A 663 9.94 -38.77 -6.81
N LYS A 664 9.44 -37.54 -6.75
CA LYS A 664 8.02 -37.32 -6.46
C LYS A 664 7.14 -37.80 -7.59
N LYS A 665 7.60 -37.66 -8.84
CA LYS A 665 6.83 -38.11 -10.00
C LYS A 665 7.08 -39.58 -10.29
N THR A 666 8.31 -39.91 -10.71
CA THR A 666 8.64 -41.29 -11.09
C THR A 666 8.41 -42.27 -9.95
N GLY A 667 8.59 -41.83 -8.71
CA GLY A 667 8.36 -42.68 -7.57
C GLY A 667 9.40 -43.75 -7.31
N ASP A 668 10.46 -43.82 -8.12
CA ASP A 668 11.52 -44.80 -7.90
C ASP A 668 12.66 -44.08 -7.16
N GLN A 669 12.79 -44.40 -5.88
CA GLN A 669 13.78 -43.79 -5.01
C GLN A 669 15.16 -44.41 -5.19
N LYS A 670 15.23 -45.64 -5.71
CA LYS A 670 16.52 -46.25 -6.02
C LYS A 670 17.26 -45.42 -7.07
N GLY A 671 16.57 -45.07 -8.16
CA GLY A 671 17.20 -44.26 -9.19
C GLY A 671 17.55 -42.86 -8.70
N TYR A 672 16.63 -42.24 -7.95
CA TYR A 672 16.87 -40.88 -7.48
C TYR A 672 18.06 -40.82 -6.53
N ARG A 673 18.14 -41.77 -5.59
CA ARG A 673 19.24 -41.75 -4.64
C ARG A 673 20.57 -42.05 -5.31
N GLU A 674 20.57 -42.94 -6.32
CA GLU A 674 21.80 -43.21 -7.05
C GLU A 674 22.25 -41.99 -7.83
N ALA A 675 21.33 -41.35 -8.57
CA ALA A 675 21.68 -40.14 -9.31
C ALA A 675 22.16 -39.04 -8.39
N LEU A 676 21.51 -38.90 -7.22
CA LEU A 676 21.92 -37.84 -6.30
C LEU A 676 23.31 -38.09 -5.75
N CYS A 677 23.61 -39.34 -5.38
CA CYS A 677 24.96 -39.64 -4.92
C CYS A 677 26.00 -39.42 -6.01
N LYS A 678 25.69 -39.84 -7.25
CA LYS A 678 26.65 -39.66 -8.34
C LYS A 678 26.92 -38.19 -8.62
N TRP A 679 25.88 -37.35 -8.57
CA TRP A 679 26.10 -35.93 -8.82
C TRP A 679 26.93 -35.30 -7.70
N ILE A 680 26.58 -35.58 -6.45
CA ILE A 680 27.31 -34.99 -5.33
C ILE A 680 28.77 -35.43 -5.35
N ASP A 681 29.01 -36.72 -5.65
CA ASP A 681 30.39 -37.21 -5.80
C ASP A 681 31.11 -36.45 -6.90
N PHE A 682 30.43 -36.18 -8.02
CA PHE A 682 31.04 -35.39 -9.07
C PHE A 682 31.38 -33.97 -8.61
N THR A 683 30.49 -33.32 -7.85
CA THR A 683 30.83 -31.99 -7.34
C THR A 683 32.06 -32.05 -6.43
N ARG A 684 32.16 -33.09 -5.60
CA ARG A 684 33.34 -33.22 -4.75
C ARG A 684 34.59 -33.38 -5.60
N ASP A 685 34.51 -34.18 -6.66
CA ASP A 685 35.64 -34.34 -7.59
C ASP A 685 36.02 -32.99 -8.19
N PHE A 686 35.04 -32.28 -8.76
CA PHE A 686 35.28 -30.94 -9.30
C PHE A 686 35.97 -30.04 -8.28
N LEU A 687 35.41 -29.96 -7.07
CA LEU A 687 35.88 -28.96 -6.11
C LEU A 687 37.29 -29.26 -5.64
N SER A 688 37.65 -30.55 -5.57
CA SER A 688 38.99 -30.94 -5.17
C SER A 688 40.05 -30.56 -6.20
N LYS A 689 39.66 -30.23 -7.42
CA LYS A 689 40.62 -30.00 -8.51
C LYS A 689 40.58 -28.60 -9.10
N TYR A 690 39.42 -27.96 -9.14
CA TYR A 690 39.31 -26.62 -9.71
C TYR A 690 40.21 -25.64 -8.96
N THR A 691 40.90 -24.78 -9.73
CA THR A 691 41.90 -23.88 -9.15
C THR A 691 41.33 -23.10 -7.96
N LYS A 692 40.12 -22.57 -8.11
CA LYS A 692 39.55 -21.70 -7.09
C LYS A 692 39.27 -22.44 -5.79
N THR A 693 38.96 -23.73 -5.86
CA THR A 693 38.46 -24.45 -4.69
C THR A 693 39.35 -25.58 -4.19
N THR A 694 40.41 -25.96 -4.92
CA THR A 694 41.17 -27.16 -4.56
C THR A 694 41.73 -27.07 -3.14
N SER A 695 42.01 -25.86 -2.65
CA SER A 695 42.64 -25.70 -1.34
C SER A 695 41.64 -25.69 -0.19
N ILE A 696 40.34 -25.71 -0.47
CA ILE A 696 39.36 -25.62 0.60
C ILE A 696 39.19 -26.99 1.25
N ASP A 697 39.14 -27.00 2.57
CA ASP A 697 38.92 -28.23 3.32
C ASP A 697 37.42 -28.50 3.40
N LEU A 698 36.98 -29.55 2.71
CA LEU A 698 35.56 -29.92 2.67
C LEU A 698 35.26 -31.15 3.52
N SER A 699 36.18 -31.55 4.39
CA SER A 699 35.99 -32.81 5.10
C SER A 699 34.88 -32.75 6.14
N SER A 700 34.34 -31.57 6.45
CA SER A 700 33.20 -31.47 7.35
C SER A 700 31.87 -31.88 6.69
N LEU A 701 31.83 -31.97 5.37
CA LEU A 701 30.64 -32.48 4.70
C LEU A 701 30.46 -33.97 4.99
N ARG A 702 29.21 -34.42 4.91
CA ARG A 702 28.91 -35.83 5.13
C ARG A 702 29.35 -36.65 3.93
N PRO A 703 29.52 -37.97 4.12
CA PRO A 703 29.60 -38.86 2.96
C PRO A 703 28.46 -38.56 1.99
N SER A 704 28.75 -38.63 0.70
CA SER A 704 27.81 -38.14 -0.31
C SER A 704 26.49 -38.91 -0.26
N SER A 705 26.55 -40.22 -0.01
CA SER A 705 25.33 -41.03 0.00
C SER A 705 24.37 -40.63 1.13
N GLN A 706 24.85 -39.97 2.19
CA GLN A 706 24.01 -39.65 3.33
C GLN A 706 23.11 -38.45 3.11
N TYR A 707 23.38 -37.61 2.11
CA TYR A 707 22.51 -36.48 1.85
C TYR A 707 21.19 -36.95 1.23
N LYS A 708 20.08 -36.44 1.76
CA LYS A 708 18.75 -36.84 1.32
C LYS A 708 18.24 -36.04 0.13
N ASP A 709 18.76 -34.84 -0.10
CA ASP A 709 18.40 -34.09 -1.30
C ASP A 709 19.52 -33.11 -1.62
N LEU A 710 19.47 -32.59 -2.85
CA LEU A 710 20.53 -31.70 -3.31
C LEU A 710 20.51 -30.37 -2.59
N GLY A 711 19.35 -29.91 -2.13
CA GLY A 711 19.29 -28.63 -1.43
C GLY A 711 19.98 -28.68 -0.08
N GLU A 712 19.84 -29.79 0.64
CA GLU A 712 20.57 -30.00 1.88
C GLU A 712 22.08 -29.97 1.66
N TYR A 713 22.53 -30.58 0.56
CA TYR A 713 23.96 -30.63 0.26
C TYR A 713 24.50 -29.23 -0.07
N TYR A 714 23.87 -28.53 -1.03
CA TYR A 714 24.35 -27.19 -1.38
C TYR A 714 24.29 -26.24 -0.19
N ALA A 715 23.25 -26.37 0.65
CA ALA A 715 23.17 -25.52 1.83
C ALA A 715 24.33 -25.74 2.79
N GLU A 716 24.85 -26.98 2.85
CA GLU A 716 26.04 -27.21 3.66
C GLU A 716 27.32 -26.86 2.91
N LEU A 717 27.32 -26.96 1.59
CA LEU A 717 28.52 -26.72 0.82
C LEU A 717 28.81 -25.22 0.65
N ASN A 718 27.82 -24.43 0.25
CA ASN A 718 28.08 -23.02 -0.05
C ASN A 718 28.76 -22.26 1.08
N PRO A 719 28.42 -22.44 2.36
CA PRO A 719 29.16 -21.72 3.42
C PRO A 719 30.65 -21.96 3.38
N LEU A 720 31.10 -23.12 2.87
CA LEU A 720 32.53 -23.42 2.84
C LEU A 720 33.24 -22.76 1.67
N LEU A 721 32.50 -22.13 0.76
CA LEU A 721 33.09 -21.59 -0.47
C LEU A 721 33.33 -20.09 -0.39
N TYR A 722 33.25 -19.51 0.79
CA TYR A 722 33.41 -18.08 1.00
C TYR A 722 34.34 -17.87 2.17
N HIS A 723 35.32 -16.99 2.02
CA HIS A 723 36.23 -16.67 3.12
C HIS A 723 36.80 -15.28 2.92
N ILE A 724 36.93 -14.53 4.01
CA ILE A 724 37.70 -13.29 3.93
C ILE A 724 38.79 -13.29 4.99
N SER A 725 39.88 -12.62 4.69
CA SER A 725 40.97 -12.43 5.63
C SER A 725 41.62 -11.08 5.33
N PHE A 726 42.56 -10.69 6.19
CA PHE A 726 43.23 -9.41 6.11
C PHE A 726 44.73 -9.58 6.16
N GLN A 727 45.43 -8.69 5.45
CA GLN A 727 46.89 -8.58 5.54
C GLN A 727 47.22 -7.12 5.71
N ARG A 728 48.26 -6.85 6.49
CA ARG A 728 48.72 -5.47 6.67
C ARG A 728 49.39 -4.98 5.38
N ILE A 729 49.02 -3.79 4.94
CA ILE A 729 49.70 -3.10 3.84
C ILE A 729 50.42 -1.90 4.43
N ALA A 730 51.69 -1.71 4.05
CA ALA A 730 52.48 -0.62 4.60
C ALA A 730 51.83 0.72 4.32
N GLU A 731 51.91 1.62 5.32
CA GLU A 731 51.27 2.94 5.24
C GLU A 731 51.68 3.71 3.99
N LYS A 732 52.99 3.71 3.70
CA LYS A 732 53.50 4.52 2.59
C LYS A 732 52.99 4.02 1.24
N GLU A 733 52.78 2.72 1.09
CA GLU A 733 52.30 2.21 -0.19
C GLU A 733 50.88 2.69 -0.47
N ILE A 734 50.03 2.73 0.55
CA ILE A 734 48.67 3.25 0.39
C ILE A 734 48.70 4.73 0.10
N MET A 735 49.45 5.49 0.91
CA MET A 735 49.48 6.95 0.76
C MET A 735 50.10 7.36 -0.57
N ASP A 736 51.13 6.64 -1.02
CA ASP A 736 51.70 6.94 -2.33
C ASP A 736 50.65 6.70 -3.43
N ALA A 737 49.87 5.62 -3.30
CA ALA A 737 48.86 5.31 -4.32
C ALA A 737 47.78 6.38 -4.40
N VAL A 738 47.39 6.95 -3.26
CA VAL A 738 46.41 8.04 -3.26
C VAL A 738 47.05 9.30 -3.83
N GLU A 739 48.29 9.57 -3.46
CA GLU A 739 48.99 10.76 -3.96
C GLU A 739 49.06 10.77 -5.49
N THR A 740 49.26 9.62 -6.12
CA THR A 740 49.43 9.59 -7.57
C THR A 740 48.13 9.40 -8.33
N GLY A 741 47.00 9.29 -7.64
CA GLY A 741 45.75 8.98 -8.29
C GLY A 741 45.58 7.55 -8.75
N LYS A 742 46.40 6.61 -8.29
CA LYS A 742 46.12 5.21 -8.59
C LYS A 742 45.08 4.63 -7.66
N LEU A 743 44.88 5.25 -6.51
CA LEU A 743 43.92 4.78 -5.51
C LEU A 743 43.06 5.95 -5.09
N TYR A 744 41.74 5.81 -5.26
CA TYR A 744 40.79 6.74 -4.68
C TYR A 744 40.35 6.14 -3.34
N LEU A 745 40.66 6.83 -2.26
CA LEU A 745 40.43 6.30 -0.92
C LEU A 745 39.35 7.12 -0.22
N PHE A 746 38.32 6.44 0.28
CA PHE A 746 37.23 7.09 1.00
C PHE A 746 37.07 6.42 2.34
N GLN A 747 36.86 7.21 3.40
CA GLN A 747 36.41 6.60 4.64
C GLN A 747 34.94 6.22 4.49
N ILE A 748 34.61 5.00 4.87
CA ILE A 748 33.23 4.53 4.95
C ILE A 748 32.67 5.03 6.27
N TYR A 749 31.66 5.91 6.21
CA TYR A 749 31.32 6.73 7.36
C TYR A 749 29.83 6.75 7.66
N ASN A 750 29.52 6.69 8.95
CA ASN A 750 28.26 7.18 9.47
C ASN A 750 28.58 7.75 10.85
N LYS A 751 27.58 8.34 11.52
CA LYS A 751 27.91 9.13 12.70
C LYS A 751 28.38 8.29 13.88
N ASP A 752 28.20 6.98 13.84
CA ASP A 752 28.80 6.16 14.90
C ASP A 752 30.33 6.19 14.87
N PHE A 753 30.94 6.71 13.81
CA PHE A 753 32.39 6.88 13.74
C PHE A 753 32.83 8.31 14.02
N ALA A 754 31.92 9.15 14.46
CA ALA A 754 32.26 10.54 14.79
C ALA A 754 33.21 10.57 15.99
N LYS A 755 34.04 11.61 16.04
CA LYS A 755 35.00 11.73 17.14
C LYS A 755 34.29 11.73 18.49
N GLY A 756 33.19 12.47 18.61
CA GLY A 756 32.46 12.56 19.86
C GLY A 756 31.43 11.46 20.10
N HIS A 757 31.46 10.41 19.29
CA HIS A 757 30.55 9.28 19.50
C HIS A 757 30.82 8.61 20.85
N HIS A 758 29.75 8.23 21.57
CA HIS A 758 29.93 7.60 22.88
C HIS A 758 28.75 6.75 23.28
N GLY A 759 27.69 6.73 22.48
CA GLY A 759 26.48 6.00 22.81
C GLY A 759 26.43 4.67 22.09
N LYS A 760 25.23 4.08 22.07
CA LYS A 760 25.03 2.83 21.34
C LYS A 760 25.11 3.09 19.84
N PRO A 761 25.60 2.12 19.07
CA PRO A 761 25.60 2.26 17.61
C PRO A 761 24.23 1.96 17.03
N ASN A 762 24.05 2.39 15.77
CA ASN A 762 22.93 1.92 14.96
C ASN A 762 23.05 0.42 14.77
N LEU A 763 21.91 -0.26 14.66
CA LEU A 763 21.94 -1.67 14.27
C LEU A 763 22.81 -1.89 13.05
N HIS A 764 22.70 -1.01 12.04
CA HIS A 764 23.44 -1.22 10.80
C HIS A 764 24.94 -1.12 11.03
N THR A 765 25.37 -0.23 11.93
CA THR A 765 26.79 -0.21 12.28
C THR A 765 27.19 -1.53 12.92
N LEU A 766 26.32 -2.11 13.73
CA LEU A 766 26.62 -3.37 14.39
C LEU A 766 26.69 -4.53 13.39
N TYR A 767 25.82 -4.53 12.37
CA TYR A 767 25.95 -5.51 11.30
C TYR A 767 27.31 -5.41 10.65
N TRP A 768 27.78 -4.19 10.42
CA TRP A 768 29.03 -3.97 9.72
C TRP A 768 30.23 -4.35 10.58
N THR A 769 30.29 -3.86 11.81
CA THR A 769 31.44 -4.24 12.64
C THR A 769 31.38 -5.70 13.04
N GLY A 770 30.17 -6.27 13.17
CA GLY A 770 30.06 -7.71 13.35
C GLY A 770 30.63 -8.49 12.19
N LEU A 771 30.37 -8.03 10.96
CA LEU A 771 30.90 -8.70 9.78
C LEU A 771 32.41 -8.86 9.86
N PHE A 772 33.11 -7.82 10.30
CA PHE A 772 34.57 -7.85 10.32
C PHE A 772 35.15 -8.19 11.69
N SER A 773 34.32 -8.70 12.60
CA SER A 773 34.82 -9.14 13.91
C SER A 773 35.64 -10.42 13.79
N PRO A 774 36.56 -10.68 14.74
CA PRO A 774 37.33 -11.94 14.69
C PRO A 774 36.47 -13.19 14.67
N GLU A 775 35.38 -13.21 15.45
CA GLU A 775 34.48 -14.36 15.48
C GLU A 775 33.83 -14.60 14.13
N ASN A 776 33.39 -13.52 13.48
CA ASN A 776 32.76 -13.70 12.16
C ASN A 776 33.78 -14.05 11.10
N LEU A 777 35.03 -13.57 11.25
CA LEU A 777 36.07 -13.99 10.31
C LEU A 777 36.37 -15.47 10.46
N ALA A 778 36.38 -15.98 11.70
CA ALA A 778 36.63 -17.40 11.95
C ALA A 778 35.50 -18.29 11.42
N LYS A 779 34.24 -17.87 11.58
CA LYS A 779 33.13 -18.68 11.06
C LYS A 779 31.99 -17.76 10.66
N THR A 780 31.58 -17.81 9.39
CA THR A 780 30.79 -16.74 8.80
C THR A 780 29.33 -16.83 9.28
N SER A 781 28.89 -15.84 10.05
CA SER A 781 27.47 -15.55 10.21
C SER A 781 26.98 -14.46 9.27
N ILE A 782 27.83 -13.49 8.94
CA ILE A 782 27.47 -12.38 8.07
C ILE A 782 28.46 -12.35 6.92
N LYS A 783 27.94 -12.42 5.69
CA LYS A 783 28.76 -12.36 4.49
C LYS A 783 28.64 -10.98 3.85
N LEU A 784 29.77 -10.51 3.32
CA LEU A 784 29.81 -9.31 2.49
C LEU A 784 29.50 -9.69 1.04
N ASN A 785 28.49 -9.05 0.45
CA ASN A 785 28.07 -9.40 -0.89
C ASN A 785 28.63 -8.43 -1.94
N GLY A 786 28.77 -8.92 -3.16
CA GLY A 786 29.13 -8.10 -4.29
C GLY A 786 27.94 -7.25 -4.73
N GLN A 787 28.08 -6.67 -5.92
CA GLN A 787 27.09 -5.76 -6.50
C GLN A 787 26.84 -4.56 -5.57
N ALA A 788 27.94 -3.99 -5.08
CA ALA A 788 27.89 -2.72 -4.36
C ALA A 788 27.76 -1.57 -5.35
N GLU A 789 27.32 -0.42 -4.85
CA GLU A 789 27.08 0.74 -5.70
C GLU A 789 27.57 2.02 -5.03
N LEU A 790 28.13 2.93 -5.82
CA LEU A 790 28.56 4.24 -5.37
C LEU A 790 27.71 5.33 -6.02
N PHE A 791 27.38 6.37 -5.24
CA PHE A 791 26.57 7.47 -5.76
C PHE A 791 27.20 8.82 -5.44
N TYR A 792 26.90 9.80 -6.28
CA TYR A 792 27.16 11.20 -6.02
C TYR A 792 25.83 11.91 -5.83
N ARG A 793 25.66 12.60 -4.71
CA ARG A 793 24.44 13.38 -4.46
C ARG A 793 24.79 14.87 -4.40
N PRO A 794 24.48 15.65 -5.43
CA PRO A 794 24.75 17.09 -5.35
C PRO A 794 23.95 17.72 -4.23
N LYS A 795 24.44 18.85 -3.73
CA LYS A 795 23.74 19.53 -2.65
C LYS A 795 22.34 19.93 -3.11
N SER A 796 21.39 19.93 -2.17
CA SER A 796 20.00 20.20 -2.49
CA SER A 796 19.99 20.19 -2.49
C SER A 796 19.32 21.19 -1.55
N ARG A 797 19.97 21.66 -0.49
CA ARG A 797 19.38 22.61 0.42
C ARG A 797 20.33 23.78 0.64
N MET A 798 19.74 24.95 0.92
CA MET A 798 20.50 26.13 1.35
C MET A 798 20.80 26.07 2.84
N MET A 801 17.94 27.52 7.37
CA MET A 801 17.61 27.45 8.78
C MET A 801 18.78 26.91 9.61
N ALA A 802 19.32 27.75 10.51
CA ALA A 802 20.43 27.35 11.35
C ALA A 802 20.42 28.14 12.64
N HIS A 803 20.98 27.54 13.68
CA HIS A 803 21.21 28.21 14.96
C HIS A 803 22.64 28.75 14.96
N ARG A 804 22.77 30.07 14.85
CA ARG A 804 24.07 30.73 14.79
C ARG A 804 24.64 30.96 16.19
N LEU A 805 25.93 31.30 16.23
CA LEU A 805 26.70 31.24 17.48
C LEU A 805 26.12 32.11 18.58
N GLY A 806 25.74 33.34 18.26
CA GLY A 806 25.28 34.24 19.31
C GLY A 806 23.88 33.99 19.86
N GLU A 807 23.21 32.93 19.40
CA GLU A 807 21.79 32.74 19.61
C GLU A 807 21.51 31.77 20.76
N LYS A 808 20.23 31.51 20.99
CA LYS A 808 19.83 30.50 21.95
C LYS A 808 18.97 29.44 21.27
N MET A 809 19.10 28.23 21.75
CA MET A 809 18.20 27.15 21.39
C MET A 809 17.36 26.82 22.61
N LEU A 810 16.23 26.17 22.35
CA LEU A 810 15.23 25.87 23.38
C LEU A 810 14.98 24.37 23.37
N ASN A 811 15.18 23.73 24.53
CA ASN A 811 14.79 22.33 24.66
C ASN A 811 13.28 22.17 24.51
N LYS A 812 12.87 21.10 23.83
CA LYS A 812 11.45 20.80 23.69
C LYS A 812 10.82 20.40 25.02
N LYS A 813 11.61 19.85 25.93
CA LYS A 813 11.13 19.43 27.24
C LYS A 813 11.54 20.43 28.32
N LEU A 814 10.64 20.65 29.27
CA LEU A 814 10.91 21.58 30.36
C LEU A 814 11.99 21.02 31.28
N LYS A 815 12.23 21.78 32.36
CA LYS A 815 13.29 21.49 33.33
C LYS A 815 13.21 20.07 33.88
N ASP A 816 12.00 19.50 33.99
CA ASP A 816 11.84 18.17 34.52
C ASP A 816 12.26 17.07 33.54
N GLN A 817 12.63 17.44 32.32
CA GLN A 817 13.09 16.50 31.29
C GLN A 817 12.03 15.46 30.91
N LYS A 818 10.75 15.75 31.19
CA LYS A 818 9.65 14.88 30.77
C LYS A 818 8.46 15.63 30.19
N THR A 819 8.21 16.89 30.58
CA THR A 819 7.06 17.61 30.07
C THR A 819 7.44 18.36 28.80
N PRO A 820 6.82 18.05 27.67
CA PRO A 820 7.10 18.80 26.44
C PRO A 820 6.36 20.13 26.43
N ILE A 821 6.99 21.13 25.79
CA ILE A 821 6.32 22.41 25.51
C ILE A 821 5.43 22.25 24.28
N PRO A 822 4.13 22.53 24.35
CA PRO A 822 3.29 22.43 23.14
C PRO A 822 3.77 23.37 22.05
N ASP A 823 3.46 22.99 20.80
CA ASP A 823 4.08 23.61 19.61
C ASP A 823 3.94 25.14 19.59
N THR A 824 2.72 25.67 19.76
CA THR A 824 2.54 27.13 19.68
C THR A 824 3.28 27.84 20.79
N LEU A 825 3.34 27.23 21.98
CA LEU A 825 4.10 27.82 23.07
C LEU A 825 5.59 27.74 22.77
N TYR A 826 6.03 26.63 22.17
CA TYR A 826 7.44 26.43 21.84
C TYR A 826 7.93 27.51 20.89
N GLN A 827 7.19 27.76 19.80
CA GLN A 827 7.58 28.80 18.86
C GLN A 827 7.62 30.16 19.53
N GLU A 828 6.61 30.48 20.35
CA GLU A 828 6.59 31.78 21.01
C GLU A 828 7.78 31.93 21.96
N LEU A 829 8.04 30.90 22.77
CA LEU A 829 9.16 30.98 23.71
C LEU A 829 10.50 31.03 22.98
N TYR A 830 10.65 30.24 21.91
CA TYR A 830 11.90 30.29 21.16
C TYR A 830 12.16 31.68 20.62
N ASP A 831 11.14 32.33 20.04
CA ASP A 831 11.32 33.69 19.57
C ASP A 831 11.64 34.63 20.72
N TYR A 832 10.99 34.43 21.87
CA TYR A 832 11.15 35.34 22.99
C TYR A 832 12.58 35.29 23.54
N VAL A 833 13.12 34.10 23.77
CA VAL A 833 14.45 34.03 24.38
C VAL A 833 15.52 34.47 23.40
N ASN A 834 15.21 34.51 22.11
CA ASN A 834 16.11 35.06 21.11
C ASN A 834 15.79 36.51 20.77
N HIS A 835 14.96 37.17 21.59
CA HIS A 835 14.59 38.58 21.45
C HIS A 835 14.01 38.90 20.06
N ARG A 836 13.27 37.96 19.49
CA ARG A 836 12.59 38.16 18.23
C ARG A 836 11.06 38.17 18.37
N LEU A 837 10.53 38.26 19.57
CA LEU A 837 9.08 38.26 19.75
C LEU A 837 8.58 39.69 19.59
N SER A 838 7.66 39.89 18.65
CA SER A 838 7.17 41.23 18.35
C SER A 838 6.01 41.67 19.21
N HIS A 839 5.71 40.94 20.29
CA HIS A 839 4.54 41.28 21.11
C HIS A 839 4.71 40.67 22.50
N ASP A 840 3.74 40.93 23.38
CA ASP A 840 3.72 40.34 24.72
C ASP A 840 3.83 38.82 24.65
N LEU A 841 4.57 38.25 25.60
CA LEU A 841 4.49 36.81 25.87
C LEU A 841 3.10 36.46 26.39
N SER A 842 2.51 35.39 25.87
CA SER A 842 1.23 34.94 26.40
C SER A 842 1.34 34.59 27.90
N ASP A 843 0.20 34.57 28.58
CA ASP A 843 0.19 34.26 30.00
C ASP A 843 0.80 32.88 30.25
N GLU A 844 0.42 31.89 29.45
CA GLU A 844 0.88 30.53 29.70
C GLU A 844 2.36 30.39 29.38
N ALA A 845 2.83 31.06 28.31
CA ALA A 845 4.26 31.04 28.00
C ALA A 845 5.07 31.70 29.11
N ARG A 846 4.60 32.84 29.62
CA ARG A 846 5.34 33.49 30.71
C ARG A 846 5.33 32.62 31.96
N ALA A 847 4.24 31.88 32.21
CA ALA A 847 4.22 30.93 33.32
C ALA A 847 5.26 29.83 33.15
N LEU A 848 5.44 29.33 31.93
CA LEU A 848 6.45 28.29 31.69
C LEU A 848 7.87 28.83 31.73
N LEU A 849 8.05 30.13 31.51
CA LEU A 849 9.38 30.70 31.31
C LEU A 849 10.42 30.27 32.35
N PRO A 850 10.12 30.23 33.66
CA PRO A 850 11.16 29.79 34.61
C PRO A 850 11.53 28.32 34.50
N ASN A 851 10.73 27.49 33.84
CA ASN A 851 10.99 26.06 33.78
C ASN A 851 11.46 25.57 32.41
N VAL A 852 11.77 26.49 31.48
CA VAL A 852 12.32 26.08 30.21
C VAL A 852 13.83 25.89 30.37
N ILE A 853 14.44 25.23 29.39
CA ILE A 853 15.89 25.09 29.32
C ILE A 853 16.33 25.67 27.98
N THR A 854 17.17 26.70 28.03
CA THR A 854 17.78 27.24 26.83
C THR A 854 19.25 26.83 26.78
N LYS A 855 19.76 26.67 25.56
CA LYS A 855 21.15 26.30 25.32
C LYS A 855 21.81 27.47 24.60
N GLU A 856 23.02 27.82 25.03
CA GLU A 856 23.82 28.76 24.25
C GLU A 856 24.42 28.05 23.05
N VAL A 857 24.36 28.70 21.89
CA VAL A 857 24.90 28.08 20.68
C VAL A 857 26.41 28.26 20.69
N SER A 858 27.13 27.18 20.98
CA SER A 858 28.59 27.24 20.98
C SER A 858 29.20 26.78 19.65
N HIS A 859 28.43 26.07 18.84
CA HIS A 859 28.83 25.66 17.49
C HIS A 859 27.56 25.52 16.66
N GLU A 860 27.61 25.99 15.42
CA GLU A 860 26.40 26.09 14.60
C GLU A 860 25.78 24.71 14.36
N ILE A 861 24.46 24.64 14.53
CA ILE A 861 23.69 23.44 14.26
C ILE A 861 22.70 23.78 13.17
N ILE A 862 22.83 23.12 12.03
CA ILE A 862 22.23 23.54 10.78
C ILE A 862 21.21 22.49 10.38
N LYS A 863 19.94 22.90 10.29
CA LYS A 863 18.91 22.01 9.75
C LYS A 863 19.34 21.54 8.36
N ASP A 864 19.06 20.27 8.06
CA ASP A 864 19.36 19.67 6.75
C ASP A 864 20.83 19.77 6.37
N ARG A 865 21.74 19.92 7.34
CA ARG A 865 23.15 20.14 7.03
C ARG A 865 23.68 19.10 6.04
N ARG A 866 23.24 17.86 6.16
CA ARG A 866 23.73 16.79 5.28
C ARG A 866 23.42 17.07 3.81
N PHE A 867 22.38 17.86 3.53
CA PHE A 867 21.97 18.14 2.15
C PHE A 867 22.59 19.43 1.60
N THR A 868 23.36 20.15 2.39
CA THR A 868 23.84 21.47 1.98
C THR A 868 25.19 21.42 1.29
N SER A 869 25.79 20.24 1.13
CA SER A 869 27.01 20.10 0.36
C SER A 869 26.94 18.81 -0.46
N ASP A 870 27.75 18.75 -1.51
CA ASP A 870 27.85 17.54 -2.32
C ASP A 870 28.46 16.41 -1.49
N LYS A 871 27.96 15.20 -1.68
CA LYS A 871 28.48 14.05 -0.95
C LYS A 871 28.54 12.82 -1.83
N PHE A 872 29.34 11.85 -1.39
CA PHE A 872 29.50 10.53 -1.98
C PHE A 872 28.85 9.51 -1.07
N PHE A 873 28.30 8.44 -1.66
CA PHE A 873 27.62 7.44 -0.87
C PHE A 873 27.95 6.05 -1.38
N PHE A 874 27.76 5.06 -0.50
CA PHE A 874 28.18 3.68 -0.73
C PHE A 874 27.05 2.79 -0.23
N HIS A 875 26.52 1.94 -1.10
CA HIS A 875 25.46 1.00 -0.76
C HIS A 875 26.03 -0.39 -0.96
N VAL A 876 25.97 -1.21 0.09
CA VAL A 876 26.65 -2.50 0.02
C VAL A 876 25.76 -3.56 0.62
N PRO A 877 25.47 -4.63 -0.10
CA PRO A 877 24.59 -5.66 0.45
C PRO A 877 25.38 -6.65 1.30
N ILE A 878 24.68 -7.20 2.30
CA ILE A 878 25.22 -8.23 3.16
C ILE A 878 24.17 -9.33 3.29
N THR A 879 24.61 -10.50 3.74
CA THR A 879 23.71 -11.60 4.03
C THR A 879 23.92 -12.05 5.47
N LEU A 880 22.85 -12.00 6.26
CA LEU A 880 22.90 -12.51 7.63
C LEU A 880 22.38 -13.94 7.68
N ASN A 881 22.69 -14.64 8.78
CA ASN A 881 22.41 -16.07 8.93
C ASN A 881 23.03 -16.88 7.81
N TYR A 882 24.29 -16.61 7.51
CA TYR A 882 24.89 -17.20 6.32
C TYR A 882 25.00 -18.72 6.38
N GLN A 883 25.05 -19.31 7.58
CA GLN A 883 25.22 -20.76 7.69
C GLN A 883 23.96 -21.54 7.31
N ALA A 884 22.84 -20.86 7.15
CA ALA A 884 21.57 -21.50 6.84
C ALA A 884 21.36 -21.64 5.33
N ALA A 885 20.31 -22.37 4.99
CA ALA A 885 19.86 -22.45 3.60
C ALA A 885 19.27 -21.11 3.15
N ASN A 886 19.14 -20.98 1.83
CA ASN A 886 18.59 -19.77 1.20
CA ASN A 886 18.62 -19.73 1.29
C ASN A 886 17.12 -19.57 1.56
N SER A 887 16.40 -20.66 1.81
CA SER A 887 15.00 -20.63 2.19
C SER A 887 14.77 -21.69 3.26
N PRO A 888 13.84 -21.48 4.17
CA PRO A 888 13.58 -22.48 5.20
C PRO A 888 12.71 -23.60 4.67
N SER A 889 12.72 -24.71 5.40
CA SER A 889 11.80 -25.81 5.13
C SER A 889 10.89 -25.97 6.34
N LYS A 890 9.58 -25.92 6.09
CA LYS A 890 8.57 -26.21 7.10
C LYS A 890 8.70 -25.27 8.31
N PHE A 891 8.94 -23.98 8.05
CA PHE A 891 9.12 -23.03 9.13
C PHE A 891 7.93 -23.03 10.08
N ASN A 892 6.71 -23.01 9.54
CA ASN A 892 5.52 -22.92 10.39
C ASN A 892 5.35 -24.16 11.27
N GLN A 893 5.66 -25.35 10.74
CA GLN A 893 5.57 -26.55 11.57
C GLN A 893 6.60 -26.55 12.67
N ARG A 894 7.78 -25.97 12.42
CA ARG A 894 8.78 -25.88 13.46
C ARG A 894 8.29 -25.02 14.61
N VAL A 895 7.67 -23.88 14.30
CA VAL A 895 7.05 -23.04 15.31
C VAL A 895 5.95 -23.81 16.03
N ASN A 896 5.09 -24.50 15.28
CA ASN A 896 3.97 -25.19 15.92
C ASN A 896 4.45 -26.32 16.81
N ALA A 897 5.55 -27.00 16.47
CA ALA A 897 6.13 -27.98 17.39
C ALA A 897 6.55 -27.32 18.69
N TYR A 898 7.20 -26.15 18.60
CA TYR A 898 7.53 -25.40 19.80
C TYR A 898 6.26 -25.04 20.58
N LEU A 899 5.23 -24.53 19.89
CA LEU A 899 4.02 -24.07 20.58
C LEU A 899 3.28 -25.22 21.26
N LYS A 900 3.33 -26.43 20.67
CA LYS A 900 2.72 -27.58 21.34
C LYS A 900 3.48 -27.98 22.60
N GLU A 901 4.81 -27.83 22.61
CA GLU A 901 5.58 -28.11 23.83
C GLU A 901 5.55 -26.97 24.83
N HIS A 902 5.01 -25.81 24.46
CA HIS A 902 4.96 -24.65 25.34
C HIS A 902 3.55 -24.12 25.40
N PRO A 903 2.63 -24.88 26.04
CA PRO A 903 1.22 -24.48 26.03
C PRO A 903 0.93 -23.22 26.81
N GLU A 904 1.90 -22.68 27.54
CA GLU A 904 1.69 -21.44 28.29
C GLU A 904 2.20 -20.22 27.55
N THR A 905 2.55 -20.36 26.27
CA THR A 905 2.95 -19.25 25.43
C THR A 905 1.89 -18.14 25.47
N PRO A 906 2.26 -16.92 25.86
CA PRO A 906 1.28 -15.81 25.86
C PRO A 906 1.03 -15.30 24.44
N ILE A 907 0.07 -14.38 24.34
CA ILE A 907 -0.43 -13.94 23.04
C ILE A 907 -0.57 -12.42 23.04
N ILE A 908 -0.01 -11.78 22.02
CA ILE A 908 -0.14 -10.33 21.84
C ILE A 908 -1.14 -10.09 20.71
N GLY A 909 -2.27 -9.46 21.06
CA GLY A 909 -3.28 -9.09 20.07
C GLY A 909 -3.11 -7.64 19.67
N ILE A 910 -3.15 -7.41 18.36
CA ILE A 910 -2.86 -6.09 17.82
C ILE A 910 -4.02 -5.69 16.92
N ASP A 911 -4.69 -4.62 17.27
CA ASP A 911 -5.88 -4.22 16.52
C ASP A 911 -5.68 -2.81 16.00
N ARG A 912 -6.39 -2.49 14.92
CA ARG A 912 -6.49 -1.11 14.47
C ARG A 912 -7.82 -0.58 14.96
N GLY A 913 -7.81 0.60 15.56
CA GLY A 913 -8.96 1.08 16.27
C GLY A 913 -9.69 2.16 15.49
N GLU A 914 -10.91 2.43 15.94
CA GLU A 914 -11.67 3.56 15.44
C GLU A 914 -11.06 4.88 15.91
N ARG A 915 -10.70 4.97 17.20
CA ARG A 915 -10.01 6.15 17.69
C ARG A 915 -8.55 5.89 18.05
N ASN A 916 -7.98 4.76 17.63
CA ASN A 916 -6.59 4.45 17.95
C ASN A 916 -5.93 3.88 16.69
N LEU A 917 -4.77 4.42 16.33
CA LEU A 917 -4.04 3.87 15.20
C LEU A 917 -3.78 2.39 15.40
N ILE A 918 -3.24 2.04 16.57
CA ILE A 918 -2.91 0.67 16.91
C ILE A 918 -3.21 0.48 18.39
N TYR A 919 -3.80 -0.66 18.73
CA TYR A 919 -4.12 -0.99 20.10
C TYR A 919 -3.61 -2.39 20.38
N ILE A 920 -2.96 -2.59 21.52
CA ILE A 920 -2.41 -3.90 21.87
C ILE A 920 -3.05 -4.38 23.16
N THR A 921 -3.30 -5.69 23.22
CA THR A 921 -3.68 -6.39 24.44
C THR A 921 -2.83 -7.65 24.54
N VAL A 922 -2.11 -7.79 25.64
CA VAL A 922 -1.33 -8.99 25.93
C VAL A 922 -2.13 -9.86 26.88
N ILE A 923 -2.28 -11.14 26.54
CA ILE A 923 -3.01 -12.09 27.39
C ILE A 923 -2.11 -13.27 27.70
N ASP A 924 -2.36 -13.90 28.85
CA ASP A 924 -1.69 -15.18 29.09
C ASP A 924 -2.44 -16.28 28.36
N SER A 925 -1.96 -17.52 28.50
CA SER A 925 -2.48 -18.61 27.67
C SER A 925 -3.91 -18.99 28.01
N THR A 926 -4.47 -18.53 29.14
CA THR A 926 -5.87 -18.80 29.45
C THR A 926 -6.77 -17.58 29.22
N GLY A 927 -6.23 -16.50 28.67
CA GLY A 927 -7.04 -15.35 28.35
C GLY A 927 -7.07 -14.24 29.37
N LYS A 928 -6.22 -14.30 30.40
CA LYS A 928 -6.17 -13.22 31.37
C LYS A 928 -5.35 -12.07 30.79
N ILE A 929 -5.86 -10.86 30.94
CA ILE A 929 -5.20 -9.70 30.36
C ILE A 929 -4.01 -9.31 31.24
N LEU A 930 -2.82 -9.28 30.65
CA LEU A 930 -1.61 -8.86 31.34
C LEU A 930 -1.27 -7.39 31.13
N GLU A 931 -1.51 -6.88 29.91
CA GLU A 931 -1.25 -5.49 29.54
C GLU A 931 -2.22 -5.10 28.45
N GLN A 932 -2.60 -3.83 28.43
CA GLN A 932 -3.41 -3.31 27.33
C GLN A 932 -3.11 -1.83 27.18
N ARG A 933 -2.98 -1.38 25.94
CA ARG A 933 -2.39 -0.07 25.67
C ARG A 933 -2.80 0.41 24.30
N SER A 934 -3.26 1.66 24.23
CA SER A 934 -3.28 2.37 22.96
C SER A 934 -1.86 2.81 22.61
N LEU A 935 -1.51 2.70 21.32
CA LEU A 935 -0.23 3.18 20.86
C LEU A 935 -0.34 4.52 20.12
N ASN A 936 -1.39 5.29 20.38
CA ASN A 936 -1.51 6.63 19.78
C ASN A 936 -0.32 7.50 20.19
N THR A 937 0.08 7.39 21.44
CA THR A 937 1.18 8.16 22.01
C THR A 937 2.30 7.21 22.38
N ILE A 938 3.53 7.58 22.05
CA ILE A 938 4.70 6.81 22.45
C ILE A 938 5.69 7.81 23.05
N GLN A 939 5.98 7.64 24.33
CA GLN A 939 6.88 8.53 25.07
C GLN A 939 6.48 10.00 24.91
N GLN A 940 5.27 10.30 25.37
CA GLN A 940 4.71 11.65 25.41
C GLN A 940 4.67 12.33 24.04
N PHE A 941 4.95 11.63 22.95
CA PHE A 941 4.73 12.17 21.62
C PHE A 941 3.46 11.55 21.03
N ASP A 942 2.49 12.41 20.70
CA ASP A 942 1.19 11.96 20.21
C ASP A 942 1.27 11.85 18.69
N TYR A 943 1.63 10.66 18.21
CA TYR A 943 1.75 10.46 16.76
C TYR A 943 0.40 10.50 16.06
N GLN A 944 -0.65 10.09 16.74
CA GLN A 944 -1.99 10.15 16.16
C GLN A 944 -2.37 11.59 15.79
N LYS A 945 -2.18 12.51 16.74
CA LYS A 945 -2.42 13.94 16.49
C LYS A 945 -1.49 14.48 15.42
N LYS A 946 -0.20 14.14 15.51
CA LYS A 946 0.75 14.64 14.52
C LYS A 946 0.37 14.18 13.12
N LEU A 947 0.02 12.89 12.96
CA LEU A 947 -0.34 12.41 11.63
C LEU A 947 -1.63 13.06 11.12
N ASP A 948 -2.61 13.23 11.99
CA ASP A 948 -3.86 13.85 11.56
C ASP A 948 -3.62 15.29 11.13
N ASN A 949 -2.78 16.02 11.88
CA ASN A 949 -2.44 17.38 11.50
C ASN A 949 -1.66 17.45 10.20
N ARG A 950 -0.74 16.50 9.98
CA ARG A 950 0.02 16.50 8.73
C ARG A 950 -0.88 16.21 7.53
N GLU A 951 -1.87 15.34 7.69
CA GLU A 951 -2.76 15.10 6.55
C GLU A 951 -3.63 16.32 6.25
N LYS A 952 -4.10 17.02 7.29
CA LYS A 952 -4.84 18.27 7.05
C LYS A 952 -3.98 19.28 6.30
N GLU A 953 -2.70 19.36 6.65
CA GLU A 953 -1.80 20.30 5.98
C GLU A 953 -1.64 19.97 4.51
N ARG A 954 -1.46 18.68 4.21
CA ARG A 954 -1.31 18.22 2.82
C ARG A 954 -2.55 18.52 1.99
N VAL A 955 -3.74 18.30 2.55
CA VAL A 955 -4.96 18.63 1.83
C VAL A 955 -5.03 20.13 1.56
N ALA A 956 -4.70 20.95 2.56
CA ALA A 956 -4.76 22.40 2.35
C ALA A 956 -3.73 22.84 1.34
N ALA A 957 -2.55 22.20 1.34
CA ALA A 957 -1.51 22.54 0.38
C ALA A 957 -1.96 22.23 -1.05
N ARG A 958 -2.54 21.05 -1.26
CA ARG A 958 -3.06 20.72 -2.59
C ARG A 958 -4.10 21.74 -3.04
N GLN A 959 -5.00 22.13 -2.11
CA GLN A 959 -6.05 23.08 -2.45
C GLN A 959 -5.47 24.45 -2.79
N ALA A 960 -4.36 24.84 -2.15
CA ALA A 960 -3.74 26.13 -2.38
C ALA A 960 -2.68 26.11 -3.47
N TRP A 961 -2.49 24.99 -4.17
CA TRP A 961 -1.43 24.85 -5.18
C TRP A 961 -0.05 25.14 -4.59
N SER A 962 0.22 24.63 -3.39
CA SER A 962 1.54 24.79 -2.77
C SER A 962 2.17 23.42 -2.53
N VAL A 963 3.37 23.43 -1.96
CA VAL A 963 4.15 22.20 -1.83
C VAL A 963 3.48 21.27 -0.84
N VAL A 964 3.30 20.02 -1.24
CA VAL A 964 2.63 19.00 -0.45
C VAL A 964 3.69 18.30 0.39
N GLY A 965 3.62 18.47 1.72
CA GLY A 965 4.64 17.89 2.60
C GLY A 965 4.45 16.39 2.74
N THR A 966 5.56 15.65 2.78
CA THR A 966 5.39 14.20 2.78
C THR A 966 4.76 13.75 4.10
N ILE A 967 4.13 12.58 4.05
CA ILE A 967 3.63 11.94 5.26
C ILE A 967 4.24 10.56 5.48
N LYS A 968 4.76 9.89 4.44
CA LYS A 968 5.31 8.55 4.63
C LYS A 968 6.49 8.52 5.59
N ASP A 969 7.30 9.60 5.64
CA ASP A 969 8.44 9.57 6.57
C ASP A 969 7.96 9.66 8.01
N LEU A 970 6.94 10.48 8.27
CA LEU A 970 6.35 10.53 9.60
C LEU A 970 5.72 9.21 9.98
N LYS A 971 5.02 8.56 9.02
CA LYS A 971 4.43 7.24 9.27
C LYS A 971 5.49 6.22 9.62
N GLN A 972 6.59 6.22 8.86
CA GLN A 972 7.67 5.27 9.12
C GLN A 972 8.30 5.53 10.48
N GLY A 973 8.52 6.80 10.81
CA GLY A 973 9.05 7.13 12.13
C GLY A 973 8.16 6.60 13.25
N TYR A 974 6.86 6.84 13.15
CA TYR A 974 5.91 6.29 14.12
C TYR A 974 5.99 4.77 14.17
N LEU A 975 5.96 4.12 13.00
CA LEU A 975 5.88 2.67 13.01
C LEU A 975 7.16 2.04 13.55
N SER A 976 8.29 2.71 13.37
CA SER A 976 9.52 2.14 13.93
C SER A 976 9.43 2.08 15.46
N GLN A 977 8.78 3.07 16.08
CA GLN A 977 8.59 3.04 17.53
C GLN A 977 7.61 1.93 17.94
N VAL A 978 6.54 1.75 17.17
CA VAL A 978 5.60 0.65 17.41
C VAL A 978 6.31 -0.70 17.31
N ILE A 979 7.08 -0.90 16.24
CA ILE A 979 7.88 -2.12 16.08
C ILE A 979 8.76 -2.36 17.31
N HIS A 980 9.43 -1.31 17.78
CA HIS A 980 10.33 -1.49 18.92
C HIS A 980 9.56 -1.97 20.15
N GLU A 981 8.37 -1.42 20.37
CA GLU A 981 7.60 -1.82 21.54
C GLU A 981 7.05 -3.24 21.39
N ILE A 982 6.48 -3.56 20.22
CA ILE A 982 5.92 -4.89 20.01
C ILE A 982 7.00 -5.96 20.14
N VAL A 983 8.13 -5.76 19.47
CA VAL A 983 9.19 -6.76 19.51
C VAL A 983 9.67 -6.96 20.95
N ASP A 984 9.82 -5.86 21.69
CA ASP A 984 10.27 -5.97 23.08
C ASP A 984 9.29 -6.79 23.89
N LEU A 985 7.99 -6.58 23.67
CA LEU A 985 6.99 -7.41 24.35
C LEU A 985 7.10 -8.87 23.92
N MET A 986 7.26 -9.10 22.62
CA MET A 986 7.33 -10.46 22.12
CA MET A 986 7.33 -10.46 22.11
CA MET A 986 7.35 -10.46 22.10
C MET A 986 8.52 -11.21 22.71
N ILE A 987 9.68 -10.56 22.79
CA ILE A 987 10.88 -11.21 23.32
C ILE A 987 10.76 -11.40 24.82
N HIS A 988 10.23 -10.41 25.53
CA HIS A 988 10.10 -10.52 26.97
C HIS A 988 9.14 -11.65 27.34
N TYR A 989 7.99 -11.73 26.67
CA TYR A 989 7.00 -12.75 26.99
C TYR A 989 7.21 -14.06 26.25
N GLN A 990 8.09 -14.10 25.26
CA GLN A 990 8.20 -15.22 24.33
C GLN A 990 6.84 -15.55 23.72
N ALA A 991 6.17 -14.52 23.21
CA ALA A 991 4.77 -14.57 22.83
C ALA A 991 4.57 -14.76 21.33
N VAL A 992 3.42 -15.30 21.00
CA VAL A 992 2.86 -15.20 19.66
C VAL A 992 2.22 -13.82 19.47
N VAL A 993 2.23 -13.29 18.26
CA VAL A 993 1.60 -12.02 17.91
C VAL A 993 0.45 -12.32 16.94
N VAL A 994 -0.72 -11.74 17.18
CA VAL A 994 -1.89 -12.00 16.34
C VAL A 994 -2.34 -10.69 15.74
N LEU A 995 -2.55 -10.68 14.43
CA LEU A 995 -2.98 -9.51 13.66
C LEU A 995 -4.27 -9.81 12.92
N GLU A 996 -4.97 -8.73 12.53
CA GLU A 996 -6.17 -8.83 11.71
C GLU A 996 -5.84 -9.29 10.30
N ASN A 997 -6.57 -10.30 9.82
CA ASN A 997 -6.45 -10.74 8.44
C ASN A 997 -7.18 -9.74 7.54
N LEU A 998 -6.41 -8.99 6.75
CA LEU A 998 -6.94 -7.80 6.09
C LEU A 998 -7.82 -8.11 4.87
N ASN A 999 -7.92 -9.38 4.47
CA ASN A 999 -8.86 -9.74 3.42
C ASN A 999 -10.31 -9.67 3.87
N PHE A 1000 -10.57 -9.78 5.17
CA PHE A 1000 -11.92 -9.74 5.70
C PHE A 1000 -12.26 -8.34 6.21
N ALA A 1013 -4.18 2.92 6.39
CA ALA A 1013 -3.08 2.22 5.73
C ALA A 1013 -1.92 2.01 6.70
N VAL A 1014 -1.94 2.76 7.81
CA VAL A 1014 -0.91 2.63 8.83
C VAL A 1014 -0.78 1.20 9.32
N TYR A 1015 -1.90 0.46 9.37
CA TYR A 1015 -1.89 -0.90 9.90
C TYR A 1015 -1.29 -1.90 8.91
N GLN A 1016 -1.55 -1.74 7.61
CA GLN A 1016 -1.02 -2.70 6.64
C GLN A 1016 0.49 -2.54 6.49
N GLN A 1017 0.97 -1.30 6.42
CA GLN A 1017 2.41 -1.07 6.39
C GLN A 1017 3.07 -1.57 7.66
N PHE A 1018 2.38 -1.42 8.80
CA PHE A 1018 2.89 -1.96 10.05
C PHE A 1018 3.09 -3.48 9.94
N GLU A 1019 2.16 -4.17 9.30
CA GLU A 1019 2.26 -5.63 9.24
C GLU A 1019 3.51 -6.06 8.50
N LYS A 1020 3.82 -5.38 7.39
CA LYS A 1020 4.99 -5.77 6.60
C LYS A 1020 6.27 -5.44 7.36
N MET A 1021 6.32 -4.30 8.04
CA MET A 1021 7.50 -3.95 8.80
C MET A 1021 7.72 -4.91 9.97
N LEU A 1022 6.63 -5.39 10.59
CA LEU A 1022 6.79 -6.31 11.70
C LEU A 1022 7.26 -7.68 11.21
N ILE A 1023 6.67 -8.18 10.13
CA ILE A 1023 7.15 -9.45 9.57
C ILE A 1023 8.62 -9.34 9.20
N ASP A 1024 8.98 -8.25 8.52
CA ASP A 1024 10.35 -8.06 8.03
C ASP A 1024 11.34 -7.97 9.17
N LYS A 1025 10.99 -7.23 10.24
CA LYS A 1025 11.89 -7.16 11.38
C LYS A 1025 12.12 -8.55 11.96
N LEU A 1026 11.07 -9.37 12.05
CA LEU A 1026 11.21 -10.68 12.66
C LEU A 1026 11.78 -11.74 11.73
N ASN A 1027 11.99 -11.43 10.44
CA ASN A 1027 12.79 -12.34 9.61
C ASN A 1027 14.23 -12.39 10.08
N CYS A 1028 14.71 -11.36 10.77
CA CYS A 1028 16.12 -11.30 11.13
C CYS A 1028 16.24 -10.25 12.24
N LEU A 1029 16.09 -10.69 13.50
CA LEU A 1029 15.97 -9.78 14.63
C LEU A 1029 17.27 -9.77 15.43
N VAL A 1030 17.95 -8.64 15.44
CA VAL A 1030 19.12 -8.40 16.28
C VAL A 1030 18.73 -7.38 17.35
N LEU A 1031 19.05 -7.69 18.60
CA LEU A 1031 18.84 -6.77 19.71
C LEU A 1031 20.21 -6.20 20.07
N LYS A 1032 20.37 -4.89 19.92
CA LYS A 1032 21.73 -4.32 19.91
C LYS A 1032 22.45 -4.44 21.25
N ASP A 1033 21.73 -4.66 22.35
CA ASP A 1033 22.34 -4.86 23.67
C ASP A 1033 22.75 -6.30 23.95
N TYR A 1034 22.40 -7.24 23.10
CA TYR A 1034 22.75 -8.62 23.36
C TYR A 1034 24.20 -8.88 22.98
N PRO A 1035 24.92 -9.74 23.72
CA PRO A 1035 26.25 -10.17 23.27
C PRO A 1035 26.17 -10.84 21.90
N ALA A 1036 27.18 -10.60 21.08
CA ALA A 1036 27.19 -11.05 19.69
C ALA A 1036 26.90 -12.53 19.55
N GLU A 1037 27.32 -13.34 20.51
CA GLU A 1037 27.24 -14.79 20.41
C GLU A 1037 25.98 -15.37 21.03
N LYS A 1038 25.19 -14.55 21.72
CA LYS A 1038 23.91 -15.03 22.22
C LYS A 1038 22.89 -15.00 21.08
N VAL A 1039 21.87 -15.85 21.20
CA VAL A 1039 20.78 -15.77 20.23
C VAL A 1039 20.08 -14.43 20.40
N GLY A 1040 19.90 -13.72 19.29
CA GLY A 1040 19.47 -12.35 19.31
C GLY A 1040 20.62 -11.37 19.15
N GLY A 1041 21.85 -11.79 19.41
CA GLY A 1041 23.02 -10.98 19.11
C GLY A 1041 23.30 -10.97 17.61
N VAL A 1042 24.20 -10.08 17.22
CA VAL A 1042 24.37 -9.80 15.79
C VAL A 1042 24.84 -11.03 15.02
N LEU A 1043 25.59 -11.94 15.66
CA LEU A 1043 26.06 -13.14 14.96
C LEU A 1043 25.08 -14.30 15.06
N ASN A 1044 23.99 -14.16 15.80
CA ASN A 1044 22.98 -15.22 15.93
C ASN A 1044 21.58 -14.60 15.98
N PRO A 1045 21.16 -13.94 14.89
CA PRO A 1045 19.87 -13.24 14.91
C PRO A 1045 18.70 -14.17 15.19
N TYR A 1046 17.68 -13.67 15.89
CA TYR A 1046 16.42 -14.38 15.96
C TYR A 1046 15.76 -14.40 14.59
N GLN A 1047 15.08 -15.50 14.29
CA GLN A 1047 14.21 -15.58 13.13
C GLN A 1047 12.90 -16.19 13.61
N LEU A 1048 11.89 -15.33 13.80
CA LEU A 1048 10.62 -15.70 14.39
C LEU A 1048 9.46 -15.67 13.40
N THR A 1049 9.62 -15.05 12.23
CA THR A 1049 8.60 -15.10 11.18
C THR A 1049 9.15 -15.83 9.97
N ASP A 1050 8.23 -16.41 9.19
CA ASP A 1050 8.60 -17.11 7.97
C ASP A 1050 9.16 -16.13 6.95
N GLN A 1051 9.99 -16.65 6.05
CA GLN A 1051 10.64 -15.81 5.05
C GLN A 1051 9.59 -15.04 4.25
N PHE A 1052 9.70 -13.72 4.22
CA PHE A 1052 8.70 -12.93 3.53
C PHE A 1052 8.94 -12.96 2.03
N THR A 1053 7.90 -13.26 1.26
CA THR A 1053 7.95 -13.20 -0.19
C THR A 1053 7.04 -12.10 -0.71
N SER A 1054 5.74 -12.21 -0.46
CA SER A 1054 4.79 -11.17 -0.80
C SER A 1054 3.56 -11.36 0.09
N PHE A 1055 2.72 -10.32 0.13
CA PHE A 1055 1.45 -10.44 0.83
C PHE A 1055 0.52 -11.42 0.13
N ALA A 1056 0.52 -11.42 -1.21
CA ALA A 1056 -0.37 -12.30 -1.94
C ALA A 1056 -0.03 -13.76 -1.69
N LYS A 1057 1.25 -14.08 -1.56
CA LYS A 1057 1.71 -15.45 -1.34
C LYS A 1057 1.77 -15.83 0.13
N MET A 1058 0.99 -15.19 0.99
CA MET A 1058 1.07 -15.42 2.42
C MET A 1058 -0.21 -16.06 2.94
N GLY A 1059 -0.06 -17.11 3.75
CA GLY A 1059 -1.16 -17.73 4.44
C GLY A 1059 -1.52 -16.96 5.70
N THR A 1060 -2.20 -17.65 6.61
CA THR A 1060 -2.66 -17.06 7.85
C THR A 1060 -1.66 -17.24 9.01
N GLN A 1061 -0.53 -17.91 8.76
CA GLN A 1061 0.54 -18.01 9.75
C GLN A 1061 1.86 -17.69 9.07
N SER A 1062 2.67 -16.85 9.72
CA SER A 1062 4.07 -16.64 9.35
C SER A 1062 4.86 -16.82 10.63
N GLY A 1063 5.22 -18.05 10.94
CA GLY A 1063 5.93 -18.36 12.17
C GLY A 1063 5.11 -18.00 13.41
N PHE A 1064 5.67 -17.15 14.25
CA PHE A 1064 5.03 -16.72 15.48
C PHE A 1064 3.97 -15.64 15.26
N LEU A 1065 3.76 -15.22 14.02
CA LEU A 1065 2.72 -14.24 13.69
CA LEU A 1065 2.71 -14.24 13.69
C LEU A 1065 1.54 -14.97 13.08
N PHE A 1066 0.32 -14.66 13.56
CA PHE A 1066 -0.91 -15.25 13.07
C PHE A 1066 -1.86 -14.15 12.62
N TYR A 1067 -2.67 -14.46 11.62
CA TYR A 1067 -3.70 -13.57 11.09
C TYR A 1067 -5.07 -14.20 11.28
N VAL A 1068 -6.02 -13.45 11.83
CA VAL A 1068 -7.36 -13.95 12.11
C VAL A 1068 -8.39 -12.99 11.54
N PRO A 1069 -9.60 -13.47 11.23
CA PRO A 1069 -10.64 -12.57 10.74
C PRO A 1069 -11.06 -11.56 11.81
N ALA A 1070 -11.34 -10.32 11.38
CA ALA A 1070 -11.82 -9.28 12.28
C ALA A 1070 -13.28 -9.43 12.77
N PRO A 1071 -14.20 -10.09 12.06
CA PRO A 1071 -15.60 -10.05 12.51
C PRO A 1071 -15.80 -10.63 13.89
N TYR A 1072 -16.68 -9.97 14.67
CA TYR A 1072 -17.06 -10.43 16.01
C TYR A 1072 -15.88 -10.40 16.98
N THR A 1073 -15.04 -9.37 16.86
CA THR A 1073 -14.01 -9.10 17.85
C THR A 1073 -14.24 -7.84 18.65
N SER A 1074 -14.98 -6.86 18.11
CA SER A 1074 -15.26 -5.64 18.86
C SER A 1074 -16.64 -5.63 19.52
N LYS A 1075 -17.67 -6.01 18.77
CA LYS A 1075 -19.06 -5.96 19.24
C LYS A 1075 -19.44 -7.31 19.86
N ILE A 1076 -18.66 -7.69 20.87
CA ILE A 1076 -18.82 -8.98 21.53
C ILE A 1076 -18.57 -8.76 23.02
N ASP A 1077 -19.41 -9.36 23.85
CA ASP A 1077 -19.28 -9.24 25.31
C ASP A 1077 -18.07 -10.05 25.79
N PRO A 1078 -17.05 -9.42 26.38
CA PRO A 1078 -15.91 -10.19 26.88
C PRO A 1078 -16.26 -11.14 28.02
N LEU A 1079 -17.37 -10.92 28.75
CA LEU A 1079 -17.70 -11.83 29.84
C LEU A 1079 -18.47 -13.08 29.40
N THR A 1080 -19.12 -13.05 28.24
CA THR A 1080 -20.00 -14.15 27.84
C THR A 1080 -19.80 -14.60 26.41
N GLY A 1081 -19.17 -13.79 25.56
CA GLY A 1081 -19.14 -14.09 24.14
C GLY A 1081 -20.43 -13.76 23.43
N PHE A 1082 -21.37 -13.10 24.08
CA PHE A 1082 -22.62 -12.75 23.42
C PHE A 1082 -22.38 -11.75 22.29
N VAL A 1083 -23.13 -11.89 21.21
CA VAL A 1083 -23.16 -10.91 20.14
C VAL A 1083 -24.63 -10.72 19.75
N ASP A 1084 -24.93 -9.56 19.17
CA ASP A 1084 -26.28 -9.29 18.67
C ASP A 1084 -26.57 -10.28 17.55
N PRO A 1085 -27.53 -11.20 17.73
CA PRO A 1085 -27.78 -12.21 16.70
C PRO A 1085 -28.65 -11.74 15.53
N PHE A 1086 -29.19 -10.53 15.57
CA PHE A 1086 -30.23 -10.14 14.62
C PHE A 1086 -29.68 -9.28 13.48
N VAL A 1087 -30.27 -9.45 12.31
CA VAL A 1087 -29.94 -8.69 11.12
C VAL A 1087 -31.04 -7.66 10.97
N TRP A 1088 -30.76 -6.42 11.38
CA TRP A 1088 -31.84 -5.49 11.60
C TRP A 1088 -32.49 -5.02 10.30
N LYS A 1089 -31.83 -5.23 9.15
CA LYS A 1089 -32.46 -4.91 7.87
C LYS A 1089 -33.69 -5.78 7.62
N THR A 1090 -33.77 -6.96 8.25
CA THR A 1090 -34.91 -7.84 8.03
C THR A 1090 -36.11 -7.49 8.90
N ILE A 1091 -35.96 -6.52 9.79
CA ILE A 1091 -37.03 -6.11 10.69
C ILE A 1091 -37.43 -4.70 10.26
N LYS A 1092 -38.31 -4.61 9.27
CA LYS A 1092 -38.42 -3.42 8.45
C LYS A 1092 -39.83 -2.87 8.32
N ASN A 1093 -40.86 -3.64 8.69
CA ASN A 1093 -42.23 -3.16 8.62
C ASN A 1093 -42.98 -3.65 9.85
N HIS A 1094 -44.26 -3.28 9.94
CA HIS A 1094 -45.04 -3.56 11.14
C HIS A 1094 -45.28 -5.05 11.33
N GLU A 1095 -45.51 -5.78 10.24
CA GLU A 1095 -45.76 -7.21 10.35
C GLU A 1095 -44.51 -7.96 10.80
N SER A 1096 -43.34 -7.60 10.27
CA SER A 1096 -42.13 -8.28 10.68
C SER A 1096 -41.71 -7.87 12.09
N ARG A 1097 -42.01 -6.62 12.47
CA ARG A 1097 -41.76 -6.21 13.85
C ARG A 1097 -42.61 -7.01 14.83
N LYS A 1098 -43.86 -7.31 14.47
CA LYS A 1098 -44.69 -8.11 15.36
C LYS A 1098 -44.21 -9.55 15.44
N HIS A 1099 -43.82 -10.15 14.32
CA HIS A 1099 -43.28 -11.50 14.37
C HIS A 1099 -42.02 -11.53 15.23
N PHE A 1100 -41.18 -10.50 15.10
CA PHE A 1100 -39.95 -10.41 15.88
C PHE A 1100 -40.24 -10.41 17.38
N LEU A 1101 -41.18 -9.56 17.83
CA LEU A 1101 -41.57 -9.56 19.24
C LEU A 1101 -42.15 -10.90 19.66
N GLU A 1102 -42.96 -11.53 18.79
CA GLU A 1102 -43.55 -12.83 19.11
C GLU A 1102 -42.50 -13.90 19.33
N GLY A 1103 -41.31 -13.74 18.77
CA GLY A 1103 -40.27 -14.72 18.97
C GLY A 1103 -39.57 -14.70 20.31
N PHE A 1104 -39.92 -13.78 21.23
CA PHE A 1104 -39.31 -13.73 22.55
C PHE A 1104 -40.23 -14.38 23.56
N ASP A 1105 -39.65 -15.12 24.50
CA ASP A 1105 -40.46 -15.83 25.50
C ASP A 1105 -41.21 -14.86 26.38
N PHE A 1106 -40.54 -13.83 26.87
CA PHE A 1106 -41.20 -12.86 27.72
C PHE A 1106 -40.34 -11.62 27.83
N LEU A 1107 -40.99 -10.53 28.22
CA LEU A 1107 -40.32 -9.33 28.69
C LEU A 1107 -41.00 -8.97 30.00
N HIS A 1108 -40.24 -8.95 31.09
CA HIS A 1108 -40.88 -8.58 32.33
C HIS A 1108 -39.92 -7.86 33.25
N TYR A 1109 -40.53 -7.12 34.16
CA TYR A 1109 -39.83 -6.28 35.12
C TYR A 1109 -39.47 -7.09 36.36
N ASP A 1110 -38.29 -6.85 36.88
CA ASP A 1110 -37.77 -7.52 38.07
C ASP A 1110 -37.80 -6.49 39.19
N VAL A 1111 -38.83 -6.59 40.04
CA VAL A 1111 -39.00 -5.65 41.15
C VAL A 1111 -37.80 -5.66 42.08
N LYS A 1112 -37.12 -6.81 42.20
CA LYS A 1112 -35.97 -6.89 43.11
C LYS A 1112 -34.86 -5.93 42.69
N THR A 1113 -34.61 -5.80 41.39
CA THR A 1113 -33.46 -5.07 40.87
C THR A 1113 -33.80 -3.81 40.08
N GLY A 1114 -35.02 -3.69 39.56
CA GLY A 1114 -35.34 -2.59 38.65
C GLY A 1114 -34.97 -2.82 37.20
N ASP A 1115 -34.46 -4.01 36.86
CA ASP A 1115 -34.17 -4.38 35.48
C ASP A 1115 -35.42 -4.93 34.79
N PHE A 1116 -35.40 -4.90 33.46
CA PHE A 1116 -36.30 -5.70 32.64
C PHE A 1116 -35.50 -6.83 32.03
N ILE A 1117 -36.12 -8.00 31.94
CA ILE A 1117 -35.48 -9.19 31.39
C ILE A 1117 -36.26 -9.60 30.15
N LEU A 1118 -35.57 -9.68 29.02
CA LEU A 1118 -36.12 -10.16 27.76
C LEU A 1118 -35.49 -11.52 27.47
N HIS A 1119 -36.27 -12.58 27.58
CA HIS A 1119 -35.75 -13.92 27.39
C HIS A 1119 -35.88 -14.35 25.94
N PHE A 1120 -34.76 -14.77 25.33
CA PHE A 1120 -34.72 -15.17 23.92
C PHE A 1120 -34.13 -16.56 23.78
N LYS A 1121 -34.89 -17.47 23.16
CA LYS A 1121 -34.37 -18.78 22.75
C LYS A 1121 -33.78 -18.68 21.34
N MET A 1122 -32.59 -19.26 21.17
CA MET A 1122 -31.83 -19.10 19.94
C MET A 1122 -32.49 -19.77 18.74
N ASN A 1123 -33.37 -20.75 18.96
CA ASN A 1123 -34.08 -21.38 17.86
C ASN A 1123 -35.33 -20.60 17.42
N ARG A 1124 -35.59 -19.42 17.98
CA ARG A 1124 -36.70 -18.58 17.55
C ARG A 1124 -36.19 -17.47 16.64
N ASN A 1125 -37.12 -16.78 15.97
CA ASN A 1125 -36.81 -15.60 15.15
C ASN A 1125 -35.73 -15.91 14.13
N LEU A 1126 -35.73 -17.13 13.57
CA LEU A 1126 -34.61 -17.55 12.73
C LEU A 1126 -34.55 -16.74 11.44
N SER A 1127 -35.71 -16.32 10.90
CA SER A 1127 -35.69 -15.49 9.70
C SER A 1127 -35.03 -14.14 9.95
N PHE A 1128 -34.89 -13.71 11.21
CA PHE A 1128 -34.27 -12.44 11.53
C PHE A 1128 -32.83 -12.56 12.01
N GLN A 1129 -32.25 -13.76 12.00
CA GLN A 1129 -30.93 -13.96 12.60
C GLN A 1129 -29.83 -14.03 11.55
N ARG A 1130 -28.60 -13.81 12.00
CA ARG A 1130 -27.42 -13.91 11.14
C ARG A 1130 -26.98 -15.35 10.89
N GLY A 1131 -27.63 -16.34 11.49
CA GLY A 1131 -27.30 -17.73 11.24
C GLY A 1131 -26.16 -18.26 12.07
N LEU A 1132 -25.88 -17.65 13.21
CA LEU A 1132 -24.73 -17.98 14.06
C LEU A 1132 -25.26 -18.32 15.44
N PRO A 1133 -25.73 -19.56 15.64
CA PRO A 1133 -26.37 -19.90 16.93
C PRO A 1133 -25.41 -19.92 18.12
N GLY A 1134 -24.09 -19.98 17.89
CA GLY A 1134 -23.18 -19.96 19.02
C GLY A 1134 -23.27 -21.23 19.83
N PHE A 1135 -23.15 -21.10 21.14
CA PHE A 1135 -23.15 -22.26 22.04
C PHE A 1135 -24.32 -22.30 23.01
N MET A 1136 -24.89 -21.15 23.36
CA MET A 1136 -25.91 -21.07 24.39
C MET A 1136 -27.30 -21.27 23.77
N PRO A 1137 -28.16 -22.06 24.41
CA PRO A 1137 -29.52 -22.24 23.86
C PRO A 1137 -30.41 -21.03 24.04
N ALA A 1138 -30.10 -20.12 24.97
CA ALA A 1138 -30.98 -19.01 25.27
C ALA A 1138 -30.19 -17.92 25.98
N TRP A 1139 -30.74 -16.71 25.95
CA TRP A 1139 -30.10 -15.56 26.58
C TRP A 1139 -31.14 -14.73 27.32
N ASP A 1140 -30.75 -14.20 28.47
CA ASP A 1140 -31.55 -13.21 29.20
C ASP A 1140 -30.98 -11.85 28.82
N ILE A 1141 -31.67 -11.18 27.91
CA ILE A 1141 -31.30 -9.81 27.54
C ILE A 1141 -31.84 -8.88 28.62
N VAL A 1142 -31.01 -7.95 29.09
CA VAL A 1142 -31.35 -7.12 30.23
C VAL A 1142 -31.41 -5.66 29.80
N PHE A 1143 -32.51 -4.98 30.16
CA PHE A 1143 -32.59 -3.52 30.20
C PHE A 1143 -32.10 -3.12 31.59
N GLU A 1144 -30.87 -2.62 31.69
CA GLU A 1144 -30.32 -2.30 32.99
C GLU A 1144 -30.99 -1.06 33.57
N LYS A 1145 -31.26 -1.11 34.87
CA LYS A 1145 -31.76 0.08 35.56
C LYS A 1145 -30.78 1.22 35.36
N ASN A 1146 -31.30 2.40 35.01
CA ASN A 1146 -30.46 3.53 34.64
C ASN A 1146 -29.98 4.29 35.88
N GLU A 1147 -29.18 3.59 36.69
CA GLU A 1147 -28.67 4.12 37.94
C GLU A 1147 -27.22 4.58 37.79
N THR A 1148 -26.81 5.44 38.71
CA THR A 1148 -25.45 5.95 38.70
C THR A 1148 -24.48 4.88 39.21
N GLN A 1149 -23.44 4.62 38.43
CA GLN A 1149 -22.29 3.83 38.83
C GLN A 1149 -21.05 4.69 38.80
N PHE A 1150 -19.97 4.19 39.40
CA PHE A 1150 -18.70 4.91 39.47
C PHE A 1150 -17.56 4.02 39.00
N ASP A 1151 -16.64 4.60 38.23
CA ASP A 1151 -15.51 3.81 37.77
C ASP A 1151 -14.42 3.77 38.84
N ALA A 1152 -13.29 3.16 38.48
CA ALA A 1152 -12.20 2.98 39.43
C ALA A 1152 -11.70 4.30 39.99
N LYS A 1153 -11.82 5.39 39.24
CA LYS A 1153 -11.32 6.69 39.67
C LYS A 1153 -12.38 7.57 40.31
N GLY A 1154 -13.61 7.09 40.48
CA GLY A 1154 -14.67 7.87 41.07
C GLY A 1154 -15.51 8.66 40.09
N THR A 1155 -15.31 8.46 38.79
CA THR A 1155 -16.06 9.21 37.79
C THR A 1155 -17.40 8.53 37.55
N PRO A 1156 -18.51 9.27 37.61
CA PRO A 1156 -19.83 8.64 37.45
C PRO A 1156 -20.16 8.35 36.01
N PHE A 1157 -21.00 7.33 35.83
CA PHE A 1157 -21.66 7.07 34.56
C PHE A 1157 -23.01 6.44 34.84
N ILE A 1158 -23.85 6.38 33.82
CA ILE A 1158 -25.21 5.85 33.95
C ILE A 1158 -25.26 4.46 33.35
N ALA A 1159 -25.66 3.48 34.15
CA ALA A 1159 -25.78 2.11 33.69
C ALA A 1159 -26.78 1.99 32.54
N GLY A 1160 -26.46 1.11 31.59
CA GLY A 1160 -27.34 0.83 30.47
C GLY A 1160 -27.46 1.92 29.43
N LYS A 1161 -26.76 3.04 29.59
CA LYS A 1161 -26.88 4.14 28.63
C LYS A 1161 -26.48 3.66 27.23
N ARG A 1162 -27.19 4.15 26.24
CA ARG A 1162 -26.86 3.87 24.85
C ARG A 1162 -26.67 5.20 24.12
N ILE A 1163 -25.84 5.17 23.09
CA ILE A 1163 -25.62 6.33 22.23
C ILE A 1163 -26.11 5.96 20.84
N VAL A 1164 -27.19 6.60 20.41
CA VAL A 1164 -27.85 6.22 19.16
C VAL A 1164 -27.99 7.47 18.29
N PRO A 1165 -28.09 7.29 16.96
CA PRO A 1165 -28.26 8.39 16.00
C PRO A 1165 -29.56 9.18 16.13
N TYR A 1176 -26.00 12.40 17.15
CA TYR A 1176 -26.17 11.35 18.14
C TYR A 1176 -26.83 11.87 19.42
N ARG A 1177 -27.64 11.03 20.06
CA ARG A 1177 -28.28 11.34 21.33
C ARG A 1177 -28.03 10.22 22.33
N ASP A 1178 -28.02 10.59 23.61
CA ASP A 1178 -28.02 9.60 24.68
C ASP A 1178 -29.41 9.01 24.83
N LEU A 1179 -29.47 7.70 25.08
CA LEU A 1179 -30.71 6.97 25.26
C LEU A 1179 -30.63 6.13 26.51
N TYR A 1180 -31.69 6.12 27.31
CA TYR A 1180 -31.75 5.33 28.55
C TYR A 1180 -32.89 4.32 28.41
N PRO A 1181 -32.59 3.13 27.89
CA PRO A 1181 -33.67 2.22 27.46
C PRO A 1181 -34.62 1.80 28.55
N ALA A 1182 -34.14 1.45 29.74
CA ALA A 1182 -35.05 1.06 30.81
C ALA A 1182 -36.02 2.18 31.16
N ASN A 1183 -35.51 3.40 31.32
CA ASN A 1183 -36.39 4.54 31.58
C ASN A 1183 -37.37 4.77 30.43
N GLU A 1184 -36.90 4.61 29.19
CA GLU A 1184 -37.79 4.78 28.04
C GLU A 1184 -38.85 3.69 27.97
N LEU A 1185 -38.47 2.46 28.34
CA LEU A 1185 -39.46 1.38 28.42
C LEU A 1185 -40.52 1.70 29.46
N ILE A 1186 -40.08 2.11 30.66
CA ILE A 1186 -41.02 2.54 31.70
C ILE A 1186 -41.96 3.61 31.16
N ALA A 1187 -41.41 4.61 30.44
CA ALA A 1187 -42.25 5.68 29.94
C ALA A 1187 -43.25 5.17 28.90
N LEU A 1188 -42.80 4.25 28.04
CA LEU A 1188 -43.70 3.64 27.07
C LEU A 1188 -44.83 2.89 27.75
N LEU A 1189 -44.49 2.03 28.72
CA LEU A 1189 -45.52 1.23 29.39
C LEU A 1189 -46.52 2.11 30.14
N GLU A 1190 -46.05 3.18 30.76
CA GLU A 1190 -46.99 4.06 31.45
C GLU A 1190 -47.86 4.83 30.45
N GLU A 1191 -47.32 5.15 29.26
CA GLU A 1191 -48.15 5.80 28.24
C GLU A 1191 -49.28 4.89 27.78
N LYS A 1192 -49.01 3.59 27.68
CA LYS A 1192 -49.97 2.59 27.26
C LYS A 1192 -50.86 2.08 28.38
N GLY A 1193 -50.64 2.53 29.61
CA GLY A 1193 -51.39 1.95 30.73
C GLY A 1193 -51.13 0.47 30.93
N ILE A 1194 -49.94 -0.01 30.58
CA ILE A 1194 -49.61 -1.43 30.69
C ILE A 1194 -49.02 -1.68 32.08
N VAL A 1195 -49.69 -2.52 32.87
CA VAL A 1195 -49.18 -2.88 34.18
C VAL A 1195 -47.94 -3.77 34.02
N PHE A 1196 -46.83 -3.35 34.62
CA PHE A 1196 -45.60 -4.14 34.60
C PHE A 1196 -44.97 -4.35 35.97
N ARG A 1197 -45.26 -3.51 36.96
CA ARG A 1197 -44.64 -3.67 38.27
C ARG A 1197 -45.06 -4.94 39.00
N ASP A 1198 -45.92 -5.76 38.39
CA ASP A 1198 -46.30 -7.05 38.95
C ASP A 1198 -45.53 -8.21 38.34
N GLY A 1199 -44.58 -7.93 37.45
CA GLY A 1199 -43.76 -8.96 36.86
C GLY A 1199 -44.39 -9.73 35.72
N SER A 1200 -45.55 -9.31 35.24
CA SER A 1200 -46.20 -10.07 34.19
C SER A 1200 -45.49 -9.86 32.86
N ASN A 1201 -45.72 -10.79 31.94
CA ASN A 1201 -45.14 -10.69 30.61
C ASN A 1201 -45.72 -9.49 29.86
N ILE A 1202 -44.83 -8.62 29.38
CA ILE A 1202 -45.25 -7.35 28.78
C ILE A 1202 -45.61 -7.52 27.31
N LEU A 1203 -44.95 -8.44 26.59
CA LEU A 1203 -45.06 -8.53 25.14
C LEU A 1203 -46.47 -8.88 24.65
N PRO A 1204 -47.15 -9.88 25.25
CA PRO A 1204 -48.54 -10.14 24.82
C PRO A 1204 -49.45 -8.93 24.95
N LYS A 1205 -49.22 -8.09 25.96
CA LYS A 1205 -50.08 -6.92 26.13
C LYS A 1205 -49.86 -5.92 25.00
N LEU A 1206 -48.60 -5.65 24.66
CA LEU A 1206 -48.29 -4.78 23.53
C LEU A 1206 -48.82 -5.37 22.24
N LEU A 1207 -48.61 -6.66 22.02
CA LEU A 1207 -48.99 -7.28 20.76
C LEU A 1207 -50.50 -7.25 20.58
N GLU A 1208 -51.25 -7.62 21.61
CA GLU A 1208 -52.70 -7.67 21.49
C GLU A 1208 -53.30 -6.27 21.32
N ASN A 1209 -52.71 -5.27 21.97
CA ASN A 1209 -53.16 -3.90 21.75
C ASN A 1209 -52.81 -3.41 20.35
N ASP A 1210 -51.69 -3.88 19.77
CA ASP A 1210 -51.42 -3.72 18.33
C ASP A 1210 -51.27 -2.25 17.94
N ASP A 1211 -50.60 -1.47 18.78
CA ASP A 1211 -50.30 -0.07 18.49
C ASP A 1211 -48.98 -0.05 17.71
N SER A 1212 -49.05 0.29 16.42
CA SER A 1212 -47.85 0.15 15.59
C SER A 1212 -46.74 1.09 16.03
N HIS A 1213 -47.07 2.28 16.54
CA HIS A 1213 -46.03 3.17 17.05
C HIS A 1213 -45.39 2.62 18.32
N ALA A 1214 -46.19 2.05 19.22
CA ALA A 1214 -45.64 1.48 20.44
C ALA A 1214 -44.78 0.25 20.14
N ILE A 1215 -45.21 -0.55 19.17
CA ILE A 1215 -44.46 -1.75 18.81
C ILE A 1215 -43.16 -1.38 18.12
N ASP A 1216 -43.18 -0.34 17.28
CA ASP A 1216 -41.94 0.13 16.68
C ASP A 1216 -40.98 0.67 17.76
N THR A 1217 -41.52 1.38 18.75
CA THR A 1217 -40.67 1.87 19.83
C THR A 1217 -40.07 0.71 20.62
N MET A 1218 -40.90 -0.29 20.94
CA MET A 1218 -40.40 -1.48 21.63
C MET A 1218 -39.22 -2.08 20.87
N VAL A 1219 -39.40 -2.29 19.56
CA VAL A 1219 -38.34 -2.94 18.78
C VAL A 1219 -37.09 -2.05 18.73
N ALA A 1220 -37.26 -0.73 18.63
CA ALA A 1220 -36.10 0.14 18.58
C ALA A 1220 -35.37 0.15 19.93
N LEU A 1221 -36.10 0.02 21.02
CA LEU A 1221 -35.46 -0.09 22.32
C LEU A 1221 -34.66 -1.39 22.42
N ILE A 1222 -35.21 -2.50 21.90
CA ILE A 1222 -34.48 -3.77 21.91
C ILE A 1222 -33.20 -3.65 21.10
N ARG A 1223 -33.30 -3.06 19.91
CA ARG A 1223 -32.11 -2.85 19.09
C ARG A 1223 -31.07 -2.02 19.84
N SER A 1224 -31.51 -0.97 20.52
CA SER A 1224 -30.60 -0.14 21.29
C SER A 1224 -29.93 -0.94 22.41
N VAL A 1225 -30.71 -1.70 23.18
CA VAL A 1225 -30.13 -2.49 24.26
C VAL A 1225 -29.06 -3.43 23.71
N LEU A 1226 -29.29 -4.00 22.52
CA LEU A 1226 -28.37 -4.95 21.92
C LEU A 1226 -27.18 -4.28 21.23
N GLN A 1227 -27.18 -2.96 21.10
CA GLN A 1227 -26.02 -2.26 20.55
C GLN A 1227 -25.01 -2.05 21.68
N MET A 1228 -24.09 -3.00 21.84
CA MET A 1228 -23.25 -2.94 23.02
C MET A 1228 -22.10 -1.94 22.88
N ARG A 1229 -21.69 -1.62 21.67
CA ARG A 1229 -20.66 -0.61 21.46
C ARG A 1229 -21.33 0.74 21.28
N ASN A 1230 -20.92 1.73 22.07
CA ASN A 1230 -21.54 3.05 22.06
C ASN A 1230 -20.47 4.11 21.99
N SER A 1231 -20.57 5.00 21.00
CA SER A 1231 -19.48 5.92 20.69
C SER A 1231 -20.01 7.31 20.45
N ASN A 1232 -19.23 8.30 20.90
CA ASN A 1232 -19.52 9.71 20.60
C ASN A 1232 -18.17 10.42 20.58
N ALA A 1233 -17.68 10.73 19.38
CA ALA A 1233 -16.37 11.37 19.27
C ALA A 1233 -16.34 12.72 19.98
N ALA A 1234 -17.50 13.38 20.14
CA ALA A 1234 -17.53 14.67 20.80
C ALA A 1234 -17.29 14.55 22.30
N THR A 1235 -17.72 13.46 22.92
CA THR A 1235 -17.58 13.27 24.36
C THR A 1235 -16.39 12.42 24.74
N GLY A 1236 -15.76 11.74 23.78
CA GLY A 1236 -14.73 10.78 24.10
C GLY A 1236 -15.23 9.42 24.50
N GLU A 1237 -16.53 9.16 24.39
CA GLU A 1237 -17.08 7.86 24.76
C GLU A 1237 -16.83 6.86 23.64
N ASP A 1238 -16.44 5.64 24.03
CA ASP A 1238 -16.37 4.53 23.11
C ASP A 1238 -16.29 3.24 23.92
N TYR A 1239 -17.43 2.86 24.50
CA TYR A 1239 -17.48 1.84 25.53
C TYR A 1239 -18.29 0.63 25.06
N ILE A 1240 -18.10 -0.46 25.79
CA ILE A 1240 -18.81 -1.72 25.57
C ILE A 1240 -19.65 -1.96 26.81
N ASN A 1241 -20.96 -2.07 26.64
CA ASN A 1241 -21.85 -2.40 27.75
C ASN A 1241 -22.73 -3.55 27.28
N SER A 1242 -22.51 -4.73 27.84
CA SER A 1242 -23.18 -5.91 27.37
C SER A 1242 -24.66 -5.89 27.73
N PRO A 1243 -25.52 -6.42 26.88
CA PRO A 1243 -26.94 -6.60 27.24
C PRO A 1243 -27.26 -7.88 27.99
N VAL A 1244 -26.28 -8.72 28.33
CA VAL A 1244 -26.56 -9.96 29.05
C VAL A 1244 -25.69 -10.04 30.29
N ARG A 1245 -26.20 -10.68 31.33
CA ARG A 1245 -25.40 -10.94 32.52
C ARG A 1245 -24.64 -12.25 32.36
N ASP A 1246 -23.47 -12.30 32.99
CA ASP A 1246 -22.61 -13.48 32.84
C ASP A 1246 -22.92 -14.51 33.93
N LEU A 1247 -22.11 -15.57 33.94
CA LEU A 1247 -22.27 -16.68 34.87
C LEU A 1247 -22.47 -16.22 36.31
N ASN A 1248 -21.74 -15.19 36.72
CA ASN A 1248 -21.74 -14.73 38.10
C ASN A 1248 -22.61 -13.49 38.32
N GLY A 1249 -23.59 -13.25 37.43
CA GLY A 1249 -24.54 -12.17 37.59
C GLY A 1249 -24.14 -10.82 37.02
N VAL A 1250 -22.95 -10.70 36.44
CA VAL A 1250 -22.38 -9.41 36.08
C VAL A 1250 -22.73 -9.04 34.64
N CYS A 1251 -23.23 -7.81 34.47
CA CYS A 1251 -23.42 -7.22 33.15
CA CYS A 1251 -23.44 -7.20 33.15
C CYS A 1251 -22.19 -6.38 32.82
N PHE A 1252 -21.43 -6.79 31.80
CA PHE A 1252 -20.14 -6.11 31.55
C PHE A 1252 -20.32 -4.65 31.15
N ASP A 1253 -19.51 -3.77 31.75
CA ASP A 1253 -19.43 -2.39 31.27
C ASP A 1253 -17.99 -1.93 31.35
N SER A 1254 -17.39 -1.58 30.20
CA SER A 1254 -16.00 -1.12 30.20
C SER A 1254 -15.85 0.21 30.92
N ARG A 1255 -16.94 0.95 31.14
CA ARG A 1255 -16.80 2.23 31.81
C ARG A 1255 -16.47 2.11 33.30
N PHE A 1256 -16.59 0.92 33.91
CA PHE A 1256 -16.03 0.73 35.26
C PHE A 1256 -14.53 0.91 35.27
N GLN A 1257 -13.88 0.77 34.11
CA GLN A 1257 -12.43 0.95 33.98
C GLN A 1257 -11.65 -0.05 34.85
N ASN A 1258 -12.15 -1.25 34.98
CA ASN A 1258 -11.43 -2.32 35.65
C ASN A 1258 -10.27 -2.77 34.75
N PRO A 1259 -9.01 -2.60 35.17
CA PRO A 1259 -7.89 -2.89 34.26
C PRO A 1259 -7.71 -4.36 33.89
N GLU A 1260 -8.42 -5.28 34.54
CA GLU A 1260 -8.38 -6.68 34.14
C GLU A 1260 -9.26 -6.99 32.93
N TRP A 1261 -10.06 -6.04 32.46
CA TRP A 1261 -10.95 -6.23 31.33
C TRP A 1261 -10.74 -5.10 30.35
N PRO A 1262 -11.20 -5.25 29.10
CA PRO A 1262 -11.05 -4.17 28.12
C PRO A 1262 -11.53 -2.84 28.68
N MET A 1263 -10.68 -1.82 28.53
CA MET A 1263 -10.98 -0.49 29.04
C MET A 1263 -11.84 0.34 28.08
N ASP A 1264 -11.97 -0.09 26.84
CA ASP A 1264 -12.80 0.60 25.85
C ASP A 1264 -13.03 -0.35 24.67
N ALA A 1265 -13.77 0.14 23.67
CA ALA A 1265 -14.14 -0.74 22.55
C ALA A 1265 -12.93 -1.22 21.76
N ASP A 1266 -11.98 -0.32 21.47
CA ASP A 1266 -10.79 -0.77 20.73
C ASP A 1266 -10.00 -1.81 21.52
N ALA A 1267 -9.88 -1.66 22.84
CA ALA A 1267 -9.18 -2.66 23.64
C ALA A 1267 -9.91 -4.00 23.57
N ASN A 1268 -11.23 -3.96 23.53
CA ASN A 1268 -12.03 -5.17 23.40
C ASN A 1268 -11.74 -5.89 22.09
N GLY A 1269 -11.60 -5.13 21.00
CA GLY A 1269 -11.20 -5.73 19.73
C GLY A 1269 -9.84 -6.41 19.81
N ALA A 1270 -8.84 -5.74 20.38
CA ALA A 1270 -7.51 -6.36 20.48
C ALA A 1270 -7.54 -7.59 21.36
N TYR A 1271 -8.35 -7.55 22.41
CA TYR A 1271 -8.51 -8.72 23.30
C TYR A 1271 -9.03 -9.93 22.54
N HIS A 1272 -10.10 -9.75 21.76
CA HIS A 1272 -10.69 -10.86 21.03
C HIS A 1272 -9.87 -11.27 19.82
N ILE A 1273 -9.13 -10.34 19.21
CA ILE A 1273 -8.10 -10.72 18.26
C ILE A 1273 -7.14 -11.72 18.90
N ALA A 1274 -6.62 -11.40 20.09
CA ALA A 1274 -5.70 -12.32 20.75
C ALA A 1274 -6.35 -13.66 21.03
N LEU A 1275 -7.63 -13.65 21.41
CA LEU A 1275 -8.32 -14.88 21.76
C LEU A 1275 -8.64 -15.74 20.54
N LYS A 1276 -8.86 -15.13 19.37
CA LYS A 1276 -8.91 -15.92 18.15
C LYS A 1276 -7.58 -16.61 17.90
N GLY A 1277 -6.46 -15.97 18.26
CA GLY A 1277 -5.20 -16.68 18.25
C GLY A 1277 -5.15 -17.81 19.27
N GLN A 1278 -5.72 -17.57 20.46
CA GLN A 1278 -5.79 -18.62 21.47
C GLN A 1278 -6.58 -19.83 20.96
N LEU A 1279 -7.67 -19.58 20.20
CA LEU A 1279 -8.42 -20.68 19.59
C LEU A 1279 -7.54 -21.49 18.66
N LEU A 1280 -6.80 -20.81 17.78
CA LEU A 1280 -5.83 -21.50 16.92
C LEU A 1280 -4.86 -22.35 17.75
N LEU A 1281 -4.31 -21.78 18.82
CA LEU A 1281 -3.31 -22.51 19.60
C LEU A 1281 -3.94 -23.69 20.34
N ASN A 1282 -5.18 -23.51 20.83
CA ASN A 1282 -5.88 -24.60 21.49
CA ASN A 1282 -5.88 -24.60 21.49
CA ASN A 1282 -5.84 -24.62 21.50
C ASN A 1282 -6.14 -25.75 20.54
N HIS A 1283 -6.60 -25.45 19.32
CA HIS A 1283 -6.86 -26.51 18.36
C HIS A 1283 -5.57 -27.16 17.89
N LEU A 1284 -4.50 -26.38 17.77
CA LEU A 1284 -3.20 -26.99 17.51
C LEU A 1284 -2.80 -27.95 18.61
N LYS A 1285 -3.21 -27.65 19.85
CA LYS A 1285 -2.91 -28.51 20.99
C LYS A 1285 -3.62 -29.85 20.86
N GLU A 1286 -4.94 -29.81 20.70
CA GLU A 1286 -5.78 -31.00 20.67
C GLU A 1286 -5.56 -31.85 19.42
N SER A 1287 -4.80 -31.37 18.45
CA SER A 1287 -4.55 -32.14 17.24
C SER A 1287 -3.28 -32.96 17.40
N LYS A 1288 -3.11 -33.92 16.50
CA LYS A 1288 -1.94 -34.79 16.49
C LYS A 1288 -0.94 -34.39 15.41
N ASP A 1289 -1.19 -33.29 14.71
CA ASP A 1289 -0.33 -32.81 13.63
C ASP A 1289 0.31 -31.48 14.03
N LEU A 1290 1.16 -30.96 13.14
CA LEU A 1290 1.83 -29.67 13.33
C LEU A 1290 1.26 -28.58 12.41
N LYS A 1291 0.06 -28.79 11.89
CA LYS A 1291 -0.54 -27.87 10.92
C LYS A 1291 -1.63 -27.08 11.61
N LEU A 1292 -1.58 -25.77 11.44
CA LEU A 1292 -2.59 -24.89 11.98
C LEU A 1292 -3.83 -24.93 11.08
N GLN A 1293 -5.00 -24.81 11.70
CA GLN A 1293 -6.21 -24.74 10.90
C GLN A 1293 -6.23 -23.44 10.10
N ASN A 1294 -6.81 -23.50 8.91
CA ASN A 1294 -6.79 -22.36 8.00
C ASN A 1294 -8.08 -21.57 8.15
N GLY A 1295 -7.99 -20.43 8.81
CA GLY A 1295 -9.14 -19.56 9.00
C GLY A 1295 -9.98 -19.96 10.20
N ILE A 1296 -10.90 -19.06 10.56
CA ILE A 1296 -11.80 -19.27 11.69
C ILE A 1296 -13.19 -18.84 11.25
N SER A 1297 -14.09 -19.81 11.03
CA SER A 1297 -15.47 -19.47 10.73
C SER A 1297 -16.12 -18.80 11.93
N ASN A 1298 -17.12 -17.96 11.64
CA ASN A 1298 -17.74 -17.17 12.69
C ASN A 1298 -18.48 -18.03 13.70
N GLN A 1299 -19.12 -19.12 13.26
CA GLN A 1299 -19.82 -19.98 14.20
C GLN A 1299 -18.84 -20.73 15.11
N ASP A 1300 -17.73 -21.23 14.56
CA ASP A 1300 -16.76 -21.93 15.39
C ASP A 1300 -16.19 -21.00 16.45
N TRP A 1301 -15.88 -19.77 16.06
CA TRP A 1301 -15.38 -18.77 17.00
C TRP A 1301 -16.38 -18.50 18.12
N LEU A 1302 -17.64 -18.26 17.77
CA LEU A 1302 -18.63 -17.91 18.79
C LEU A 1302 -18.93 -19.10 19.70
N ALA A 1303 -19.06 -20.30 19.12
CA ALA A 1303 -19.27 -21.48 19.96
C ALA A 1303 -18.10 -21.71 20.90
N TYR A 1304 -16.88 -21.53 20.40
CA TYR A 1304 -15.69 -21.71 21.24
C TYR A 1304 -15.70 -20.75 22.41
N ILE A 1305 -15.87 -19.45 22.13
CA ILE A 1305 -15.65 -18.48 23.18
C ILE A 1305 -16.84 -18.47 24.15
N GLN A 1306 -18.05 -18.75 23.66
CA GLN A 1306 -19.20 -18.82 24.55
C GLN A 1306 -19.13 -20.06 25.43
N GLU A 1307 -18.62 -21.18 24.91
CA GLU A 1307 -18.47 -22.36 25.75
C GLU A 1307 -17.45 -22.12 26.86
N LEU A 1308 -16.35 -21.44 26.55
CA LEU A 1308 -15.33 -21.15 27.55
C LEU A 1308 -15.86 -20.24 28.65
N ARG A 1309 -16.72 -19.29 28.30
CA ARG A 1309 -17.11 -18.27 29.26
C ARG A 1309 -18.39 -18.61 30.02
N ASN A 1310 -19.07 -19.69 29.68
CA ASN A 1310 -20.35 -20.00 30.31
C ASN A 1310 -20.34 -21.38 30.95
#